data_4Z46
# 
_entry.id   4Z46 
# 
_audit_conform.dict_name       mmcif_pdbx.dic 
_audit_conform.dict_version    5.397 
_audit_conform.dict_location   http://mmcif.pdb.org/dictionaries/ascii/mmcif_pdbx.dic 
# 
loop_
_database_2.database_id 
_database_2.database_code 
_database_2.pdbx_database_accession 
_database_2.pdbx_DOI 
PDB   4Z46         pdb_00004z46 10.2210/pdb4z46/pdb 
WWPDB D_1000208603 ?            ?                   
# 
loop_
_pdbx_audit_revision_history.ordinal 
_pdbx_audit_revision_history.data_content_type 
_pdbx_audit_revision_history.major_revision 
_pdbx_audit_revision_history.minor_revision 
_pdbx_audit_revision_history.revision_date 
1 'Structure model' 1 0 2015-05-27 
2 'Structure model' 1 1 2015-06-10 
3 'Structure model' 1 2 2024-10-16 
# 
_pdbx_audit_revision_details.ordinal             1 
_pdbx_audit_revision_details.revision_ordinal    1 
_pdbx_audit_revision_details.data_content_type   'Structure model' 
_pdbx_audit_revision_details.provider            repository 
_pdbx_audit_revision_details.type                'Initial release' 
_pdbx_audit_revision_details.description         ? 
_pdbx_audit_revision_details.details             ? 
# 
loop_
_pdbx_audit_revision_group.ordinal 
_pdbx_audit_revision_group.revision_ordinal 
_pdbx_audit_revision_group.data_content_type 
_pdbx_audit_revision_group.group 
1 2 'Structure model' 'Database references'  
2 3 'Structure model' 'Data collection'      
3 3 'Structure model' 'Database references'  
4 3 'Structure model' 'Derived calculations' 
5 3 'Structure model' 'Structure summary'    
# 
loop_
_pdbx_audit_revision_category.ordinal 
_pdbx_audit_revision_category.revision_ordinal 
_pdbx_audit_revision_category.data_content_type 
_pdbx_audit_revision_category.category 
1 3 'Structure model' chem_comp_atom            
2 3 'Structure model' chem_comp_bond            
3 3 'Structure model' database_2                
4 3 'Structure model' pdbx_entry_details        
5 3 'Structure model' pdbx_modification_feature 
6 3 'Structure model' pdbx_struct_conn_angle    
7 3 'Structure model' struct_conn               
# 
loop_
_pdbx_audit_revision_item.ordinal 
_pdbx_audit_revision_item.revision_ordinal 
_pdbx_audit_revision_item.data_content_type 
_pdbx_audit_revision_item.item 
1 3 'Structure model' '_database_2.pdbx_DOI'                      
2 3 'Structure model' '_database_2.pdbx_database_accession'       
3 3 'Structure model' '_pdbx_struct_conn_angle.ptnr1_auth_seq_id' 
4 3 'Structure model' '_pdbx_struct_conn_angle.ptnr3_auth_seq_id' 
5 3 'Structure model' '_pdbx_struct_conn_angle.value'             
6 3 'Structure model' '_struct_conn.pdbx_dist_value'              
7 3 'Structure model' '_struct_conn.ptnr2_auth_seq_id'            
# 
_pdbx_database_status.status_code                     REL 
_pdbx_database_status.status_code_sf                  REL 
_pdbx_database_status.status_code_mr                  ? 
_pdbx_database_status.entry_id                        4Z46 
_pdbx_database_status.recvd_initial_deposition_date   2015-04-01 
_pdbx_database_status.SG_entry                        N 
_pdbx_database_status.deposit_site                    RCSB 
_pdbx_database_status.process_site                    PDBE 
_pdbx_database_status.status_code_cs                  ? 
_pdbx_database_status.methods_development_category    ? 
_pdbx_database_status.pdb_format_compatible           Y 
_pdbx_database_status.status_code_nmr_data            ? 
# 
_audit_author.name           'Merlino, A.' 
_audit_author.pdbx_ordinal   1 
# 
_citation.abstract                  ? 
_citation.abstract_id_CAS           ? 
_citation.book_id_ISBN              ? 
_citation.book_publisher            ? 
_citation.book_publisher_city       ? 
_citation.book_title                ? 
_citation.coordinate_linkage        ? 
_citation.country                   UK 
_citation.database_id_Medline       ? 
_citation.details                   ? 
_citation.id                        primary 
_citation.journal_abbrev            'Dalton Trans' 
_citation.journal_id_ASTM           ? 
_citation.journal_id_CSD            ? 
_citation.journal_id_ISSN           1477-9234 
_citation.journal_full              ? 
_citation.journal_issue             ? 
_citation.journal_volume            44 
_citation.language                  ? 
_citation.page_first                10392 
_citation.page_last                 10398 
_citation.title                     'Oxaliplatin vs. cisplatin: competition experiments on their binding to lysozyme.' 
_citation.year                      2015 
_citation.database_id_CSD           ? 
_citation.pdbx_database_id_DOI      10.1039/c5dt01279a 
_citation.pdbx_database_id_PubMed   25974859 
_citation.unpublished_flag          ? 
# 
loop_
_citation_author.citation_id 
_citation_author.name 
_citation_author.ordinal 
_citation_author.identifier_ORCID 
primary 'Marasco, D.' 1 ? 
primary 'Messori, L.' 2 ? 
primary 'Marzo, T.'   3 ? 
primary 'Merlino, A.' 4 ? 
# 
loop_
_entity.id 
_entity.type 
_entity.src_method 
_entity.pdbx_description 
_entity.formula_weight 
_entity.pdbx_number_of_molecules 
_entity.pdbx_ec 
_entity.pdbx_mutation 
_entity.pdbx_fragment 
_entity.details 
1 polymer     nat 'Lysozyme C'                                 14331.160 1   3.2.1.17 ? ? ? 
2 non-polymer syn 1,2-ETHANEDIOL                               62.068    2   ?        ? ? ? 
3 non-polymer syn 'NITRATE ION'                                62.005    9   ?        ? ? ? 
4 non-polymer syn 'SODIUM ION'                                 22.990    2   ?        ? ? ? 
5 non-polymer syn 'CYCLOHEXANE-1(R),2(R)-DIAMINE-PLATINUM(II)' 309.267   1   ?        ? ? ? 
6 non-polymer syn Cisplatin                                    300.045   1   ?        ? ? ? 
7 water       nat water                                        18.015    129 ?        ? ? ? 
# 
_entity_name_com.entity_id   1 
_entity_name_com.name        '1,4-beta-N-acetylmuramidase C,Allergen Gal d IV' 
# 
_entity_poly.entity_id                      1 
_entity_poly.type                           'polypeptide(L)' 
_entity_poly.nstd_linkage                   no 
_entity_poly.nstd_monomer                   no 
_entity_poly.pdbx_seq_one_letter_code       
;KVFGRCELAAAMKRHGLDNYRGYSLGNWVCAAKFESNFNTQATNRNTDGSTDYGILQINSRWWCNDGRTPGSRNLCNIPC
SALLSSDITASVNCAKKIVSDGNGMNAWVAWRNRCKGTDVQAWIRGCRL
;
_entity_poly.pdbx_seq_one_letter_code_can   
;KVFGRCELAAAMKRHGLDNYRGYSLGNWVCAAKFESNFNTQATNRNTDGSTDYGILQINSRWWCNDGRTPGSRNLCNIPC
SALLSSDITASVNCAKKIVSDGNGMNAWVAWRNRCKGTDVQAWIRGCRL
;
_entity_poly.pdbx_strand_id                 A 
_entity_poly.pdbx_target_identifier         ? 
# 
loop_
_pdbx_entity_nonpoly.entity_id 
_pdbx_entity_nonpoly.name 
_pdbx_entity_nonpoly.comp_id 
2 1,2-ETHANEDIOL                               EDO 
3 'NITRATE ION'                                NO3 
4 'SODIUM ION'                                 NA  
5 'CYCLOHEXANE-1(R),2(R)-DIAMINE-PLATINUM(II)' 1PT 
6 Cisplatin                                    CPT 
7 water                                        HOH 
# 
loop_
_entity_poly_seq.entity_id 
_entity_poly_seq.num 
_entity_poly_seq.mon_id 
_entity_poly_seq.hetero 
1 1   LYS n 
1 2   VAL n 
1 3   PHE n 
1 4   GLY n 
1 5   ARG n 
1 6   CYS n 
1 7   GLU n 
1 8   LEU n 
1 9   ALA n 
1 10  ALA n 
1 11  ALA n 
1 12  MET n 
1 13  LYS n 
1 14  ARG n 
1 15  HIS n 
1 16  GLY n 
1 17  LEU n 
1 18  ASP n 
1 19  ASN n 
1 20  TYR n 
1 21  ARG n 
1 22  GLY n 
1 23  TYR n 
1 24  SER n 
1 25  LEU n 
1 26  GLY n 
1 27  ASN n 
1 28  TRP n 
1 29  VAL n 
1 30  CYS n 
1 31  ALA n 
1 32  ALA n 
1 33  LYS n 
1 34  PHE n 
1 35  GLU n 
1 36  SER n 
1 37  ASN n 
1 38  PHE n 
1 39  ASN n 
1 40  THR n 
1 41  GLN n 
1 42  ALA n 
1 43  THR n 
1 44  ASN n 
1 45  ARG n 
1 46  ASN n 
1 47  THR n 
1 48  ASP n 
1 49  GLY n 
1 50  SER n 
1 51  THR n 
1 52  ASP n 
1 53  TYR n 
1 54  GLY n 
1 55  ILE n 
1 56  LEU n 
1 57  GLN n 
1 58  ILE n 
1 59  ASN n 
1 60  SER n 
1 61  ARG n 
1 62  TRP n 
1 63  TRP n 
1 64  CYS n 
1 65  ASN n 
1 66  ASP n 
1 67  GLY n 
1 68  ARG n 
1 69  THR n 
1 70  PRO n 
1 71  GLY n 
1 72  SER n 
1 73  ARG n 
1 74  ASN n 
1 75  LEU n 
1 76  CYS n 
1 77  ASN n 
1 78  ILE n 
1 79  PRO n 
1 80  CYS n 
1 81  SER n 
1 82  ALA n 
1 83  LEU n 
1 84  LEU n 
1 85  SER n 
1 86  SER n 
1 87  ASP n 
1 88  ILE n 
1 89  THR n 
1 90  ALA n 
1 91  SER n 
1 92  VAL n 
1 93  ASN n 
1 94  CYS n 
1 95  ALA n 
1 96  LYS n 
1 97  LYS n 
1 98  ILE n 
1 99  VAL n 
1 100 SER n 
1 101 ASP n 
1 102 GLY n 
1 103 ASN n 
1 104 GLY n 
1 105 MET n 
1 106 ASN n 
1 107 ALA n 
1 108 TRP n 
1 109 VAL n 
1 110 ALA n 
1 111 TRP n 
1 112 ARG n 
1 113 ASN n 
1 114 ARG n 
1 115 CYS n 
1 116 LYS n 
1 117 GLY n 
1 118 THR n 
1 119 ASP n 
1 120 VAL n 
1 121 GLN n 
1 122 ALA n 
1 123 TRP n 
1 124 ILE n 
1 125 ARG n 
1 126 GLY n 
1 127 CYS n 
1 128 ARG n 
1 129 LEU n 
# 
_entity_src_nat.entity_id                  1 
_entity_src_nat.pdbx_src_id                1 
_entity_src_nat.pdbx_alt_source_flag       sample 
_entity_src_nat.pdbx_beg_seq_num           1 
_entity_src_nat.pdbx_end_seq_num           129 
_entity_src_nat.common_name                Chicken 
_entity_src_nat.pdbx_organism_scientific   'Gallus gallus' 
_entity_src_nat.pdbx_ncbi_taxonomy_id      9031 
_entity_src_nat.genus                      ? 
_entity_src_nat.species                    ? 
_entity_src_nat.strain                     ? 
_entity_src_nat.tissue                     ? 
_entity_src_nat.tissue_fraction            ? 
_entity_src_nat.pdbx_secretion             ? 
_entity_src_nat.pdbx_fragment              ? 
_entity_src_nat.pdbx_variant               ? 
_entity_src_nat.pdbx_cell_line             ? 
_entity_src_nat.pdbx_atcc                  ? 
_entity_src_nat.pdbx_cellular_location     ? 
_entity_src_nat.pdbx_organ                 ? 
_entity_src_nat.pdbx_organelle             ? 
_entity_src_nat.pdbx_cell                  ? 
_entity_src_nat.pdbx_plasmid_name          ? 
_entity_src_nat.pdbx_plasmid_details       ? 
_entity_src_nat.details                    ? 
# 
loop_
_chem_comp.id 
_chem_comp.type 
_chem_comp.mon_nstd_flag 
_chem_comp.name 
_chem_comp.pdbx_synonyms 
_chem_comp.formula 
_chem_comp.formula_weight 
1PT non-polymer         . 'CYCLOHEXANE-1(R),2(R)-DIAMINE-PLATINUM(II)' OXALIPLATIN                  'C6 H14 N2 Pt 2' 309.267 
ALA 'L-peptide linking' y ALANINE                                      ?                            'C3 H7 N O2'     89.093  
ARG 'L-peptide linking' y ARGININE                                     ?                            'C6 H15 N4 O2 1' 175.209 
ASN 'L-peptide linking' y ASPARAGINE                                   ?                            'C4 H8 N2 O3'    132.118 
ASP 'L-peptide linking' y 'ASPARTIC ACID'                              ?                            'C4 H7 N O4'     133.103 
CPT non-polymer         . Cisplatin                                    'diammine(dichloro)platinum' 'Cl2 H6 N2 Pt'   300.045 
CYS 'L-peptide linking' y CYSTEINE                                     ?                            'C3 H7 N O2 S'   121.158 
EDO non-polymer         . 1,2-ETHANEDIOL                               'ETHYLENE GLYCOL'            'C2 H6 O2'       62.068  
GLN 'L-peptide linking' y GLUTAMINE                                    ?                            'C5 H10 N2 O3'   146.144 
GLU 'L-peptide linking' y 'GLUTAMIC ACID'                              ?                            'C5 H9 N O4'     147.129 
GLY 'peptide linking'   y GLYCINE                                      ?                            'C2 H5 N O2'     75.067  
HIS 'L-peptide linking' y HISTIDINE                                    ?                            'C6 H10 N3 O2 1' 156.162 
HOH non-polymer         . WATER                                        ?                            'H2 O'           18.015  
ILE 'L-peptide linking' y ISOLEUCINE                                   ?                            'C6 H13 N O2'    131.173 
LEU 'L-peptide linking' y LEUCINE                                      ?                            'C6 H13 N O2'    131.173 
LYS 'L-peptide linking' y LYSINE                                       ?                            'C6 H15 N2 O2 1' 147.195 
MET 'L-peptide linking' y METHIONINE                                   ?                            'C5 H11 N O2 S'  149.211 
NA  non-polymer         . 'SODIUM ION'                                 ?                            'Na 1'           22.990  
NO3 non-polymer         . 'NITRATE ION'                                ?                            'N O3 -1'        62.005  
PHE 'L-peptide linking' y PHENYLALANINE                                ?                            'C9 H11 N O2'    165.189 
PRO 'L-peptide linking' y PROLINE                                      ?                            'C5 H9 N O2'     115.130 
SER 'L-peptide linking' y SERINE                                       ?                            'C3 H7 N O3'     105.093 
THR 'L-peptide linking' y THREONINE                                    ?                            'C4 H9 N O3'     119.119 
TRP 'L-peptide linking' y TRYPTOPHAN                                   ?                            'C11 H12 N2 O2'  204.225 
TYR 'L-peptide linking' y TYROSINE                                     ?                            'C9 H11 N O3'    181.189 
VAL 'L-peptide linking' y VALINE                                       ?                            'C5 H11 N O2'    117.146 
# 
loop_
_pdbx_poly_seq_scheme.asym_id 
_pdbx_poly_seq_scheme.entity_id 
_pdbx_poly_seq_scheme.seq_id 
_pdbx_poly_seq_scheme.mon_id 
_pdbx_poly_seq_scheme.ndb_seq_num 
_pdbx_poly_seq_scheme.pdb_seq_num 
_pdbx_poly_seq_scheme.auth_seq_num 
_pdbx_poly_seq_scheme.pdb_mon_id 
_pdbx_poly_seq_scheme.auth_mon_id 
_pdbx_poly_seq_scheme.pdb_strand_id 
_pdbx_poly_seq_scheme.pdb_ins_code 
_pdbx_poly_seq_scheme.hetero 
A 1 1   LYS 1   1   1   LYS LYS A . n 
A 1 2   VAL 2   2   2   VAL VAL A . n 
A 1 3   PHE 3   3   3   PHE PHE A . n 
A 1 4   GLY 4   4   4   GLY GLY A . n 
A 1 5   ARG 5   5   5   ARG ARG A . n 
A 1 6   CYS 6   6   6   CYS CYS A . n 
A 1 7   GLU 7   7   7   GLU GLU A . n 
A 1 8   LEU 8   8   8   LEU LEU A . n 
A 1 9   ALA 9   9   9   ALA ALA A . n 
A 1 10  ALA 10  10  10  ALA ALA A . n 
A 1 11  ALA 11  11  11  ALA ALA A . n 
A 1 12  MET 12  12  12  MET MET A . n 
A 1 13  LYS 13  13  13  LYS LYS A . n 
A 1 14  ARG 14  14  14  ARG ARG A . n 
A 1 15  HIS 15  15  15  HIS HIS A . n 
A 1 16  GLY 16  16  16  GLY GLY A . n 
A 1 17  LEU 17  17  17  LEU LEU A . n 
A 1 18  ASP 18  18  18  ASP ASP A . n 
A 1 19  ASN 19  19  19  ASN ASN A . n 
A 1 20  TYR 20  20  20  TYR TYR A . n 
A 1 21  ARG 21  21  21  ARG ARG A . n 
A 1 22  GLY 22  22  22  GLY GLY A . n 
A 1 23  TYR 23  23  23  TYR TYR A . n 
A 1 24  SER 24  24  24  SER SER A . n 
A 1 25  LEU 25  25  25  LEU LEU A . n 
A 1 26  GLY 26  26  26  GLY GLY A . n 
A 1 27  ASN 27  27  27  ASN ASN A . n 
A 1 28  TRP 28  28  28  TRP TRP A . n 
A 1 29  VAL 29  29  29  VAL VAL A . n 
A 1 30  CYS 30  30  30  CYS CYS A . n 
A 1 31  ALA 31  31  31  ALA ALA A . n 
A 1 32  ALA 32  32  32  ALA ALA A . n 
A 1 33  LYS 33  33  33  LYS LYS A . n 
A 1 34  PHE 34  34  34  PHE PHE A . n 
A 1 35  GLU 35  35  35  GLU GLU A . n 
A 1 36  SER 36  36  36  SER SER A . n 
A 1 37  ASN 37  37  37  ASN ASN A . n 
A 1 38  PHE 38  38  38  PHE PHE A . n 
A 1 39  ASN 39  39  39  ASN ASN A . n 
A 1 40  THR 40  40  40  THR THR A . n 
A 1 41  GLN 41  41  41  GLN GLN A . n 
A 1 42  ALA 42  42  42  ALA ALA A . n 
A 1 43  THR 43  43  43  THR THR A . n 
A 1 44  ASN 44  44  44  ASN ASN A . n 
A 1 45  ARG 45  45  45  ARG ARG A . n 
A 1 46  ASN 46  46  46  ASN ASN A . n 
A 1 47  THR 47  47  47  THR THR A . n 
A 1 48  ASP 48  48  48  ASP ASP A . n 
A 1 49  GLY 49  49  49  GLY GLY A . n 
A 1 50  SER 50  50  50  SER SER A . n 
A 1 51  THR 51  51  51  THR THR A . n 
A 1 52  ASP 52  52  52  ASP ASP A . n 
A 1 53  TYR 53  53  53  TYR TYR A . n 
A 1 54  GLY 54  54  54  GLY GLY A . n 
A 1 55  ILE 55  55  55  ILE ILE A . n 
A 1 56  LEU 56  56  56  LEU LEU A . n 
A 1 57  GLN 57  57  57  GLN GLN A . n 
A 1 58  ILE 58  58  58  ILE ILE A . n 
A 1 59  ASN 59  59  59  ASN ASN A . n 
A 1 60  SER 60  60  60  SER SER A . n 
A 1 61  ARG 61  61  61  ARG ARG A . n 
A 1 62  TRP 62  62  62  TRP TRP A . n 
A 1 63  TRP 63  63  63  TRP TRP A . n 
A 1 64  CYS 64  64  64  CYS CYS A . n 
A 1 65  ASN 65  65  65  ASN ASN A . n 
A 1 66  ASP 66  66  66  ASP ASP A . n 
A 1 67  GLY 67  67  67  GLY GLY A . n 
A 1 68  ARG 68  68  68  ARG ARG A . n 
A 1 69  THR 69  69  69  THR THR A . n 
A 1 70  PRO 70  70  70  PRO PRO A . n 
A 1 71  GLY 71  71  71  GLY GLY A . n 
A 1 72  SER 72  72  72  SER SER A . n 
A 1 73  ARG 73  73  73  ARG ARG A . n 
A 1 74  ASN 74  74  74  ASN ASN A . n 
A 1 75  LEU 75  75  75  LEU LEU A . n 
A 1 76  CYS 76  76  76  CYS CYS A . n 
A 1 77  ASN 77  77  77  ASN ASN A . n 
A 1 78  ILE 78  78  78  ILE ILE A . n 
A 1 79  PRO 79  79  79  PRO PRO A . n 
A 1 80  CYS 80  80  80  CYS CYS A . n 
A 1 81  SER 81  81  81  SER SER A . n 
A 1 82  ALA 82  82  82  ALA ALA A . n 
A 1 83  LEU 83  83  83  LEU LEU A . n 
A 1 84  LEU 84  84  84  LEU LEU A . n 
A 1 85  SER 85  85  85  SER SER A . n 
A 1 86  SER 86  86  86  SER SER A . n 
A 1 87  ASP 87  87  87  ASP ASP A . n 
A 1 88  ILE 88  88  88  ILE ILE A . n 
A 1 89  THR 89  89  89  THR THR A . n 
A 1 90  ALA 90  90  90  ALA ALA A . n 
A 1 91  SER 91  91  91  SER SER A . n 
A 1 92  VAL 92  92  92  VAL VAL A . n 
A 1 93  ASN 93  93  93  ASN ASN A . n 
A 1 94  CYS 94  94  94  CYS CYS A . n 
A 1 95  ALA 95  95  95  ALA ALA A . n 
A 1 96  LYS 96  96  96  LYS LYS A . n 
A 1 97  LYS 97  97  97  LYS LYS A . n 
A 1 98  ILE 98  98  98  ILE ILE A . n 
A 1 99  VAL 99  99  99  VAL VAL A . n 
A 1 100 SER 100 100 100 SER SER A . n 
A 1 101 ASP 101 101 101 ASP ASP A . n 
A 1 102 GLY 102 102 102 GLY GLY A . n 
A 1 103 ASN 103 103 103 ASN ASN A . n 
A 1 104 GLY 104 104 104 GLY GLY A . n 
A 1 105 MET 105 105 105 MET MET A . n 
A 1 106 ASN 106 106 106 ASN ASN A . n 
A 1 107 ALA 107 107 107 ALA ALA A . n 
A 1 108 TRP 108 108 108 TRP TRP A . n 
A 1 109 VAL 109 109 109 VAL VAL A . n 
A 1 110 ALA 110 110 110 ALA ALA A . n 
A 1 111 TRP 111 111 111 TRP TRP A . n 
A 1 112 ARG 112 112 112 ARG ARG A . n 
A 1 113 ASN 113 113 113 ASN ASN A . n 
A 1 114 ARG 114 114 114 ARG ARG A . n 
A 1 115 CYS 115 115 115 CYS CYS A . n 
A 1 116 LYS 116 116 116 LYS LYS A . n 
A 1 117 GLY 117 117 117 GLY GLY A . n 
A 1 118 THR 118 118 118 THR THR A . n 
A 1 119 ASP 119 119 119 ASP ASP A . n 
A 1 120 VAL 120 120 120 VAL VAL A . n 
A 1 121 GLN 121 121 121 GLN GLN A . n 
A 1 122 ALA 122 122 122 ALA ALA A . n 
A 1 123 TRP 123 123 123 TRP TRP A . n 
A 1 124 ILE 124 124 124 ILE ILE A . n 
A 1 125 ARG 125 125 125 ARG ARG A . n 
A 1 126 GLY 126 126 126 GLY GLY A . n 
A 1 127 CYS 127 127 127 CYS CYS A . n 
A 1 128 ARG 128 128 128 ARG ARG A . n 
A 1 129 LEU 129 129 129 LEU LEU A . n 
# 
loop_
_pdbx_nonpoly_scheme.asym_id 
_pdbx_nonpoly_scheme.entity_id 
_pdbx_nonpoly_scheme.mon_id 
_pdbx_nonpoly_scheme.ndb_seq_num 
_pdbx_nonpoly_scheme.pdb_seq_num 
_pdbx_nonpoly_scheme.auth_seq_num 
_pdbx_nonpoly_scheme.pdb_mon_id 
_pdbx_nonpoly_scheme.auth_mon_id 
_pdbx_nonpoly_scheme.pdb_strand_id 
_pdbx_nonpoly_scheme.pdb_ins_code 
B 2 EDO 1   201 201 EDO EDO A . 
C 2 EDO 1   202 202 EDO EDO A . 
D 3 NO3 1   203 401 NO3 NO3 A . 
E 3 NO3 1   204 403 NO3 NO3 A . 
F 3 NO3 1   205 405 NO3 NO3 A . 
G 3 NO3 1   206 406 NO3 NO3 A . 
H 3 NO3 1   207 407 NO3 NO3 A . 
I 3 NO3 1   208 408 NO3 NO3 A . 
J 3 NO3 1   209 409 NO3 NO3 A . 
K 3 NO3 1   210 410 NO3 NO3 A . 
L 3 NO3 1   211 411 NO3 NO3 A . 
M 4 NA  1   212 435 NA  NA  A . 
N 4 NA  1   213 436 NA  NA  A . 
O 5 1PT 1   214 210 1PT 1PT A . 
P 6 CPT 1   215 1   CPT CPT A . 
Q 7 HOH 1   301 187 HOH HOH A . 
Q 7 HOH 2   302 113 HOH HOH A . 
Q 7 HOH 3   303 115 HOH HOH A . 
Q 7 HOH 4   304 236 HOH HOH A . 
Q 7 HOH 5   305 22  HOH HOH A . 
Q 7 HOH 6   306 127 HOH HOH A . 
Q 7 HOH 7   307 260 HOH HOH A . 
Q 7 HOH 8   308 72  HOH HOH A . 
Q 7 HOH 9   309 129 HOH HOH A . 
Q 7 HOH 10  310 193 HOH HOH A . 
Q 7 HOH 11  311 23  HOH HOH A . 
Q 7 HOH 12  312 49  HOH HOH A . 
Q 7 HOH 13  313 235 HOH HOH A . 
Q 7 HOH 14  314 73  HOH HOH A . 
Q 7 HOH 15  315 201 HOH HOH A . 
Q 7 HOH 16  316 10  HOH HOH A . 
Q 7 HOH 17  317 16  HOH HOH A . 
Q 7 HOH 18  318 168 HOH HOH A . 
Q 7 HOH 19  319 15  HOH HOH A . 
Q 7 HOH 20  320 158 HOH HOH A . 
Q 7 HOH 21  321 192 HOH HOH A . 
Q 7 HOH 22  322 4   HOH HOH A . 
Q 7 HOH 23  323 62  HOH HOH A . 
Q 7 HOH 24  324 208 HOH HOH A . 
Q 7 HOH 25  325 33  HOH HOH A . 
Q 7 HOH 26  326 13  HOH HOH A . 
Q 7 HOH 27  327 214 HOH HOH A . 
Q 7 HOH 28  328 21  HOH HOH A . 
Q 7 HOH 29  329 205 HOH HOH A . 
Q 7 HOH 30  330 59  HOH HOH A . 
Q 7 HOH 31  331 155 HOH HOH A . 
Q 7 HOH 32  332 301 HOH HOH A . 
Q 7 HOH 33  333 14  HOH HOH A . 
Q 7 HOH 34  334 225 HOH HOH A . 
Q 7 HOH 35  335 51  HOH HOH A . 
Q 7 HOH 36  336 27  HOH HOH A . 
Q 7 HOH 37  337 190 HOH HOH A . 
Q 7 HOH 38  338 43  HOH HOH A . 
Q 7 HOH 39  339 40  HOH HOH A . 
Q 7 HOH 40  340 202 HOH HOH A . 
Q 7 HOH 41  341 241 HOH HOH A . 
Q 7 HOH 42  342 289 HOH HOH A . 
Q 7 HOH 43  343 194 HOH HOH A . 
Q 7 HOH 44  344 42  HOH HOH A . 
Q 7 HOH 45  345 212 HOH HOH A . 
Q 7 HOH 46  346 9   HOH HOH A . 
Q 7 HOH 47  347 171 HOH HOH A . 
Q 7 HOH 48  348 167 HOH HOH A . 
Q 7 HOH 49  349 207 HOH HOH A . 
Q 7 HOH 50  350 76  HOH HOH A . 
Q 7 HOH 51  351 219 HOH HOH A . 
Q 7 HOH 52  352 19  HOH HOH A . 
Q 7 HOH 53  353 162 HOH HOH A . 
Q 7 HOH 54  354 18  HOH HOH A . 
Q 7 HOH 55  355 3   HOH HOH A . 
Q 7 HOH 56  356 294 HOH HOH A . 
Q 7 HOH 57  357 197 HOH HOH A . 
Q 7 HOH 58  358 170 HOH HOH A . 
Q 7 HOH 59  359 161 HOH HOH A . 
Q 7 HOH 60  360 292 HOH HOH A . 
Q 7 HOH 61  361 5   HOH HOH A . 
Q 7 HOH 62  362 163 HOH HOH A . 
Q 7 HOH 63  363 182 HOH HOH A . 
Q 7 HOH 64  364 55  HOH HOH A . 
Q 7 HOH 65  365 26  HOH HOH A . 
Q 7 HOH 66  366 119 HOH HOH A . 
Q 7 HOH 67  367 200 HOH HOH A . 
Q 7 HOH 68  368 1   HOH HOH A . 
Q 7 HOH 69  369 224 HOH HOH A . 
Q 7 HOH 70  370 65  HOH HOH A . 
Q 7 HOH 71  371 164 HOH HOH A . 
Q 7 HOH 72  372 32  HOH HOH A . 
Q 7 HOH 73  373 52  HOH HOH A . 
Q 7 HOH 74  374 221 HOH HOH A . 
Q 7 HOH 75  375 38  HOH HOH A . 
Q 7 HOH 76  376 7   HOH HOH A . 
Q 7 HOH 77  377 24  HOH HOH A . 
Q 7 HOH 78  378 176 HOH HOH A . 
Q 7 HOH 79  379 47  HOH HOH A . 
Q 7 HOH 80  380 98  HOH HOH A . 
Q 7 HOH 81  381 145 HOH HOH A . 
Q 7 HOH 82  382 48  HOH HOH A . 
Q 7 HOH 83  383 125 HOH HOH A . 
Q 7 HOH 84  384 185 HOH HOH A . 
Q 7 HOH 85  385 286 HOH HOH A . 
Q 7 HOH 86  386 77  HOH HOH A . 
Q 7 HOH 87  387 64  HOH HOH A . 
Q 7 HOH 88  388 116 HOH HOH A . 
Q 7 HOH 89  389 6   HOH HOH A . 
Q 7 HOH 90  390 180 HOH HOH A . 
Q 7 HOH 91  391 157 HOH HOH A . 
Q 7 HOH 92  392 159 HOH HOH A . 
Q 7 HOH 93  393 89  HOH HOH A . 
Q 7 HOH 94  394 231 HOH HOH A . 
Q 7 HOH 95  395 130 HOH HOH A . 
Q 7 HOH 96  396 203 HOH HOH A . 
Q 7 HOH 97  397 166 HOH HOH A . 
Q 7 HOH 98  398 179 HOH HOH A . 
Q 7 HOH 99  399 282 HOH HOH A . 
Q 7 HOH 100 400 277 HOH HOH A . 
Q 7 HOH 101 401 188 HOH HOH A . 
Q 7 HOH 102 402 25  HOH HOH A . 
Q 7 HOH 103 403 284 HOH HOH A . 
Q 7 HOH 104 404 283 HOH HOH A . 
Q 7 HOH 105 405 186 HOH HOH A . 
Q 7 HOH 106 406 285 HOH HOH A . 
Q 7 HOH 107 407 293 HOH HOH A . 
Q 7 HOH 108 408 178 HOH HOH A . 
Q 7 HOH 109 409 199 HOH HOH A . 
Q 7 HOH 110 410 295 HOH HOH A . 
Q 7 HOH 111 411 173 HOH HOH A . 
Q 7 HOH 112 412 287 HOH HOH A . 
Q 7 HOH 113 413 153 HOH HOH A . 
Q 7 HOH 114 414 198 HOH HOH A . 
Q 7 HOH 115 415 121 HOH HOH A . 
Q 7 HOH 116 416 275 HOH HOH A . 
Q 7 HOH 117 417 290 HOH HOH A . 
Q 7 HOH 118 418 17  HOH HOH A . 
Q 7 HOH 119 419 183 HOH HOH A . 
Q 7 HOH 120 420 280 HOH HOH A . 
Q 7 HOH 121 421 204 HOH HOH A . 
Q 7 HOH 122 422 184 HOH HOH A . 
Q 7 HOH 123 423 191 HOH HOH A . 
Q 7 HOH 124 424 272 HOH HOH A . 
Q 7 HOH 125 425 206 HOH HOH A . 
Q 7 HOH 126 426 209 HOH HOH A . 
Q 7 HOH 127 427 136 HOH HOH A . 
Q 7 HOH 128 428 156 HOH HOH A . 
Q 7 HOH 129 429 297 HOH HOH A . 
# 
loop_
_software.citation_id 
_software.classification 
_software.compiler_name 
_software.compiler_version 
_software.contact_author 
_software.contact_author_email 
_software.date 
_software.description 
_software.dependencies 
_software.hardware 
_software.language 
_software.location 
_software.mods 
_software.name 
_software.os 
_software.os_version 
_software.type 
_software.version 
_software.pdbx_ordinal 
? refinement       ? ? ? ? ? ? ? ? ? ? ? REFMAC   ? ? ? 5.8.0049 1 
? 'data reduction' ? ? ? ? ? ? ? ? ? ? ? HKL-2000 ? ? ? .        2 
? 'data scaling'   ? ? ? ? ? ? ? ? ? ? ? HKL-2000 ? ? ? .        3 
? phasing          ? ? ? ? ? ? ? ? ? ? ? PHASER   ? ? ? .        4 
# 
_cell.angle_alpha                  90.00 
_cell.angle_alpha_esd              ? 
_cell.angle_beta                   90.00 
_cell.angle_beta_esd               ? 
_cell.angle_gamma                  90.00 
_cell.angle_gamma_esd              ? 
_cell.entry_id                     4Z46 
_cell.details                      ? 
_cell.formula_units_Z              ? 
_cell.length_a                     77.318 
_cell.length_a_esd                 ? 
_cell.length_b                     77.318 
_cell.length_b_esd                 ? 
_cell.length_c                     37.325 
_cell.length_c_esd                 ? 
_cell.volume                       ? 
_cell.volume_esd                   ? 
_cell.Z_PDB                        8 
_cell.reciprocal_angle_alpha       ? 
_cell.reciprocal_angle_beta        ? 
_cell.reciprocal_angle_gamma       ? 
_cell.reciprocal_angle_alpha_esd   ? 
_cell.reciprocal_angle_beta_esd    ? 
_cell.reciprocal_angle_gamma_esd   ? 
_cell.reciprocal_length_a          ? 
_cell.reciprocal_length_b          ? 
_cell.reciprocal_length_c          ? 
_cell.reciprocal_length_a_esd      ? 
_cell.reciprocal_length_b_esd      ? 
_cell.reciprocal_length_c_esd      ? 
_cell.pdbx_unique_axis             ? 
# 
_symmetry.entry_id                         4Z46 
_symmetry.cell_setting                     ? 
_symmetry.Int_Tables_number                96 
_symmetry.space_group_name_Hall            ? 
_symmetry.space_group_name_H-M             'P 43 21 2' 
_symmetry.pdbx_full_space_group_name_H-M   ? 
# 
_exptl.absorpt_coefficient_mu     ? 
_exptl.absorpt_correction_T_max   ? 
_exptl.absorpt_correction_T_min   ? 
_exptl.absorpt_correction_type    ? 
_exptl.absorpt_process_details    ? 
_exptl.entry_id                   4Z46 
_exptl.crystals_number            ? 
_exptl.details                    ? 
_exptl.method                     'X-RAY DIFFRACTION' 
_exptl.method_details             ? 
# 
_exptl_crystal.colour                      ? 
_exptl_crystal.density_diffrn              ? 
_exptl_crystal.density_Matthews            1.95 
_exptl_crystal.density_method              ? 
_exptl_crystal.density_percent_sol         36.80 
_exptl_crystal.description                 ? 
_exptl_crystal.F_000                       ? 
_exptl_crystal.id                          1 
_exptl_crystal.preparation                 ? 
_exptl_crystal.size_max                    ? 
_exptl_crystal.size_mid                    ? 
_exptl_crystal.size_min                    ? 
_exptl_crystal.size_rad                    ? 
_exptl_crystal.colour_lustre               ? 
_exptl_crystal.colour_modifier             ? 
_exptl_crystal.colour_primary              ? 
_exptl_crystal.density_meas                ? 
_exptl_crystal.density_meas_esd            ? 
_exptl_crystal.density_meas_gt             ? 
_exptl_crystal.density_meas_lt             ? 
_exptl_crystal.density_meas_temp           ? 
_exptl_crystal.density_meas_temp_esd       ? 
_exptl_crystal.density_meas_temp_gt        ? 
_exptl_crystal.density_meas_temp_lt        ? 
_exptl_crystal.pdbx_crystal_image_url      ? 
_exptl_crystal.pdbx_crystal_image_format   ? 
_exptl_crystal.pdbx_mosaicity              ? 
_exptl_crystal.pdbx_mosaicity_esd          ? 
# 
_exptl_crystal_grow.apparatus       ? 
_exptl_crystal_grow.atmosphere      ? 
_exptl_crystal_grow.crystal_id      1 
_exptl_crystal_grow.details         ? 
_exptl_crystal_grow.method          'VAPOR DIFFUSION, HANGING DROP' 
_exptl_crystal_grow.method_ref      ? 
_exptl_crystal_grow.pH              ? 
_exptl_crystal_grow.pressure        ? 
_exptl_crystal_grow.pressure_esd    ? 
_exptl_crystal_grow.seeding         ? 
_exptl_crystal_grow.seeding_ref     ? 
_exptl_crystal_grow.temp            298 
_exptl_crystal_grow.temp_details    ? 
_exptl_crystal_grow.temp_esd        ? 
_exptl_crystal_grow.time            ? 
_exptl_crystal_grow.pdbx_details    '0.6 M sodium nitrate, 0.1 M sodium acetate pH 4.4, 20 %ethylene glycol' 
_exptl_crystal_grow.pdbx_pH_range   4.4 
# 
_diffrn.ambient_environment    ? 
_diffrn.ambient_temp           100 
_diffrn.ambient_temp_details   'Data collection has been performed at 100 K without using a cryoprotectant' 
_diffrn.ambient_temp_esd       ? 
_diffrn.crystal_id             1 
_diffrn.crystal_support        ? 
_diffrn.crystal_treatment      ? 
_diffrn.details                ? 
_diffrn.id                     1 
_diffrn.ambient_pressure       ? 
_diffrn.ambient_pressure_esd   ? 
_diffrn.ambient_pressure_gt    ? 
_diffrn.ambient_pressure_lt    ? 
_diffrn.ambient_temp_gt        ? 
_diffrn.ambient_temp_lt        ? 
# 
_diffrn_detector.details                      ? 
_diffrn_detector.detector                     CCD 
_diffrn_detector.diffrn_id                    1 
_diffrn_detector.type                         'RIGAKU SATURN 944+' 
_diffrn_detector.area_resol_mean              ? 
_diffrn_detector.dtime                        ? 
_diffrn_detector.pdbx_frames_total            ? 
_diffrn_detector.pdbx_collection_time_total   ? 
_diffrn_detector.pdbx_collection_date         2014-06-26 
# 
_diffrn_radiation.collimation                      ? 
_diffrn_radiation.diffrn_id                        1 
_diffrn_radiation.filter_edge                      ? 
_diffrn_radiation.inhomogeneity                    ? 
_diffrn_radiation.monochromator                    filter 
_diffrn_radiation.polarisn_norm                    ? 
_diffrn_radiation.polarisn_ratio                   ? 
_diffrn_radiation.probe                            ? 
_diffrn_radiation.type                             ? 
_diffrn_radiation.xray_symbol                      ? 
_diffrn_radiation.wavelength_id                    1 
_diffrn_radiation.pdbx_monochromatic_or_laue_m_l   M 
_diffrn_radiation.pdbx_wavelength_list             ? 
_diffrn_radiation.pdbx_wavelength                  ? 
_diffrn_radiation.pdbx_diffrn_protocol             'SINGLE WAVELENGTH' 
_diffrn_radiation.pdbx_analyzer                    ? 
_diffrn_radiation.pdbx_scattering_type             x-ray 
# 
_diffrn_radiation_wavelength.id           1 
_diffrn_radiation_wavelength.wavelength   1.5418 
_diffrn_radiation_wavelength.wt           1.0 
# 
_diffrn_source.current                     ? 
_diffrn_source.details                     ? 
_diffrn_source.diffrn_id                   1 
_diffrn_source.power                       ? 
_diffrn_source.size                        ? 
_diffrn_source.source                      'ROTATING ANODE' 
_diffrn_source.target                      ? 
_diffrn_source.type                        'RIGAKU MICROMAX-007 HF' 
_diffrn_source.voltage                     ? 
_diffrn_source.take-off_angle              ? 
_diffrn_source.pdbx_wavelength_list        1.5418 
_diffrn_source.pdbx_wavelength             ? 
_diffrn_source.pdbx_synchrotron_beamline   ? 
_diffrn_source.pdbx_synchrotron_site       ? 
# 
_reflns.B_iso_Wilson_estimate            ? 
_reflns.entry_id                         4Z46 
_reflns.data_reduction_details           ? 
_reflns.data_reduction_method            ? 
_reflns.d_resolution_high                1.85 
_reflns.d_resolution_low                 99 
_reflns.details                          ? 
_reflns.limit_h_max                      ? 
_reflns.limit_h_min                      ? 
_reflns.limit_k_max                      ? 
_reflns.limit_k_min                      ? 
_reflns.limit_l_max                      ? 
_reflns.limit_l_min                      ? 
_reflns.number_all                       ? 
_reflns.number_obs                       10100 
_reflns.observed_criterion               ? 
_reflns.observed_criterion_F_max         ? 
_reflns.observed_criterion_F_min         ? 
_reflns.observed_criterion_I_max         ? 
_reflns.observed_criterion_I_min         ? 
_reflns.observed_criterion_sigma_F       0 
_reflns.observed_criterion_sigma_I       0 
_reflns.percent_possible_obs             99.4 
_reflns.R_free_details                   ? 
_reflns.Rmerge_F_all                     ? 
_reflns.Rmerge_F_obs                     ? 
_reflns.Friedel_coverage                 ? 
_reflns.number_gt                        ? 
_reflns.threshold_expression             ? 
_reflns.pdbx_redundancy                  5.8 
_reflns.pdbx_Rmerge_I_obs                0.095 
_reflns.pdbx_Rmerge_I_all                ? 
_reflns.pdbx_Rsym_value                  ? 
_reflns.pdbx_netI_over_av_sigmaI         ? 
_reflns.pdbx_netI_over_sigmaI            13.8 
_reflns.pdbx_res_netI_over_av_sigmaI_2   ? 
_reflns.pdbx_res_netI_over_sigmaI_2      ? 
_reflns.pdbx_chi_squared                 ? 
_reflns.pdbx_scaling_rejects             ? 
_reflns.pdbx_d_res_high_opt              ? 
_reflns.pdbx_d_res_low_opt               ? 
_reflns.pdbx_d_res_opt_method            ? 
_reflns.phase_calculation_details        ? 
_reflns.pdbx_Rrim_I_all                  ? 
_reflns.pdbx_Rpim_I_all                  ? 
_reflns.pdbx_d_opt                       ? 
_reflns.pdbx_number_measured_all         ? 
_reflns.pdbx_diffrn_id                   1 
_reflns.pdbx_ordinal                     1 
_reflns.pdbx_CC_half                     ? 
_reflns.pdbx_R_split                     ? 
# 
_reflns_shell.d_res_high                  1.85 
_reflns_shell.d_res_low                   1.88 
_reflns_shell.meanI_over_sigI_all         ? 
_reflns_shell.meanI_over_sigI_obs         3.1 
_reflns_shell.number_measured_all         ? 
_reflns_shell.number_measured_obs         ? 
_reflns_shell.number_possible             ? 
_reflns_shell.number_unique_all           ? 
_reflns_shell.number_unique_obs           ? 
_reflns_shell.percent_possible_all        92.2 
_reflns_shell.percent_possible_obs        ? 
_reflns_shell.Rmerge_F_all                ? 
_reflns_shell.Rmerge_F_obs                ? 
_reflns_shell.Rmerge_I_all                ? 
_reflns_shell.Rmerge_I_obs                0.471 
_reflns_shell.meanI_over_sigI_gt          ? 
_reflns_shell.meanI_over_uI_all           ? 
_reflns_shell.meanI_over_uI_gt            ? 
_reflns_shell.number_measured_gt          ? 
_reflns_shell.number_unique_gt            ? 
_reflns_shell.percent_possible_gt         ? 
_reflns_shell.Rmerge_F_gt                 ? 
_reflns_shell.Rmerge_I_gt                 ? 
_reflns_shell.pdbx_redundancy             3.1 
_reflns_shell.pdbx_Rsym_value             ? 
_reflns_shell.pdbx_chi_squared            ? 
_reflns_shell.pdbx_netI_over_sigmaI_all   ? 
_reflns_shell.pdbx_netI_over_sigmaI_obs   ? 
_reflns_shell.pdbx_Rrim_I_all             ? 
_reflns_shell.pdbx_Rpim_I_all             ? 
_reflns_shell.pdbx_rejects                ? 
_reflns_shell.pdbx_ordinal                1 
_reflns_shell.pdbx_diffrn_id              1 
_reflns_shell.pdbx_CC_half                ? 
_reflns_shell.pdbx_R_split                ? 
# 
_refine.aniso_B[1][1]                            -0.79 
_refine.aniso_B[1][2]                            -0.00 
_refine.aniso_B[1][3]                            0.00 
_refine.aniso_B[2][2]                            -0.79 
_refine.aniso_B[2][3]                            0.00 
_refine.aniso_B[3][3]                            1.58 
_refine.B_iso_max                                ? 
_refine.B_iso_mean                               26.816 
_refine.B_iso_min                                ? 
_refine.correlation_coeff_Fo_to_Fc               0.967 
_refine.correlation_coeff_Fo_to_Fc_free          0.941 
_refine.details                                  'HYDROGENS HAVE BEEN ADDED IN THE RIDING POSITIONS' 
_refine.diff_density_max                         ? 
_refine.diff_density_max_esd                     ? 
_refine.diff_density_min                         ? 
_refine.diff_density_min_esd                     ? 
_refine.diff_density_rms                         ? 
_refine.diff_density_rms_esd                     ? 
_refine.entry_id                                 4Z46 
_refine.pdbx_refine_id                           'X-RAY DIFFRACTION' 
_refine.ls_abs_structure_details                 ? 
_refine.ls_abs_structure_Flack                   ? 
_refine.ls_abs_structure_Flack_esd               ? 
_refine.ls_abs_structure_Rogers                  ? 
_refine.ls_abs_structure_Rogers_esd              ? 
_refine.ls_d_res_high                            1.85 
_refine.ls_d_res_low                             54.67 
_refine.ls_extinction_coef                       ? 
_refine.ls_extinction_coef_esd                   ? 
_refine.ls_extinction_expression                 ? 
_refine.ls_extinction_method                     ? 
_refine.ls_goodness_of_fit_all                   ? 
_refine.ls_goodness_of_fit_all_esd               ? 
_refine.ls_goodness_of_fit_obs                   ? 
_refine.ls_goodness_of_fit_obs_esd               ? 
_refine.ls_hydrogen_treatment                    ? 
_refine.ls_matrix_type                           ? 
_refine.ls_number_constraints                    ? 
_refine.ls_number_parameters                     ? 
_refine.ls_number_reflns_all                     ? 
_refine.ls_number_reflns_obs                     9585 
_refine.ls_number_reflns_R_free                  482 
_refine.ls_number_reflns_R_work                  ? 
_refine.ls_number_restraints                     ? 
_refine.ls_percent_reflns_obs                    99.39 
_refine.ls_percent_reflns_R_free                 4.8 
_refine.ls_R_factor_all                          ? 
_refine.ls_R_factor_obs                          0.15840 
_refine.ls_R_factor_R_free                       0.21801 
_refine.ls_R_factor_R_free_error                 ? 
_refine.ls_R_factor_R_free_error_details         ? 
_refine.ls_R_factor_R_work                       0.15539 
_refine.ls_R_Fsqd_factor_obs                     ? 
_refine.ls_R_I_factor_obs                        ? 
_refine.ls_redundancy_reflns_all                 ? 
_refine.ls_redundancy_reflns_obs                 ? 
_refine.ls_restrained_S_all                      ? 
_refine.ls_restrained_S_obs                      ? 
_refine.ls_shift_over_esd_max                    ? 
_refine.ls_shift_over_esd_mean                   ? 
_refine.ls_structure_factor_coef                 ? 
_refine.ls_weighting_details                     ? 
_refine.ls_weighting_scheme                      ? 
_refine.ls_wR_factor_all                         ? 
_refine.ls_wR_factor_obs                         ? 
_refine.ls_wR_factor_R_free                      ? 
_refine.ls_wR_factor_R_work                      ? 
_refine.occupancy_max                            ? 
_refine.occupancy_min                            ? 
_refine.solvent_model_details                    MASK 
_refine.solvent_model_param_bsol                 ? 
_refine.solvent_model_param_ksol                 ? 
_refine.ls_R_factor_gt                           ? 
_refine.ls_goodness_of_fit_gt                    ? 
_refine.ls_goodness_of_fit_ref                   ? 
_refine.ls_shift_over_su_max                     ? 
_refine.ls_shift_over_su_max_lt                  ? 
_refine.ls_shift_over_su_mean                    ? 
_refine.ls_shift_over_su_mean_lt                 ? 
_refine.pdbx_ls_sigma_I                          ? 
_refine.pdbx_ls_sigma_F                          ? 
_refine.pdbx_ls_sigma_Fsqd                       ? 
_refine.pdbx_data_cutoff_high_absF               ? 
_refine.pdbx_data_cutoff_high_rms_absF           ? 
_refine.pdbx_data_cutoff_low_absF                ? 
_refine.pdbx_isotropic_thermal_model             ? 
_refine.pdbx_ls_cross_valid_method               THROUGHOUT 
_refine.pdbx_method_to_determine_struct          ? 
_refine.pdbx_starting_model                      ? 
_refine.pdbx_stereochemistry_target_values       'MAXIMUM LIKELIHOOD' 
_refine.pdbx_R_Free_selection_details            RANDOM 
_refine.pdbx_stereochem_target_val_spec_case     ? 
_refine.pdbx_overall_ESU_R                       0.148 
_refine.pdbx_overall_ESU_R_Free                  0.146 
_refine.pdbx_solvent_vdw_probe_radii             1.20 
_refine.pdbx_solvent_ion_probe_radii             0.80 
_refine.pdbx_solvent_shrinkage_radii             0.80 
_refine.pdbx_real_space_R                        ? 
_refine.pdbx_density_correlation                 ? 
_refine.pdbx_pd_number_of_powder_patterns        ? 
_refine.pdbx_pd_number_of_points                 ? 
_refine.pdbx_pd_meas_number_of_points            ? 
_refine.pdbx_pd_proc_ls_prof_R_factor            ? 
_refine.pdbx_pd_proc_ls_prof_wR_factor           ? 
_refine.pdbx_pd_Marquardt_correlation_coeff      ? 
_refine.pdbx_pd_Fsqrd_R_factor                   ? 
_refine.pdbx_pd_ls_matrix_band_width             ? 
_refine.pdbx_overall_phase_error                 ? 
_refine.pdbx_overall_SU_R_free_Cruickshank_DPI   ? 
_refine.pdbx_overall_SU_R_free_Blow_DPI          ? 
_refine.pdbx_overall_SU_R_Blow_DPI               ? 
_refine.pdbx_TLS_residual_ADP_flag               ? 
_refine.pdbx_diffrn_id                           1 
_refine.overall_SU_B                             3.160 
_refine.overall_SU_ML                            0.093 
_refine.overall_SU_R_Cruickshank_DPI             ? 
_refine.overall_SU_R_free                        ? 
_refine.overall_FOM_free_R_set                   ? 
_refine.overall_FOM_work_R_set                   ? 
_refine.pdbx_average_fsc_overall                 ? 
_refine.pdbx_average_fsc_work                    ? 
_refine.pdbx_average_fsc_free                    ? 
# 
_refine_hist.pdbx_refine_id                   'X-RAY DIFFRACTION' 
_refine_hist.cycle_id                         1 
_refine_hist.pdbx_number_atoms_protein        1001 
_refine_hist.pdbx_number_atoms_nucleic_acid   0 
_refine_hist.pdbx_number_atoms_ligand         58 
_refine_hist.number_atoms_solvent             129 
_refine_hist.number_atoms_total               1188 
_refine_hist.d_res_high                       1.85 
_refine_hist.d_res_low                        54.67 
# 
loop_
_refine_ls_restr.pdbx_refine_id 
_refine_ls_restr.criterion 
_refine_ls_restr.dev_ideal 
_refine_ls_restr.dev_ideal_target 
_refine_ls_restr.number 
_refine_ls_restr.rejects 
_refine_ls_restr.type 
_refine_ls_restr.weight 
_refine_ls_restr.pdbx_restraint_function 
'X-RAY DIFFRACTION' ? 0.019  0.019  1091 ? r_bond_refined_d             ? ? 
'X-RAY DIFFRACTION' ? 0.001  0.020  986  ? r_bond_other_d               ? ? 
'X-RAY DIFFRACTION' ? 1.842  1.937  1462 ? r_angle_refined_deg          ? ? 
'X-RAY DIFFRACTION' ? 0.989  3.000  2250 ? r_angle_other_deg            ? ? 
'X-RAY DIFFRACTION' ? 6.302  5.000  132  ? r_dihedral_angle_1_deg       ? ? 
'X-RAY DIFFRACTION' ? 35.407 23.137 51   ? r_dihedral_angle_2_deg       ? ? 
'X-RAY DIFFRACTION' ? 11.386 15.000 171  ? r_dihedral_angle_3_deg       ? ? 
'X-RAY DIFFRACTION' ? 15.486 15.000 11   ? r_dihedral_angle_4_deg       ? ? 
'X-RAY DIFFRACTION' ? 0.121  0.200  148  ? r_chiral_restr               ? ? 
'X-RAY DIFFRACTION' ? 0.010  0.020  1276 ? r_gen_planes_refined         ? ? 
'X-RAY DIFFRACTION' ? 0.001  0.020  277  ? r_gen_planes_other           ? ? 
'X-RAY DIFFRACTION' ? ?      ?      ?    ? r_nbd_refined                ? ? 
'X-RAY DIFFRACTION' ? ?      ?      ?    ? r_nbd_other                  ? ? 
'X-RAY DIFFRACTION' ? ?      ?      ?    ? r_nbtor_refined              ? ? 
'X-RAY DIFFRACTION' ? ?      ?      ?    ? r_nbtor_other                ? ? 
'X-RAY DIFFRACTION' ? ?      ?      ?    ? r_xyhbond_nbd_refined        ? ? 
'X-RAY DIFFRACTION' ? ?      ?      ?    ? r_xyhbond_nbd_other          ? ? 
'X-RAY DIFFRACTION' ? ?      ?      ?    ? r_metal_ion_refined          ? ? 
'X-RAY DIFFRACTION' ? ?      ?      ?    ? r_metal_ion_other            ? ? 
'X-RAY DIFFRACTION' ? ?      ?      ?    ? r_symmetry_vdw_refined       ? ? 
'X-RAY DIFFRACTION' ? ?      ?      ?    ? r_symmetry_vdw_other         ? ? 
'X-RAY DIFFRACTION' ? ?      ?      ?    ? r_symmetry_hbond_refined     ? ? 
'X-RAY DIFFRACTION' ? ?      ?      ?    ? r_symmetry_hbond_other       ? ? 
'X-RAY DIFFRACTION' ? ?      ?      ?    ? r_symmetry_metal_ion_refined ? ? 
'X-RAY DIFFRACTION' ? ?      ?      ?    ? r_symmetry_metal_ion_other   ? ? 
'X-RAY DIFFRACTION' ? 2.226  2.278  525  ? r_mcbond_it                  ? ? 
'X-RAY DIFFRACTION' ? 2.210  2.274  524  ? r_mcbond_other               ? ? 
'X-RAY DIFFRACTION' ? 2.991  3.405  658  ? r_mcangle_it                 ? ? 
'X-RAY DIFFRACTION' ? 2.991  3.408  659  ? r_mcangle_other              ? ? 
'X-RAY DIFFRACTION' ? 3.822  2.781  565  ? r_scbond_it                  ? ? 
'X-RAY DIFFRACTION' ? 3.814  2.781  565  ? r_scbond_other               ? ? 
'X-RAY DIFFRACTION' ? ?      ?      ?    ? r_scangle_it                 ? ? 
'X-RAY DIFFRACTION' ? 5.213  3.982  805  ? r_scangle_other              ? ? 
'X-RAY DIFFRACTION' ? 8.096  20.463 1368 ? r_long_range_B_refined       ? ? 
'X-RAY DIFFRACTION' ? 7.713  19.829 1321 ? r_long_range_B_other         ? ? 
'X-RAY DIFFRACTION' ? ?      ?      ?    ? r_rigid_bond_restr           ? ? 
'X-RAY DIFFRACTION' ? ?      ?      ?    ? r_sphericity_free            ? ? 
'X-RAY DIFFRACTION' ? ?      ?      ?    ? r_sphericity_bonded          ? ? 
# 
_refine_ls_shell.pdbx_refine_id                   'X-RAY DIFFRACTION' 
_refine_ls_shell.d_res_high                       1.850 
_refine_ls_shell.d_res_low                        1.898 
_refine_ls_shell.number_reflns_all                ? 
_refine_ls_shell.number_reflns_obs                ? 
_refine_ls_shell.number_reflns_R_free             28 
_refine_ls_shell.number_reflns_R_work             645 
_refine_ls_shell.percent_reflns_obs               92.96 
_refine_ls_shell.percent_reflns_R_free            ? 
_refine_ls_shell.R_factor_all                     ? 
_refine_ls_shell.R_factor_obs                     ? 
_refine_ls_shell.R_factor_R_free                  0.285 
_refine_ls_shell.R_factor_R_free_error            ? 
_refine_ls_shell.R_factor_R_work                  0.254 
_refine_ls_shell.redundancy_reflns_all            ? 
_refine_ls_shell.redundancy_reflns_obs            ? 
_refine_ls_shell.wR_factor_all                    ? 
_refine_ls_shell.wR_factor_obs                    ? 
_refine_ls_shell.wR_factor_R_free                 ? 
_refine_ls_shell.wR_factor_R_work                 ? 
_refine_ls_shell.pdbx_total_number_of_bins_used   20 
_refine_ls_shell.pdbx_phase_error                 ? 
_refine_ls_shell.pdbx_fsc_work                    ? 
_refine_ls_shell.pdbx_fsc_free                    ? 
# 
_struct.entry_id                     4Z46 
_struct.title                        
;X-ray structure of the bis-platinum lysozyme adduct formed in the reaction between the protein and the two drugs Cisplatin and Oxaliplatin
;
_struct.pdbx_model_details           ? 
_struct.pdbx_formula_weight          ? 
_struct.pdbx_formula_weight_method   ? 
_struct.pdbx_model_type_details      ? 
_struct.pdbx_CASP_flag               ? 
# 
_struct_keywords.entry_id        4Z46 
_struct_keywords.text            'cisplatin, Oxaliplatin, protein platination, anticancer drugs, hydrolase' 
_struct_keywords.pdbx_keywords   HYDROLASE 
# 
loop_
_struct_asym.id 
_struct_asym.pdbx_blank_PDB_chainid_flag 
_struct_asym.pdbx_modified 
_struct_asym.entity_id 
_struct_asym.details 
A N N 1 ? 
B N N 2 ? 
C N N 2 ? 
D N N 3 ? 
E N N 3 ? 
F N N 3 ? 
G N N 3 ? 
H N N 3 ? 
I N N 3 ? 
J N N 3 ? 
K N N 3 ? 
L N N 3 ? 
M N N 4 ? 
N N N 4 ? 
O N N 5 ? 
P N N 6 ? 
Q N N 7 ? 
# 
_struct_ref.id                         1 
_struct_ref.db_name                    UNP 
_struct_ref.db_code                    LYSC_CHICK 
_struct_ref.pdbx_db_accession          P00698 
_struct_ref.pdbx_db_isoform            ? 
_struct_ref.entity_id                  1 
_struct_ref.pdbx_seq_one_letter_code   
;KVFGRCELAAAMKRHGLDNYRGYSLGNWVCAAKFESNFNTQATNRNTDGSTDYGILQINSRWWCNDGRTPGSRNLCNIPC
SALLSSDITASVNCAKKIVSDGNGMNAWVAWRNRCKGTDVQAWIRGCRL
;
_struct_ref.pdbx_align_begin           19 
# 
_struct_ref_seq.align_id                      1 
_struct_ref_seq.ref_id                        1 
_struct_ref_seq.pdbx_PDB_id_code              4Z46 
_struct_ref_seq.pdbx_strand_id                A 
_struct_ref_seq.seq_align_beg                 1 
_struct_ref_seq.pdbx_seq_align_beg_ins_code   ? 
_struct_ref_seq.seq_align_end                 129 
_struct_ref_seq.pdbx_seq_align_end_ins_code   ? 
_struct_ref_seq.pdbx_db_accession             P00698 
_struct_ref_seq.db_align_beg                  19 
_struct_ref_seq.pdbx_db_align_beg_ins_code    ? 
_struct_ref_seq.db_align_end                  147 
_struct_ref_seq.pdbx_db_align_end_ins_code    ? 
_struct_ref_seq.pdbx_auth_seq_align_beg       1 
_struct_ref_seq.pdbx_auth_seq_align_end       129 
# 
_pdbx_struct_assembly.id                   1 
_pdbx_struct_assembly.details              software_defined_assembly 
_pdbx_struct_assembly.method_details       PISA 
_pdbx_struct_assembly.oligomeric_details   monomeric 
_pdbx_struct_assembly.oligomeric_count     1 
# 
loop_
_pdbx_struct_assembly_prop.biol_id 
_pdbx_struct_assembly_prop.type 
_pdbx_struct_assembly_prop.value 
_pdbx_struct_assembly_prop.details 
1 'ABSA (A^2)' 2580 ? 
1 MORE         -13  ? 
1 'SSA (A^2)'  6460 ? 
# 
_pdbx_struct_assembly_gen.assembly_id       1 
_pdbx_struct_assembly_gen.oper_expression   1 
_pdbx_struct_assembly_gen.asym_id_list      A,B,C,D,E,F,G,H,I,J,K,L,M,N,O,P,Q 
# 
_pdbx_struct_oper_list.id                   1 
_pdbx_struct_oper_list.type                 'identity operation' 
_pdbx_struct_oper_list.name                 1_555 
_pdbx_struct_oper_list.symmetry_operation   x,y,z 
_pdbx_struct_oper_list.matrix[1][1]         1.0000000000 
_pdbx_struct_oper_list.matrix[1][2]         0.0000000000 
_pdbx_struct_oper_list.matrix[1][3]         0.0000000000 
_pdbx_struct_oper_list.vector[1]            0.0000000000 
_pdbx_struct_oper_list.matrix[2][1]         0.0000000000 
_pdbx_struct_oper_list.matrix[2][2]         1.0000000000 
_pdbx_struct_oper_list.matrix[2][3]         0.0000000000 
_pdbx_struct_oper_list.vector[2]            0.0000000000 
_pdbx_struct_oper_list.matrix[3][1]         0.0000000000 
_pdbx_struct_oper_list.matrix[3][2]         0.0000000000 
_pdbx_struct_oper_list.matrix[3][3]         1.0000000000 
_pdbx_struct_oper_list.vector[3]            0.0000000000 
# 
loop_
_struct_conf.conf_type_id 
_struct_conf.id 
_struct_conf.pdbx_PDB_helix_id 
_struct_conf.beg_label_comp_id 
_struct_conf.beg_label_asym_id 
_struct_conf.beg_label_seq_id 
_struct_conf.pdbx_beg_PDB_ins_code 
_struct_conf.end_label_comp_id 
_struct_conf.end_label_asym_id 
_struct_conf.end_label_seq_id 
_struct_conf.pdbx_end_PDB_ins_code 
_struct_conf.beg_auth_comp_id 
_struct_conf.beg_auth_asym_id 
_struct_conf.beg_auth_seq_id 
_struct_conf.end_auth_comp_id 
_struct_conf.end_auth_asym_id 
_struct_conf.end_auth_seq_id 
_struct_conf.pdbx_PDB_helix_class 
_struct_conf.details 
_struct_conf.pdbx_PDB_helix_length 
HELX_P HELX_P1 AA1 GLY A 4   ? HIS A 15  ? GLY A 4   HIS A 15  1 ? 12 
HELX_P HELX_P2 AA2 ASN A 19  ? TYR A 23  ? ASN A 19  TYR A 23  5 ? 5  
HELX_P HELX_P3 AA3 SER A 24  ? ASN A 37  ? SER A 24  ASN A 37  1 ? 14 
HELX_P HELX_P4 AA4 PRO A 79  ? SER A 85  ? PRO A 79  SER A 85  5 ? 7  
HELX_P HELX_P5 AA5 ILE A 88  ? SER A 100 ? ILE A 88  SER A 100 1 ? 13 
HELX_P HELX_P6 AA6 ASN A 103 ? ALA A 107 ? ASN A 103 ALA A 107 5 ? 5  
HELX_P HELX_P7 AA7 TRP A 108 ? CYS A 115 ? TRP A 108 CYS A 115 1 ? 8  
HELX_P HELX_P8 AA8 ASP A 119 ? ARG A 125 ? ASP A 119 ARG A 125 5 ? 7  
# 
_struct_conf_type.id          HELX_P 
_struct_conf_type.criteria    ? 
_struct_conf_type.reference   ? 
# 
loop_
_struct_conn.id 
_struct_conn.conn_type_id 
_struct_conn.pdbx_leaving_atom_flag 
_struct_conn.pdbx_PDB_id 
_struct_conn.ptnr1_label_asym_id 
_struct_conn.ptnr1_label_comp_id 
_struct_conn.ptnr1_label_seq_id 
_struct_conn.ptnr1_label_atom_id 
_struct_conn.pdbx_ptnr1_label_alt_id 
_struct_conn.pdbx_ptnr1_PDB_ins_code 
_struct_conn.pdbx_ptnr1_standard_comp_id 
_struct_conn.ptnr1_symmetry 
_struct_conn.ptnr2_label_asym_id 
_struct_conn.ptnr2_label_comp_id 
_struct_conn.ptnr2_label_seq_id 
_struct_conn.ptnr2_label_atom_id 
_struct_conn.pdbx_ptnr2_label_alt_id 
_struct_conn.pdbx_ptnr2_PDB_ins_code 
_struct_conn.ptnr1_auth_asym_id 
_struct_conn.ptnr1_auth_comp_id 
_struct_conn.ptnr1_auth_seq_id 
_struct_conn.ptnr2_auth_asym_id 
_struct_conn.ptnr2_auth_comp_id 
_struct_conn.ptnr2_auth_seq_id 
_struct_conn.ptnr2_symmetry 
_struct_conn.pdbx_ptnr3_label_atom_id 
_struct_conn.pdbx_ptnr3_label_seq_id 
_struct_conn.pdbx_ptnr3_label_comp_id 
_struct_conn.pdbx_ptnr3_label_asym_id 
_struct_conn.pdbx_ptnr3_label_alt_id 
_struct_conn.pdbx_ptnr3_PDB_ins_code 
_struct_conn.details 
_struct_conn.pdbx_dist_value 
_struct_conn.pdbx_value_order 
_struct_conn.pdbx_role 
disulf1  disulf ? ? A CYS 6   SG  ? ? ? 1_555 A CYS 127 SG  ? ? A CYS 6   A CYS 127 1_555 ? ? ? ? ? ? ? 1.982 ? ? 
disulf2  disulf ? ? A CYS 30  SG  ? ? ? 1_555 A CYS 115 SG  ? ? A CYS 30  A CYS 115 1_555 ? ? ? ? ? ? ? 2.000 ? ? 
disulf3  disulf ? ? A CYS 64  SG  ? ? ? 1_555 A CYS 80  SG  ? ? A CYS 64  A CYS 80  1_555 ? ? ? ? ? ? ? 2.064 ? ? 
disulf4  disulf ? ? A CYS 76  SG  ? ? ? 1_555 A CYS 94  SG  ? ? A CYS 76  A CYS 94  1_555 ? ? ? ? ? ? ? 2.036 ? ? 
metalc1  metalc ? ? A HIS 15  ND1 ? ? ? 1_555 P CPT .   PT1 ? ? A HIS 15  A CPT 215 1_555 ? ? ? ? ? ? ? 2.368 ? ? 
metalc2  metalc ? ? A TYR 23  OH  ? ? ? 1_555 N NA  .   NA  ? ? A TYR 23  A NA  213 1_555 ? ? ? ? ? ? ? 2.996 ? ? 
metalc3  metalc ? ? A GLU 35  OE1 ? ? ? 1_555 M NA  .   NA  ? ? A GLU 35  A NA  212 1_555 ? ? ? ? ? ? ? 2.677 ? ? 
metalc4  metalc ? ? A ASP 119 OD2 ? ? ? 1_555 O 1PT .   PT  ? ? A ASP 119 A 1PT 214 1_555 ? ? ? ? ? ? ? 2.335 ? ? 
metalc5  metalc ? ? H NO3 .   O3  ? ? ? 1_555 N NA  .   NA  ? ? A NO3 207 A NA  213 1_555 ? ? ? ? ? ? ? 2.301 ? ? 
metalc6  metalc ? ? K NO3 .   O1  ? ? ? 1_555 M NA  .   NA  ? ? A NO3 210 A NA  212 1_555 ? ? ? ? ? ? ? 2.720 ? ? 
metalc7  metalc ? ? K NO3 .   O3  ? ? ? 1_555 M NA  .   NA  ? ? A NO3 210 A NA  212 1_555 ? ? ? ? ? ? ? 2.670 ? ? 
metalc8  metalc ? ? M NA  .   NA  ? ? ? 1_555 Q HOH .   O   ? ? A NA  212 A HOH 336 1_555 ? ? ? ? ? ? ? 2.586 ? ? 
metalc9  metalc ? ? M NA  .   NA  ? ? ? 1_555 Q HOH .   O   ? ? A NA  212 A HOH 359 1_555 ? ? ? ? ? ? ? 2.377 ? ? 
metalc10 metalc ? ? M NA  .   NA  ? ? ? 1_555 Q HOH .   O   ? ? A NA  212 A HOH 400 1_555 ? ? ? ? ? ? ? 2.341 ? ? 
metalc11 metalc ? ? N NA  .   NA  ? ? ? 1_555 Q HOH .   O   ? ? A NA  213 A HOH 395 1_555 ? ? ? ? ? ? ? 2.592 ? ? 
metalc12 metalc ? ? O 1PT .   PT  ? ? ? 1_555 Q HOH .   O   ? ? A 1PT 214 A HOH 332 1_555 ? ? ? ? ? ? ? 2.058 ? ? 
# 
loop_
_struct_conn_type.id 
_struct_conn_type.criteria 
_struct_conn_type.reference 
disulf ? ? 
metalc ? ? 
# 
loop_
_pdbx_struct_conn_angle.id 
_pdbx_struct_conn_angle.ptnr1_label_atom_id 
_pdbx_struct_conn_angle.ptnr1_label_alt_id 
_pdbx_struct_conn_angle.ptnr1_label_asym_id 
_pdbx_struct_conn_angle.ptnr1_label_comp_id 
_pdbx_struct_conn_angle.ptnr1_label_seq_id 
_pdbx_struct_conn_angle.ptnr1_auth_atom_id 
_pdbx_struct_conn_angle.ptnr1_auth_asym_id 
_pdbx_struct_conn_angle.ptnr1_auth_comp_id 
_pdbx_struct_conn_angle.ptnr1_auth_seq_id 
_pdbx_struct_conn_angle.ptnr1_PDB_ins_code 
_pdbx_struct_conn_angle.ptnr1_symmetry 
_pdbx_struct_conn_angle.ptnr2_label_atom_id 
_pdbx_struct_conn_angle.ptnr2_label_alt_id 
_pdbx_struct_conn_angle.ptnr2_label_asym_id 
_pdbx_struct_conn_angle.ptnr2_label_comp_id 
_pdbx_struct_conn_angle.ptnr2_label_seq_id 
_pdbx_struct_conn_angle.ptnr2_auth_atom_id 
_pdbx_struct_conn_angle.ptnr2_auth_asym_id 
_pdbx_struct_conn_angle.ptnr2_auth_comp_id 
_pdbx_struct_conn_angle.ptnr2_auth_seq_id 
_pdbx_struct_conn_angle.ptnr2_PDB_ins_code 
_pdbx_struct_conn_angle.ptnr2_symmetry 
_pdbx_struct_conn_angle.ptnr3_label_atom_id 
_pdbx_struct_conn_angle.ptnr3_label_alt_id 
_pdbx_struct_conn_angle.ptnr3_label_asym_id 
_pdbx_struct_conn_angle.ptnr3_label_comp_id 
_pdbx_struct_conn_angle.ptnr3_label_seq_id 
_pdbx_struct_conn_angle.ptnr3_auth_atom_id 
_pdbx_struct_conn_angle.ptnr3_auth_asym_id 
_pdbx_struct_conn_angle.ptnr3_auth_comp_id 
_pdbx_struct_conn_angle.ptnr3_auth_seq_id 
_pdbx_struct_conn_angle.ptnr3_PDB_ins_code 
_pdbx_struct_conn_angle.ptnr3_symmetry 
_pdbx_struct_conn_angle.value 
_pdbx_struct_conn_angle.value_esd 
1  ND1 ? A HIS 15  ? A HIS 15  ? 1_555 PT1 ? P CPT . ? A CPT 215 ? 1_555 N2  ? P CPT . ? A CPT 215 ? 1_555 104.1 ? 
2  ND1 ? A HIS 15  ? A HIS 15  ? 1_555 PT1 ? P CPT . ? A CPT 215 ? 1_555 CL1 ? P CPT . ? A CPT 215 ? 1_555 76.9  ? 
3  N2  ? P CPT .   ? A CPT 215 ? 1_555 PT1 ? P CPT . ? A CPT 215 ? 1_555 CL1 ? P CPT . ? A CPT 215 ? 1_555 176.6 ? 
4  OH  ? A TYR 23  ? A TYR 23  ? 1_555 NA  ? N NA  . ? A NA  213 ? 1_555 O3  ? H NO3 . ? A NO3 207 ? 1_555 117.1 ? 
5  OH  ? A TYR 23  ? A TYR 23  ? 1_555 NA  ? N NA  . ? A NA  213 ? 1_555 O   ? Q HOH . ? A HOH 395 ? 1_555 112.0 ? 
6  O3  ? H NO3 .   ? A NO3 207 ? 1_555 NA  ? N NA  . ? A NA  213 ? 1_555 O   ? Q HOH . ? A HOH 395 ? 1_555 97.5  ? 
7  OE1 ? A GLU 35  ? A GLU 35  ? 1_555 NA  ? M NA  . ? A NA  212 ? 1_555 O1  ? K NO3 . ? A NO3 210 ? 1_555 74.6  ? 
8  OE1 ? A GLU 35  ? A GLU 35  ? 1_555 NA  ? M NA  . ? A NA  212 ? 1_555 O3  ? K NO3 . ? A NO3 210 ? 1_555 82.0  ? 
9  O1  ? K NO3 .   ? A NO3 210 ? 1_555 NA  ? M NA  . ? A NA  212 ? 1_555 O3  ? K NO3 . ? A NO3 210 ? 1_555 53.1  ? 
10 OE1 ? A GLU 35  ? A GLU 35  ? 1_555 NA  ? M NA  . ? A NA  212 ? 1_555 O   ? Q HOH . ? A HOH 336 ? 1_555 97.5  ? 
11 O1  ? K NO3 .   ? A NO3 210 ? 1_555 NA  ? M NA  . ? A NA  212 ? 1_555 O   ? Q HOH . ? A HOH 336 ? 1_555 166.7 ? 
12 O3  ? K NO3 .   ? A NO3 210 ? 1_555 NA  ? M NA  . ? A NA  212 ? 1_555 O   ? Q HOH . ? A HOH 336 ? 1_555 115.9 ? 
13 OE1 ? A GLU 35  ? A GLU 35  ? 1_555 NA  ? M NA  . ? A NA  212 ? 1_555 O   ? Q HOH . ? A HOH 359 ? 1_555 69.2  ? 
14 O1  ? K NO3 .   ? A NO3 210 ? 1_555 NA  ? M NA  . ? A NA  212 ? 1_555 O   ? Q HOH . ? A HOH 359 ? 1_555 119.5 ? 
15 O3  ? K NO3 .   ? A NO3 210 ? 1_555 NA  ? M NA  . ? A NA  212 ? 1_555 O   ? Q HOH . ? A HOH 359 ? 1_555 150.8 ? 
16 O   ? Q HOH .   ? A HOH 336 ? 1_555 NA  ? M NA  . ? A NA  212 ? 1_555 O   ? Q HOH . ? A HOH 359 ? 1_555 65.6  ? 
17 OE1 ? A GLU 35  ? A GLU 35  ? 1_555 NA  ? M NA  . ? A NA  212 ? 1_555 O   ? Q HOH . ? A HOH 400 ? 1_555 100.0 ? 
18 O1  ? K NO3 .   ? A NO3 210 ? 1_555 NA  ? M NA  . ? A NA  212 ? 1_555 O   ? Q HOH . ? A HOH 400 ? 1_555 80.8  ? 
19 O3  ? K NO3 .   ? A NO3 210 ? 1_555 NA  ? M NA  . ? A NA  212 ? 1_555 O   ? Q HOH . ? A HOH 400 ? 1_555 132.0 ? 
20 O   ? Q HOH .   ? A HOH 336 ? 1_555 NA  ? M NA  . ? A NA  212 ? 1_555 O   ? Q HOH . ? A HOH 400 ? 1_555 111.4 ? 
21 O   ? Q HOH .   ? A HOH 359 ? 1_555 NA  ? M NA  . ? A NA  212 ? 1_555 O   ? Q HOH . ? A HOH 400 ? 1_555 60.6  ? 
22 OD2 ? A ASP 119 ? A ASP 119 ? 1_555 PT  ? O 1PT . ? A 1PT 214 ? 1_555 N1  ? O 1PT . ? A 1PT 214 ? 1_555 164.8 ? 
23 OD2 ? A ASP 119 ? A ASP 119 ? 1_555 PT  ? O 1PT . ? A 1PT 214 ? 1_555 N2  ? O 1PT . ? A 1PT 214 ? 1_555 109.9 ? 
24 N1  ? O 1PT .   ? A 1PT 214 ? 1_555 PT  ? O 1PT . ? A 1PT 214 ? 1_555 N2  ? O 1PT . ? A 1PT 214 ? 1_555 84.5  ? 
25 OD2 ? A ASP 119 ? A ASP 119 ? 1_555 PT  ? O 1PT . ? A 1PT 214 ? 1_555 O   ? Q HOH . ? A HOH 332 ? 1_555 76.4  ? 
26 N1  ? O 1PT .   ? A 1PT 214 ? 1_555 PT  ? O 1PT . ? A 1PT 214 ? 1_555 O   ? Q HOH . ? A HOH 332 ? 1_555 92.4  ? 
27 N2  ? O 1PT .   ? A 1PT 214 ? 1_555 PT  ? O 1PT . ? A 1PT 214 ? 1_555 O   ? Q HOH . ? A HOH 332 ? 1_555 157.1 ? 
# 
loop_
_pdbx_modification_feature.ordinal 
_pdbx_modification_feature.label_comp_id 
_pdbx_modification_feature.label_asym_id 
_pdbx_modification_feature.label_seq_id 
_pdbx_modification_feature.label_alt_id 
_pdbx_modification_feature.modified_residue_label_comp_id 
_pdbx_modification_feature.modified_residue_label_asym_id 
_pdbx_modification_feature.modified_residue_label_seq_id 
_pdbx_modification_feature.modified_residue_label_alt_id 
_pdbx_modification_feature.auth_comp_id 
_pdbx_modification_feature.auth_asym_id 
_pdbx_modification_feature.auth_seq_id 
_pdbx_modification_feature.PDB_ins_code 
_pdbx_modification_feature.symmetry 
_pdbx_modification_feature.modified_residue_auth_comp_id 
_pdbx_modification_feature.modified_residue_auth_asym_id 
_pdbx_modification_feature.modified_residue_auth_seq_id 
_pdbx_modification_feature.modified_residue_PDB_ins_code 
_pdbx_modification_feature.modified_residue_symmetry 
_pdbx_modification_feature.comp_id_linking_atom 
_pdbx_modification_feature.modified_residue_id_linking_atom 
_pdbx_modification_feature.modified_residue_id 
_pdbx_modification_feature.ref_pcm_id 
_pdbx_modification_feature.ref_comp_id 
_pdbx_modification_feature.type 
_pdbx_modification_feature.category 
1 CYS A 6  ? CYS A 127 ? CYS A 6  ? 1_555 CYS A 127 ? 1_555 SG SG . . . None 'Disulfide bridge' 
2 CYS A 30 ? CYS A 115 ? CYS A 30 ? 1_555 CYS A 115 ? 1_555 SG SG . . . None 'Disulfide bridge' 
3 CYS A 64 ? CYS A 80  ? CYS A 64 ? 1_555 CYS A 80  ? 1_555 SG SG . . . None 'Disulfide bridge' 
4 CYS A 76 ? CYS A 94  ? CYS A 76 ? 1_555 CYS A 94  ? 1_555 SG SG . . . None 'Disulfide bridge' 
# 
_struct_sheet.id               AA1 
_struct_sheet.type             ? 
_struct_sheet.number_strands   3 
_struct_sheet.details          ? 
# 
loop_
_struct_sheet_order.sheet_id 
_struct_sheet_order.range_id_1 
_struct_sheet_order.range_id_2 
_struct_sheet_order.offset 
_struct_sheet_order.sense 
AA1 1 2 ? anti-parallel 
AA1 2 3 ? anti-parallel 
# 
loop_
_struct_sheet_range.sheet_id 
_struct_sheet_range.id 
_struct_sheet_range.beg_label_comp_id 
_struct_sheet_range.beg_label_asym_id 
_struct_sheet_range.beg_label_seq_id 
_struct_sheet_range.pdbx_beg_PDB_ins_code 
_struct_sheet_range.end_label_comp_id 
_struct_sheet_range.end_label_asym_id 
_struct_sheet_range.end_label_seq_id 
_struct_sheet_range.pdbx_end_PDB_ins_code 
_struct_sheet_range.beg_auth_comp_id 
_struct_sheet_range.beg_auth_asym_id 
_struct_sheet_range.beg_auth_seq_id 
_struct_sheet_range.end_auth_comp_id 
_struct_sheet_range.end_auth_asym_id 
_struct_sheet_range.end_auth_seq_id 
AA1 1 THR A 43 ? ARG A 45 ? THR A 43 ARG A 45 
AA1 2 THR A 51 ? TYR A 53 ? THR A 51 TYR A 53 
AA1 3 ILE A 58 ? ASN A 59 ? ILE A 58 ASN A 59 
# 
loop_
_pdbx_struct_sheet_hbond.sheet_id 
_pdbx_struct_sheet_hbond.range_id_1 
_pdbx_struct_sheet_hbond.range_id_2 
_pdbx_struct_sheet_hbond.range_1_label_atom_id 
_pdbx_struct_sheet_hbond.range_1_label_comp_id 
_pdbx_struct_sheet_hbond.range_1_label_asym_id 
_pdbx_struct_sheet_hbond.range_1_label_seq_id 
_pdbx_struct_sheet_hbond.range_1_PDB_ins_code 
_pdbx_struct_sheet_hbond.range_1_auth_atom_id 
_pdbx_struct_sheet_hbond.range_1_auth_comp_id 
_pdbx_struct_sheet_hbond.range_1_auth_asym_id 
_pdbx_struct_sheet_hbond.range_1_auth_seq_id 
_pdbx_struct_sheet_hbond.range_2_label_atom_id 
_pdbx_struct_sheet_hbond.range_2_label_comp_id 
_pdbx_struct_sheet_hbond.range_2_label_asym_id 
_pdbx_struct_sheet_hbond.range_2_label_seq_id 
_pdbx_struct_sheet_hbond.range_2_PDB_ins_code 
_pdbx_struct_sheet_hbond.range_2_auth_atom_id 
_pdbx_struct_sheet_hbond.range_2_auth_comp_id 
_pdbx_struct_sheet_hbond.range_2_auth_asym_id 
_pdbx_struct_sheet_hbond.range_2_auth_seq_id 
AA1 1 2 N ASN A 44 ? N ASN A 44 O ASP A 52 ? O ASP A 52 
AA1 2 3 N TYR A 53 ? N TYR A 53 O ILE A 58 ? O ILE A 58 
# 
loop_
_struct_site.id 
_struct_site.pdbx_evidence_code 
_struct_site.pdbx_auth_asym_id 
_struct_site.pdbx_auth_comp_id 
_struct_site.pdbx_auth_seq_id 
_struct_site.pdbx_auth_ins_code 
_struct_site.pdbx_num_residues 
_struct_site.details 
AC1 Software A EDO 201 ? 7  'binding site for residue EDO A 201' 
AC2 Software A EDO 202 ? 3  'binding site for residue EDO A 202' 
AC3 Software A NO3 203 ? 6  'binding site for residue NO3 A 203' 
AC4 Software A NO3 204 ? 7  'binding site for residue NO3 A 204' 
AC5 Software A NO3 205 ? 4  'binding site for residue NO3 A 205' 
AC6 Software A NO3 206 ? 9  'binding site for residue NO3 A 206' 
AC7 Software A NO3 207 ? 5  'binding site for residue NO3 A 207' 
AC8 Software A NO3 208 ? 5  'binding site for residue NO3 A 208' 
AC9 Software A NO3 209 ? 6  'binding site for residue NO3 A 209' 
AD1 Software A NO3 210 ? 10 'binding site for residue NO3 A 210' 
AD2 Software A NO3 211 ? 7  'binding site for residue NO3 A 211' 
AD3 Software A NA  212 ? 6  'binding site for residue NA A 212'  
AD4 Software A NA  213 ? 4  'binding site for residue NA A 213'  
AD5 Software A 1PT 214 ? 3  'binding site for residue 1PT A 214' 
AD6 Software A CPT 215 ? 3  'binding site for residue CPT A 215' 
# 
loop_
_struct_site_gen.id 
_struct_site_gen.site_id 
_struct_site_gen.pdbx_num_res 
_struct_site_gen.label_comp_id 
_struct_site_gen.label_asym_id 
_struct_site_gen.label_seq_id 
_struct_site_gen.pdbx_auth_ins_code 
_struct_site_gen.auth_comp_id 
_struct_site_gen.auth_asym_id 
_struct_site_gen.auth_seq_id 
_struct_site_gen.label_atom_id 
_struct_site_gen.label_alt_id 
_struct_site_gen.symmetry 
_struct_site_gen.details 
1  AC1 7  GLN A 57  ? GLN A 57  . ? 1_555 ? 
2  AC1 7  ILE A 58  ? ILE A 58  . ? 1_555 ? 
3  AC1 7  ASN A 59  ? ASN A 59  . ? 1_555 ? 
4  AC1 7  TRP A 63  ? TRP A 63  . ? 1_555 ? 
5  AC1 7  ILE A 98  ? ILE A 98  . ? 1_555 ? 
6  AC1 7  ALA A 107 ? ALA A 107 . ? 1_555 ? 
7  AC1 7  NO3 K .   ? NO3 A 210 . ? 1_555 ? 
8  AC2 3  ALA A 122 ? ALA A 122 . ? 1_555 ? 
9  AC2 3  TRP A 123 ? TRP A 123 . ? 1_555 ? 
10 AC2 3  HOH Q .   ? HOH A 337 . ? 1_555 ? 
11 AC3 6  SER A 24  ? SER A 24  . ? 1_555 ? 
12 AC3 6  LEU A 25  ? LEU A 25  . ? 1_555 ? 
13 AC3 6  GLY A 26  ? GLY A 26  . ? 1_555 ? 
14 AC3 6  GLN A 121 ? GLN A 121 . ? 1_555 ? 
15 AC3 6  ILE A 124 ? ILE A 124 . ? 1_555 ? 
16 AC3 6  HOH Q .   ? HOH A 301 . ? 1_555 ? 
17 AC4 7  ALA A 11  ? ALA A 11  . ? 1_555 ? 
18 AC4 7  ARG A 14  ? ARG A 14  . ? 1_555 ? 
19 AC4 7  HIS A 15  ? HIS A 15  . ? 1_555 ? 
20 AC4 7  SER A 86  ? SER A 86  . ? 1_555 ? 
21 AC4 7  ASP A 87  ? ASP A 87  . ? 1_555 ? 
22 AC4 7  ILE A 88  ? ILE A 88  . ? 1_555 ? 
23 AC4 7  HOH Q .   ? HOH A 324 . ? 1_555 ? 
24 AC5 4  ARG A 5   ? ARG A 5   . ? 1_555 ? 
25 AC5 4  LYS A 33  ? LYS A 33  . ? 1_555 ? 
26 AC5 4  PHE A 38  ? PHE A 38  . ? 1_555 ? 
27 AC5 4  TRP A 123 ? TRP A 123 . ? 1_555 ? 
28 AC6 9  CYS A 64  ? CYS A 64  . ? 1_555 ? 
29 AC6 9  ASN A 65  ? ASN A 65  . ? 1_555 ? 
30 AC6 9  ASP A 66  ? ASP A 66  . ? 1_555 ? 
31 AC6 9  GLY A 67  ? GLY A 67  . ? 1_555 ? 
32 AC6 9  ARG A 68  ? ARG A 68  . ? 1_555 ? 
33 AC6 9  THR A 69  ? THR A 69  . ? 1_555 ? 
34 AC6 9  SER A 72  ? SER A 72  . ? 1_555 ? 
35 AC6 9  HOH Q .   ? HOH A 302 . ? 1_555 ? 
36 AC6 9  HOH Q .   ? HOH A 335 . ? 1_555 ? 
37 AC7 5  VAL A 99  ? VAL A 99  . ? 1_555 ? 
38 AC7 5  GLY A 102 ? GLY A 102 . ? 1_555 ? 
39 AC7 5  ASN A 103 ? ASN A 103 . ? 1_555 ? 
40 AC7 5  GLY A 104 ? GLY A 104 . ? 1_555 ? 
41 AC7 5  NA  N .   ? NA  A 213 . ? 1_555 ? 
42 AC8 5  ASN A 65  ? ASN A 65  . ? 1_555 ? 
43 AC8 5  ASN A 74  ? ASN A 74  . ? 1_555 ? 
44 AC8 5  ASN A 77  ? ASN A 77  . ? 1_555 ? 
45 AC8 5  ILE A 78  ? ILE A 78  . ? 1_555 ? 
46 AC8 5  PRO A 79  ? PRO A 79  . ? 1_555 ? 
47 AC9 6  ALA A 10  ? ALA A 10  . ? 1_555 ? 
48 AC9 6  ALA A 10  ? ALA A 10  . ? 7_554 ? 
49 AC9 6  ALA A 11  ? ALA A 11  . ? 1_555 ? 
50 AC9 6  ALA A 11  ? ALA A 11  . ? 7_554 ? 
51 AC9 6  ARG A 14  ? ARG A 14  . ? 1_555 ? 
52 AC9 6  ARG A 14  ? ARG A 14  . ? 7_554 ? 
53 AD1 10 GLU A 35  ? GLU A 35  . ? 1_555 ? 
54 AD1 10 ASP A 52  ? ASP A 52  . ? 1_555 ? 
55 AD1 10 GLN A 57  ? GLN A 57  . ? 1_555 ? 
56 AD1 10 ALA A 107 ? ALA A 107 . ? 1_555 ? 
57 AD1 10 TRP A 108 ? TRP A 108 . ? 1_555 ? 
58 AD1 10 VAL A 109 ? VAL A 109 . ? 1_555 ? 
59 AD1 10 ALA A 110 ? ALA A 110 . ? 1_555 ? 
60 AD1 10 EDO B .   ? EDO A 201 . ? 1_555 ? 
61 AD1 10 NA  M .   ? NA  A 212 . ? 1_555 ? 
62 AD1 10 HOH Q .   ? HOH A 349 . ? 1_555 ? 
63 AD2 7  CYS A 6   ? CYS A 6   . ? 1_555 ? 
64 AD2 7  ARG A 14  ? ARG A 14  . ? 7_554 ? 
65 AD2 7  GLY A 126 ? GLY A 126 . ? 1_555 ? 
66 AD2 7  CYS A 127 ? CYS A 127 . ? 1_555 ? 
67 AD2 7  ARG A 128 ? ARG A 128 . ? 1_555 ? 
68 AD2 7  CPT P .   ? CPT A 215 . ? 7_554 ? 
69 AD2 7  HOH Q .   ? HOH A 314 . ? 1_555 ? 
70 AD3 6  GLU A 35  ? GLU A 35  . ? 1_555 ? 
71 AD3 6  ASP A 52  ? ASP A 52  . ? 1_555 ? 
72 AD3 6  NO3 K .   ? NO3 A 210 . ? 1_555 ? 
73 AD3 6  HOH Q .   ? HOH A 336 . ? 1_555 ? 
74 AD3 6  HOH Q .   ? HOH A 359 . ? 1_555 ? 
75 AD3 6  HOH Q .   ? HOH A 400 . ? 1_555 ? 
76 AD4 4  TYR A 23  ? TYR A 23  . ? 1_555 ? 
77 AD4 4  ASN A 113 ? ASN A 113 . ? 4_445 ? 
78 AD4 4  NO3 H .   ? NO3 A 207 . ? 1_555 ? 
79 AD4 4  HOH Q .   ? HOH A 395 . ? 1_555 ? 
80 AD5 3  ASP A 119 ? ASP A 119 . ? 1_555 ? 
81 AD5 3  GLN A 121 ? GLN A 121 . ? 1_555 ? 
82 AD5 3  HOH Q .   ? HOH A 332 . ? 1_555 ? 
83 AD6 3  HIS A 15  ? HIS A 15  . ? 1_555 ? 
84 AD6 3  ASN A 93  ? ASN A 93  . ? 1_555 ? 
85 AD6 3  NO3 L .   ? NO3 A 211 . ? 7_554 ? 
# 
_pdbx_entry_details.entry_id                   4Z46 
_pdbx_entry_details.compound_details           ? 
_pdbx_entry_details.source_details             ? 
_pdbx_entry_details.nonpolymer_details         ? 
_pdbx_entry_details.sequence_details           ? 
_pdbx_entry_details.has_ligand_of_interest     ? 
_pdbx_entry_details.has_protein_modification   Y 
# 
loop_
_pdbx_validate_symm_contact.id 
_pdbx_validate_symm_contact.PDB_model_num 
_pdbx_validate_symm_contact.auth_atom_id_1 
_pdbx_validate_symm_contact.auth_asym_id_1 
_pdbx_validate_symm_contact.auth_comp_id_1 
_pdbx_validate_symm_contact.auth_seq_id_1 
_pdbx_validate_symm_contact.PDB_ins_code_1 
_pdbx_validate_symm_contact.label_alt_id_1 
_pdbx_validate_symm_contact.site_symmetry_1 
_pdbx_validate_symm_contact.auth_atom_id_2 
_pdbx_validate_symm_contact.auth_asym_id_2 
_pdbx_validate_symm_contact.auth_comp_id_2 
_pdbx_validate_symm_contact.auth_seq_id_2 
_pdbx_validate_symm_contact.PDB_ins_code_2 
_pdbx_validate_symm_contact.label_alt_id_2 
_pdbx_validate_symm_contact.site_symmetry_2 
_pdbx_validate_symm_contact.dist 
1 1 O   A HOH 374 ? ? 1_555 O   A HOH 374 ? ? 8_554 2.18 
2 1 OXT A LEU 129 ? ? 1_555 OXT A LEU 129 ? ? 7_554 2.18 
3 1 O   A HOH 321 ? ? 1_555 O   A HOH 393 ? ? 4_445 2.19 
# 
_pdbx_validate_rmsd_bond.id                        1 
_pdbx_validate_rmsd_bond.PDB_model_num             1 
_pdbx_validate_rmsd_bond.auth_atom_id_1            CB 
_pdbx_validate_rmsd_bond.auth_asym_id_1            A 
_pdbx_validate_rmsd_bond.auth_comp_id_1            TRP 
_pdbx_validate_rmsd_bond.auth_seq_id_1             62 
_pdbx_validate_rmsd_bond.PDB_ins_code_1            ? 
_pdbx_validate_rmsd_bond.label_alt_id_1            ? 
_pdbx_validate_rmsd_bond.auth_atom_id_2            CG 
_pdbx_validate_rmsd_bond.auth_asym_id_2            A 
_pdbx_validate_rmsd_bond.auth_comp_id_2            TRP 
_pdbx_validate_rmsd_bond.auth_seq_id_2             62 
_pdbx_validate_rmsd_bond.PDB_ins_code_2            ? 
_pdbx_validate_rmsd_bond.label_alt_id_2            ? 
_pdbx_validate_rmsd_bond.bond_value                1.358 
_pdbx_validate_rmsd_bond.bond_target_value         1.498 
_pdbx_validate_rmsd_bond.bond_deviation            -0.140 
_pdbx_validate_rmsd_bond.bond_standard_deviation   0.018 
_pdbx_validate_rmsd_bond.linker_flag               N 
# 
_pdbx_validate_rmsd_angle.id                         1 
_pdbx_validate_rmsd_angle.PDB_model_num              1 
_pdbx_validate_rmsd_angle.auth_atom_id_1             CB 
_pdbx_validate_rmsd_angle.auth_asym_id_1             A 
_pdbx_validate_rmsd_angle.auth_comp_id_1             ASP 
_pdbx_validate_rmsd_angle.auth_seq_id_1              18 
_pdbx_validate_rmsd_angle.PDB_ins_code_1             ? 
_pdbx_validate_rmsd_angle.label_alt_id_1             ? 
_pdbx_validate_rmsd_angle.auth_atom_id_2             CG 
_pdbx_validate_rmsd_angle.auth_asym_id_2             A 
_pdbx_validate_rmsd_angle.auth_comp_id_2             ASP 
_pdbx_validate_rmsd_angle.auth_seq_id_2              18 
_pdbx_validate_rmsd_angle.PDB_ins_code_2             ? 
_pdbx_validate_rmsd_angle.label_alt_id_2             ? 
_pdbx_validate_rmsd_angle.auth_atom_id_3             OD1 
_pdbx_validate_rmsd_angle.auth_asym_id_3             A 
_pdbx_validate_rmsd_angle.auth_comp_id_3             ASP 
_pdbx_validate_rmsd_angle.auth_seq_id_3              18 
_pdbx_validate_rmsd_angle.PDB_ins_code_3             ? 
_pdbx_validate_rmsd_angle.label_alt_id_3             ? 
_pdbx_validate_rmsd_angle.angle_value                124.25 
_pdbx_validate_rmsd_angle.angle_target_value         118.30 
_pdbx_validate_rmsd_angle.angle_deviation            5.95 
_pdbx_validate_rmsd_angle.angle_standard_deviation   0.90 
_pdbx_validate_rmsd_angle.linker_flag                N 
# 
_pdbx_validate_torsion.id              1 
_pdbx_validate_torsion.PDB_model_num   1 
_pdbx_validate_torsion.auth_comp_id    ARG 
_pdbx_validate_torsion.auth_asym_id    A 
_pdbx_validate_torsion.auth_seq_id     68 
_pdbx_validate_torsion.PDB_ins_code    ? 
_pdbx_validate_torsion.label_alt_id    ? 
_pdbx_validate_torsion.phi             -146.35 
_pdbx_validate_torsion.psi             17.15 
# 
loop_
_pdbx_struct_special_symmetry.id 
_pdbx_struct_special_symmetry.PDB_model_num 
_pdbx_struct_special_symmetry.auth_asym_id 
_pdbx_struct_special_symmetry.auth_comp_id 
_pdbx_struct_special_symmetry.auth_seq_id 
_pdbx_struct_special_symmetry.PDB_ins_code 
_pdbx_struct_special_symmetry.label_asym_id 
_pdbx_struct_special_symmetry.label_comp_id 
_pdbx_struct_special_symmetry.label_seq_id 
1 1 A NO3 209 ? J NO3 . 
2 1 A NO3 209 ? J NO3 . 
3 1 A HOH 358 ? Q HOH . 
4 1 A HOH 427 ? Q HOH . 
# 
loop_
_chem_comp_atom.comp_id 
_chem_comp_atom.atom_id 
_chem_comp_atom.type_symbol 
_chem_comp_atom.pdbx_aromatic_flag 
_chem_comp_atom.pdbx_stereo_config 
_chem_comp_atom.pdbx_ordinal 
1PT PT   PT N N 1   
1PT N1   N  N N 2   
1PT N2   N  N N 3   
1PT C1   C  N R 4   
1PT C2   C  N R 5   
1PT C3   C  N N 6   
1PT C4   C  N N 7   
1PT C5   C  N N 8   
1PT C6   C  N N 9   
1PT H11  H  N N 10  
1PT H12  H  N N 11  
1PT H21  H  N N 12  
1PT H22  H  N N 13  
1PT H1   H  N N 14  
1PT H2   H  N N 15  
1PT H31  H  N N 16  
1PT H32  H  N N 17  
1PT H41  H  N N 18  
1PT H42  H  N N 19  
1PT H51  H  N N 20  
1PT H52  H  N N 21  
1PT H61  H  N N 22  
1PT H62  H  N N 23  
ALA N    N  N N 24  
ALA CA   C  N S 25  
ALA C    C  N N 26  
ALA O    O  N N 27  
ALA CB   C  N N 28  
ALA OXT  O  N N 29  
ALA H    H  N N 30  
ALA H2   H  N N 31  
ALA HA   H  N N 32  
ALA HB1  H  N N 33  
ALA HB2  H  N N 34  
ALA HB3  H  N N 35  
ALA HXT  H  N N 36  
ARG N    N  N N 37  
ARG CA   C  N S 38  
ARG C    C  N N 39  
ARG O    O  N N 40  
ARG CB   C  N N 41  
ARG CG   C  N N 42  
ARG CD   C  N N 43  
ARG NE   N  N N 44  
ARG CZ   C  N N 45  
ARG NH1  N  N N 46  
ARG NH2  N  N N 47  
ARG OXT  O  N N 48  
ARG H    H  N N 49  
ARG H2   H  N N 50  
ARG HA   H  N N 51  
ARG HB2  H  N N 52  
ARG HB3  H  N N 53  
ARG HG2  H  N N 54  
ARG HG3  H  N N 55  
ARG HD2  H  N N 56  
ARG HD3  H  N N 57  
ARG HE   H  N N 58  
ARG HH11 H  N N 59  
ARG HH12 H  N N 60  
ARG HH21 H  N N 61  
ARG HH22 H  N N 62  
ARG HXT  H  N N 63  
ASN N    N  N N 64  
ASN CA   C  N S 65  
ASN C    C  N N 66  
ASN O    O  N N 67  
ASN CB   C  N N 68  
ASN CG   C  N N 69  
ASN OD1  O  N N 70  
ASN ND2  N  N N 71  
ASN OXT  O  N N 72  
ASN H    H  N N 73  
ASN H2   H  N N 74  
ASN HA   H  N N 75  
ASN HB2  H  N N 76  
ASN HB3  H  N N 77  
ASN HD21 H  N N 78  
ASN HD22 H  N N 79  
ASN HXT  H  N N 80  
ASP N    N  N N 81  
ASP CA   C  N S 82  
ASP C    C  N N 83  
ASP O    O  N N 84  
ASP CB   C  N N 85  
ASP CG   C  N N 86  
ASP OD1  O  N N 87  
ASP OD2  O  N N 88  
ASP OXT  O  N N 89  
ASP H    H  N N 90  
ASP H2   H  N N 91  
ASP HA   H  N N 92  
ASP HB2  H  N N 93  
ASP HB3  H  N N 94  
ASP HD2  H  N N 95  
ASP HXT  H  N N 96  
CPT PT1  PT N N 97  
CPT N1   N  N N 98  
CPT N2   N  N N 99  
CPT H11  H  N N 100 
CPT H12  H  N N 101 
CPT H21  H  N N 102 
CPT H22  H  N N 103 
CPT CL2  CL N N 104 
CPT CL1  CL N N 105 
CPT H13  H  N N 106 
CPT H23  H  N N 107 
CYS N    N  N N 108 
CYS CA   C  N R 109 
CYS C    C  N N 110 
CYS O    O  N N 111 
CYS CB   C  N N 112 
CYS SG   S  N N 113 
CYS OXT  O  N N 114 
CYS H    H  N N 115 
CYS H2   H  N N 116 
CYS HA   H  N N 117 
CYS HB2  H  N N 118 
CYS HB3  H  N N 119 
CYS HG   H  N N 120 
CYS HXT  H  N N 121 
EDO C1   C  N N 122 
EDO O1   O  N N 123 
EDO C2   C  N N 124 
EDO O2   O  N N 125 
EDO H11  H  N N 126 
EDO H12  H  N N 127 
EDO HO1  H  N N 128 
EDO H21  H  N N 129 
EDO H22  H  N N 130 
EDO HO2  H  N N 131 
GLN N    N  N N 132 
GLN CA   C  N S 133 
GLN C    C  N N 134 
GLN O    O  N N 135 
GLN CB   C  N N 136 
GLN CG   C  N N 137 
GLN CD   C  N N 138 
GLN OE1  O  N N 139 
GLN NE2  N  N N 140 
GLN OXT  O  N N 141 
GLN H    H  N N 142 
GLN H2   H  N N 143 
GLN HA   H  N N 144 
GLN HB2  H  N N 145 
GLN HB3  H  N N 146 
GLN HG2  H  N N 147 
GLN HG3  H  N N 148 
GLN HE21 H  N N 149 
GLN HE22 H  N N 150 
GLN HXT  H  N N 151 
GLU N    N  N N 152 
GLU CA   C  N S 153 
GLU C    C  N N 154 
GLU O    O  N N 155 
GLU CB   C  N N 156 
GLU CG   C  N N 157 
GLU CD   C  N N 158 
GLU OE1  O  N N 159 
GLU OE2  O  N N 160 
GLU OXT  O  N N 161 
GLU H    H  N N 162 
GLU H2   H  N N 163 
GLU HA   H  N N 164 
GLU HB2  H  N N 165 
GLU HB3  H  N N 166 
GLU HG2  H  N N 167 
GLU HG3  H  N N 168 
GLU HE2  H  N N 169 
GLU HXT  H  N N 170 
GLY N    N  N N 171 
GLY CA   C  N N 172 
GLY C    C  N N 173 
GLY O    O  N N 174 
GLY OXT  O  N N 175 
GLY H    H  N N 176 
GLY H2   H  N N 177 
GLY HA2  H  N N 178 
GLY HA3  H  N N 179 
GLY HXT  H  N N 180 
HIS N    N  N N 181 
HIS CA   C  N S 182 
HIS C    C  N N 183 
HIS O    O  N N 184 
HIS CB   C  N N 185 
HIS CG   C  Y N 186 
HIS ND1  N  Y N 187 
HIS CD2  C  Y N 188 
HIS CE1  C  Y N 189 
HIS NE2  N  Y N 190 
HIS OXT  O  N N 191 
HIS H    H  N N 192 
HIS H2   H  N N 193 
HIS HA   H  N N 194 
HIS HB2  H  N N 195 
HIS HB3  H  N N 196 
HIS HD1  H  N N 197 
HIS HD2  H  N N 198 
HIS HE1  H  N N 199 
HIS HE2  H  N N 200 
HIS HXT  H  N N 201 
HOH O    O  N N 202 
HOH H1   H  N N 203 
HOH H2   H  N N 204 
ILE N    N  N N 205 
ILE CA   C  N S 206 
ILE C    C  N N 207 
ILE O    O  N N 208 
ILE CB   C  N S 209 
ILE CG1  C  N N 210 
ILE CG2  C  N N 211 
ILE CD1  C  N N 212 
ILE OXT  O  N N 213 
ILE H    H  N N 214 
ILE H2   H  N N 215 
ILE HA   H  N N 216 
ILE HB   H  N N 217 
ILE HG12 H  N N 218 
ILE HG13 H  N N 219 
ILE HG21 H  N N 220 
ILE HG22 H  N N 221 
ILE HG23 H  N N 222 
ILE HD11 H  N N 223 
ILE HD12 H  N N 224 
ILE HD13 H  N N 225 
ILE HXT  H  N N 226 
LEU N    N  N N 227 
LEU CA   C  N S 228 
LEU C    C  N N 229 
LEU O    O  N N 230 
LEU CB   C  N N 231 
LEU CG   C  N N 232 
LEU CD1  C  N N 233 
LEU CD2  C  N N 234 
LEU OXT  O  N N 235 
LEU H    H  N N 236 
LEU H2   H  N N 237 
LEU HA   H  N N 238 
LEU HB2  H  N N 239 
LEU HB3  H  N N 240 
LEU HG   H  N N 241 
LEU HD11 H  N N 242 
LEU HD12 H  N N 243 
LEU HD13 H  N N 244 
LEU HD21 H  N N 245 
LEU HD22 H  N N 246 
LEU HD23 H  N N 247 
LEU HXT  H  N N 248 
LYS N    N  N N 249 
LYS CA   C  N S 250 
LYS C    C  N N 251 
LYS O    O  N N 252 
LYS CB   C  N N 253 
LYS CG   C  N N 254 
LYS CD   C  N N 255 
LYS CE   C  N N 256 
LYS NZ   N  N N 257 
LYS OXT  O  N N 258 
LYS H    H  N N 259 
LYS H2   H  N N 260 
LYS HA   H  N N 261 
LYS HB2  H  N N 262 
LYS HB3  H  N N 263 
LYS HG2  H  N N 264 
LYS HG3  H  N N 265 
LYS HD2  H  N N 266 
LYS HD3  H  N N 267 
LYS HE2  H  N N 268 
LYS HE3  H  N N 269 
LYS HZ1  H  N N 270 
LYS HZ2  H  N N 271 
LYS HZ3  H  N N 272 
LYS HXT  H  N N 273 
MET N    N  N N 274 
MET CA   C  N S 275 
MET C    C  N N 276 
MET O    O  N N 277 
MET CB   C  N N 278 
MET CG   C  N N 279 
MET SD   S  N N 280 
MET CE   C  N N 281 
MET OXT  O  N N 282 
MET H    H  N N 283 
MET H2   H  N N 284 
MET HA   H  N N 285 
MET HB2  H  N N 286 
MET HB3  H  N N 287 
MET HG2  H  N N 288 
MET HG3  H  N N 289 
MET HE1  H  N N 290 
MET HE2  H  N N 291 
MET HE3  H  N N 292 
MET HXT  H  N N 293 
NA  NA   NA N N 294 
NO3 N    N  N N 295 
NO3 O1   O  N N 296 
NO3 O2   O  N N 297 
NO3 O3   O  N N 298 
PHE N    N  N N 299 
PHE CA   C  N S 300 
PHE C    C  N N 301 
PHE O    O  N N 302 
PHE CB   C  N N 303 
PHE CG   C  Y N 304 
PHE CD1  C  Y N 305 
PHE CD2  C  Y N 306 
PHE CE1  C  Y N 307 
PHE CE2  C  Y N 308 
PHE CZ   C  Y N 309 
PHE OXT  O  N N 310 
PHE H    H  N N 311 
PHE H2   H  N N 312 
PHE HA   H  N N 313 
PHE HB2  H  N N 314 
PHE HB3  H  N N 315 
PHE HD1  H  N N 316 
PHE HD2  H  N N 317 
PHE HE1  H  N N 318 
PHE HE2  H  N N 319 
PHE HZ   H  N N 320 
PHE HXT  H  N N 321 
PRO N    N  N N 322 
PRO CA   C  N S 323 
PRO C    C  N N 324 
PRO O    O  N N 325 
PRO CB   C  N N 326 
PRO CG   C  N N 327 
PRO CD   C  N N 328 
PRO OXT  O  N N 329 
PRO H    H  N N 330 
PRO HA   H  N N 331 
PRO HB2  H  N N 332 
PRO HB3  H  N N 333 
PRO HG2  H  N N 334 
PRO HG3  H  N N 335 
PRO HD2  H  N N 336 
PRO HD3  H  N N 337 
PRO HXT  H  N N 338 
SER N    N  N N 339 
SER CA   C  N S 340 
SER C    C  N N 341 
SER O    O  N N 342 
SER CB   C  N N 343 
SER OG   O  N N 344 
SER OXT  O  N N 345 
SER H    H  N N 346 
SER H2   H  N N 347 
SER HA   H  N N 348 
SER HB2  H  N N 349 
SER HB3  H  N N 350 
SER HG   H  N N 351 
SER HXT  H  N N 352 
THR N    N  N N 353 
THR CA   C  N S 354 
THR C    C  N N 355 
THR O    O  N N 356 
THR CB   C  N R 357 
THR OG1  O  N N 358 
THR CG2  C  N N 359 
THR OXT  O  N N 360 
THR H    H  N N 361 
THR H2   H  N N 362 
THR HA   H  N N 363 
THR HB   H  N N 364 
THR HG1  H  N N 365 
THR HG21 H  N N 366 
THR HG22 H  N N 367 
THR HG23 H  N N 368 
THR HXT  H  N N 369 
TRP N    N  N N 370 
TRP CA   C  N S 371 
TRP C    C  N N 372 
TRP O    O  N N 373 
TRP CB   C  N N 374 
TRP CG   C  Y N 375 
TRP CD1  C  Y N 376 
TRP CD2  C  Y N 377 
TRP NE1  N  Y N 378 
TRP CE2  C  Y N 379 
TRP CE3  C  Y N 380 
TRP CZ2  C  Y N 381 
TRP CZ3  C  Y N 382 
TRP CH2  C  Y N 383 
TRP OXT  O  N N 384 
TRP H    H  N N 385 
TRP H2   H  N N 386 
TRP HA   H  N N 387 
TRP HB2  H  N N 388 
TRP HB3  H  N N 389 
TRP HD1  H  N N 390 
TRP HE1  H  N N 391 
TRP HE3  H  N N 392 
TRP HZ2  H  N N 393 
TRP HZ3  H  N N 394 
TRP HH2  H  N N 395 
TRP HXT  H  N N 396 
TYR N    N  N N 397 
TYR CA   C  N S 398 
TYR C    C  N N 399 
TYR O    O  N N 400 
TYR CB   C  N N 401 
TYR CG   C  Y N 402 
TYR CD1  C  Y N 403 
TYR CD2  C  Y N 404 
TYR CE1  C  Y N 405 
TYR CE2  C  Y N 406 
TYR CZ   C  Y N 407 
TYR OH   O  N N 408 
TYR OXT  O  N N 409 
TYR H    H  N N 410 
TYR H2   H  N N 411 
TYR HA   H  N N 412 
TYR HB2  H  N N 413 
TYR HB3  H  N N 414 
TYR HD1  H  N N 415 
TYR HD2  H  N N 416 
TYR HE1  H  N N 417 
TYR HE2  H  N N 418 
TYR HH   H  N N 419 
TYR HXT  H  N N 420 
VAL N    N  N N 421 
VAL CA   C  N S 422 
VAL C    C  N N 423 
VAL O    O  N N 424 
VAL CB   C  N N 425 
VAL CG1  C  N N 426 
VAL CG2  C  N N 427 
VAL OXT  O  N N 428 
VAL H    H  N N 429 
VAL H2   H  N N 430 
VAL HA   H  N N 431 
VAL HB   H  N N 432 
VAL HG11 H  N N 433 
VAL HG12 H  N N 434 
VAL HG13 H  N N 435 
VAL HG21 H  N N 436 
VAL HG22 H  N N 437 
VAL HG23 H  N N 438 
VAL HXT  H  N N 439 
# 
loop_
_chem_comp_bond.comp_id 
_chem_comp_bond.atom_id_1 
_chem_comp_bond.atom_id_2 
_chem_comp_bond.value_order 
_chem_comp_bond.pdbx_aromatic_flag 
_chem_comp_bond.pdbx_stereo_config 
_chem_comp_bond.pdbx_ordinal 
1PT PT  N1   sing N N 1   
1PT PT  N2   sing N N 2   
1PT N1  C1   sing N N 3   
1PT N1  H11  sing N N 4   
1PT N1  H12  sing N N 5   
1PT N2  C2   sing N N 6   
1PT N2  H21  sing N N 7   
1PT N2  H22  sing N N 8   
1PT C1  C2   sing N N 9   
1PT C1  C6   sing N N 10  
1PT C1  H1   sing N N 11  
1PT C2  C3   sing N N 12  
1PT C2  H2   sing N N 13  
1PT C3  C4   sing N N 14  
1PT C3  H31  sing N N 15  
1PT C3  H32  sing N N 16  
1PT C4  C5   sing N N 17  
1PT C4  H41  sing N N 18  
1PT C4  H42  sing N N 19  
1PT C5  C6   sing N N 20  
1PT C5  H51  sing N N 21  
1PT C5  H52  sing N N 22  
1PT C6  H61  sing N N 23  
1PT C6  H62  sing N N 24  
ALA N   CA   sing N N 25  
ALA N   H    sing N N 26  
ALA N   H2   sing N N 27  
ALA CA  C    sing N N 28  
ALA CA  CB   sing N N 29  
ALA CA  HA   sing N N 30  
ALA C   O    doub N N 31  
ALA C   OXT  sing N N 32  
ALA CB  HB1  sing N N 33  
ALA CB  HB2  sing N N 34  
ALA CB  HB3  sing N N 35  
ALA OXT HXT  sing N N 36  
ARG N   CA   sing N N 37  
ARG N   H    sing N N 38  
ARG N   H2   sing N N 39  
ARG CA  C    sing N N 40  
ARG CA  CB   sing N N 41  
ARG CA  HA   sing N N 42  
ARG C   O    doub N N 43  
ARG C   OXT  sing N N 44  
ARG CB  CG   sing N N 45  
ARG CB  HB2  sing N N 46  
ARG CB  HB3  sing N N 47  
ARG CG  CD   sing N N 48  
ARG CG  HG2  sing N N 49  
ARG CG  HG3  sing N N 50  
ARG CD  NE   sing N N 51  
ARG CD  HD2  sing N N 52  
ARG CD  HD3  sing N N 53  
ARG NE  CZ   sing N N 54  
ARG NE  HE   sing N N 55  
ARG CZ  NH1  sing N N 56  
ARG CZ  NH2  doub N N 57  
ARG NH1 HH11 sing N N 58  
ARG NH1 HH12 sing N N 59  
ARG NH2 HH21 sing N N 60  
ARG NH2 HH22 sing N N 61  
ARG OXT HXT  sing N N 62  
ASN N   CA   sing N N 63  
ASN N   H    sing N N 64  
ASN N   H2   sing N N 65  
ASN CA  C    sing N N 66  
ASN CA  CB   sing N N 67  
ASN CA  HA   sing N N 68  
ASN C   O    doub N N 69  
ASN C   OXT  sing N N 70  
ASN CB  CG   sing N N 71  
ASN CB  HB2  sing N N 72  
ASN CB  HB3  sing N N 73  
ASN CG  OD1  doub N N 74  
ASN CG  ND2  sing N N 75  
ASN ND2 HD21 sing N N 76  
ASN ND2 HD22 sing N N 77  
ASN OXT HXT  sing N N 78  
ASP N   CA   sing N N 79  
ASP N   H    sing N N 80  
ASP N   H2   sing N N 81  
ASP CA  C    sing N N 82  
ASP CA  CB   sing N N 83  
ASP CA  HA   sing N N 84  
ASP C   O    doub N N 85  
ASP C   OXT  sing N N 86  
ASP CB  CG   sing N N 87  
ASP CB  HB2  sing N N 88  
ASP CB  HB3  sing N N 89  
ASP CG  OD1  doub N N 90  
ASP CG  OD2  sing N N 91  
ASP OD2 HD2  sing N N 92  
ASP OXT HXT  sing N N 93  
CPT PT1 N1   sing N N 94  
CPT PT1 N2   sing N N 95  
CPT N1  H11  sing N N 96  
CPT N1  H12  sing N N 97  
CPT N1  H13  sing N N 98  
CPT N2  H21  sing N N 99  
CPT N2  H22  sing N N 100 
CPT N2  H23  sing N N 101 
CPT CL2 PT1  sing N N 102 
CPT CL1 PT1  sing N N 103 
CYS N   CA   sing N N 104 
CYS N   H    sing N N 105 
CYS N   H2   sing N N 106 
CYS CA  C    sing N N 107 
CYS CA  CB   sing N N 108 
CYS CA  HA   sing N N 109 
CYS C   O    doub N N 110 
CYS C   OXT  sing N N 111 
CYS CB  SG   sing N N 112 
CYS CB  HB2  sing N N 113 
CYS CB  HB3  sing N N 114 
CYS SG  HG   sing N N 115 
CYS OXT HXT  sing N N 116 
EDO C1  O1   sing N N 117 
EDO C1  C2   sing N N 118 
EDO C1  H11  sing N N 119 
EDO C1  H12  sing N N 120 
EDO O1  HO1  sing N N 121 
EDO C2  O2   sing N N 122 
EDO C2  H21  sing N N 123 
EDO C2  H22  sing N N 124 
EDO O2  HO2  sing N N 125 
GLN N   CA   sing N N 126 
GLN N   H    sing N N 127 
GLN N   H2   sing N N 128 
GLN CA  C    sing N N 129 
GLN CA  CB   sing N N 130 
GLN CA  HA   sing N N 131 
GLN C   O    doub N N 132 
GLN C   OXT  sing N N 133 
GLN CB  CG   sing N N 134 
GLN CB  HB2  sing N N 135 
GLN CB  HB3  sing N N 136 
GLN CG  CD   sing N N 137 
GLN CG  HG2  sing N N 138 
GLN CG  HG3  sing N N 139 
GLN CD  OE1  doub N N 140 
GLN CD  NE2  sing N N 141 
GLN NE2 HE21 sing N N 142 
GLN NE2 HE22 sing N N 143 
GLN OXT HXT  sing N N 144 
GLU N   CA   sing N N 145 
GLU N   H    sing N N 146 
GLU N   H2   sing N N 147 
GLU CA  C    sing N N 148 
GLU CA  CB   sing N N 149 
GLU CA  HA   sing N N 150 
GLU C   O    doub N N 151 
GLU C   OXT  sing N N 152 
GLU CB  CG   sing N N 153 
GLU CB  HB2  sing N N 154 
GLU CB  HB3  sing N N 155 
GLU CG  CD   sing N N 156 
GLU CG  HG2  sing N N 157 
GLU CG  HG3  sing N N 158 
GLU CD  OE1  doub N N 159 
GLU CD  OE2  sing N N 160 
GLU OE2 HE2  sing N N 161 
GLU OXT HXT  sing N N 162 
GLY N   CA   sing N N 163 
GLY N   H    sing N N 164 
GLY N   H2   sing N N 165 
GLY CA  C    sing N N 166 
GLY CA  HA2  sing N N 167 
GLY CA  HA3  sing N N 168 
GLY C   O    doub N N 169 
GLY C   OXT  sing N N 170 
GLY OXT HXT  sing N N 171 
HIS N   CA   sing N N 172 
HIS N   H    sing N N 173 
HIS N   H2   sing N N 174 
HIS CA  C    sing N N 175 
HIS CA  CB   sing N N 176 
HIS CA  HA   sing N N 177 
HIS C   O    doub N N 178 
HIS C   OXT  sing N N 179 
HIS CB  CG   sing N N 180 
HIS CB  HB2  sing N N 181 
HIS CB  HB3  sing N N 182 
HIS CG  ND1  sing Y N 183 
HIS CG  CD2  doub Y N 184 
HIS ND1 CE1  doub Y N 185 
HIS ND1 HD1  sing N N 186 
HIS CD2 NE2  sing Y N 187 
HIS CD2 HD2  sing N N 188 
HIS CE1 NE2  sing Y N 189 
HIS CE1 HE1  sing N N 190 
HIS NE2 HE2  sing N N 191 
HIS OXT HXT  sing N N 192 
HOH O   H1   sing N N 193 
HOH O   H2   sing N N 194 
ILE N   CA   sing N N 195 
ILE N   H    sing N N 196 
ILE N   H2   sing N N 197 
ILE CA  C    sing N N 198 
ILE CA  CB   sing N N 199 
ILE CA  HA   sing N N 200 
ILE C   O    doub N N 201 
ILE C   OXT  sing N N 202 
ILE CB  CG1  sing N N 203 
ILE CB  CG2  sing N N 204 
ILE CB  HB   sing N N 205 
ILE CG1 CD1  sing N N 206 
ILE CG1 HG12 sing N N 207 
ILE CG1 HG13 sing N N 208 
ILE CG2 HG21 sing N N 209 
ILE CG2 HG22 sing N N 210 
ILE CG2 HG23 sing N N 211 
ILE CD1 HD11 sing N N 212 
ILE CD1 HD12 sing N N 213 
ILE CD1 HD13 sing N N 214 
ILE OXT HXT  sing N N 215 
LEU N   CA   sing N N 216 
LEU N   H    sing N N 217 
LEU N   H2   sing N N 218 
LEU CA  C    sing N N 219 
LEU CA  CB   sing N N 220 
LEU CA  HA   sing N N 221 
LEU C   O    doub N N 222 
LEU C   OXT  sing N N 223 
LEU CB  CG   sing N N 224 
LEU CB  HB2  sing N N 225 
LEU CB  HB3  sing N N 226 
LEU CG  CD1  sing N N 227 
LEU CG  CD2  sing N N 228 
LEU CG  HG   sing N N 229 
LEU CD1 HD11 sing N N 230 
LEU CD1 HD12 sing N N 231 
LEU CD1 HD13 sing N N 232 
LEU CD2 HD21 sing N N 233 
LEU CD2 HD22 sing N N 234 
LEU CD2 HD23 sing N N 235 
LEU OXT HXT  sing N N 236 
LYS N   CA   sing N N 237 
LYS N   H    sing N N 238 
LYS N   H2   sing N N 239 
LYS CA  C    sing N N 240 
LYS CA  CB   sing N N 241 
LYS CA  HA   sing N N 242 
LYS C   O    doub N N 243 
LYS C   OXT  sing N N 244 
LYS CB  CG   sing N N 245 
LYS CB  HB2  sing N N 246 
LYS CB  HB3  sing N N 247 
LYS CG  CD   sing N N 248 
LYS CG  HG2  sing N N 249 
LYS CG  HG3  sing N N 250 
LYS CD  CE   sing N N 251 
LYS CD  HD2  sing N N 252 
LYS CD  HD3  sing N N 253 
LYS CE  NZ   sing N N 254 
LYS CE  HE2  sing N N 255 
LYS CE  HE3  sing N N 256 
LYS NZ  HZ1  sing N N 257 
LYS NZ  HZ2  sing N N 258 
LYS NZ  HZ3  sing N N 259 
LYS OXT HXT  sing N N 260 
MET N   CA   sing N N 261 
MET N   H    sing N N 262 
MET N   H2   sing N N 263 
MET CA  C    sing N N 264 
MET CA  CB   sing N N 265 
MET CA  HA   sing N N 266 
MET C   O    doub N N 267 
MET C   OXT  sing N N 268 
MET CB  CG   sing N N 269 
MET CB  HB2  sing N N 270 
MET CB  HB3  sing N N 271 
MET CG  SD   sing N N 272 
MET CG  HG2  sing N N 273 
MET CG  HG3  sing N N 274 
MET SD  CE   sing N N 275 
MET CE  HE1  sing N N 276 
MET CE  HE2  sing N N 277 
MET CE  HE3  sing N N 278 
MET OXT HXT  sing N N 279 
NO3 N   O1   doub N N 280 
NO3 N   O2   sing N N 281 
NO3 N   O3   sing N N 282 
PHE N   CA   sing N N 283 
PHE N   H    sing N N 284 
PHE N   H2   sing N N 285 
PHE CA  C    sing N N 286 
PHE CA  CB   sing N N 287 
PHE CA  HA   sing N N 288 
PHE C   O    doub N N 289 
PHE C   OXT  sing N N 290 
PHE CB  CG   sing N N 291 
PHE CB  HB2  sing N N 292 
PHE CB  HB3  sing N N 293 
PHE CG  CD1  doub Y N 294 
PHE CG  CD2  sing Y N 295 
PHE CD1 CE1  sing Y N 296 
PHE CD1 HD1  sing N N 297 
PHE CD2 CE2  doub Y N 298 
PHE CD2 HD2  sing N N 299 
PHE CE1 CZ   doub Y N 300 
PHE CE1 HE1  sing N N 301 
PHE CE2 CZ   sing Y N 302 
PHE CE2 HE2  sing N N 303 
PHE CZ  HZ   sing N N 304 
PHE OXT HXT  sing N N 305 
PRO N   CA   sing N N 306 
PRO N   CD   sing N N 307 
PRO N   H    sing N N 308 
PRO CA  C    sing N N 309 
PRO CA  CB   sing N N 310 
PRO CA  HA   sing N N 311 
PRO C   O    doub N N 312 
PRO C   OXT  sing N N 313 
PRO CB  CG   sing N N 314 
PRO CB  HB2  sing N N 315 
PRO CB  HB3  sing N N 316 
PRO CG  CD   sing N N 317 
PRO CG  HG2  sing N N 318 
PRO CG  HG3  sing N N 319 
PRO CD  HD2  sing N N 320 
PRO CD  HD3  sing N N 321 
PRO OXT HXT  sing N N 322 
SER N   CA   sing N N 323 
SER N   H    sing N N 324 
SER N   H2   sing N N 325 
SER CA  C    sing N N 326 
SER CA  CB   sing N N 327 
SER CA  HA   sing N N 328 
SER C   O    doub N N 329 
SER C   OXT  sing N N 330 
SER CB  OG   sing N N 331 
SER CB  HB2  sing N N 332 
SER CB  HB3  sing N N 333 
SER OG  HG   sing N N 334 
SER OXT HXT  sing N N 335 
THR N   CA   sing N N 336 
THR N   H    sing N N 337 
THR N   H2   sing N N 338 
THR CA  C    sing N N 339 
THR CA  CB   sing N N 340 
THR CA  HA   sing N N 341 
THR C   O    doub N N 342 
THR C   OXT  sing N N 343 
THR CB  OG1  sing N N 344 
THR CB  CG2  sing N N 345 
THR CB  HB   sing N N 346 
THR OG1 HG1  sing N N 347 
THR CG2 HG21 sing N N 348 
THR CG2 HG22 sing N N 349 
THR CG2 HG23 sing N N 350 
THR OXT HXT  sing N N 351 
TRP N   CA   sing N N 352 
TRP N   H    sing N N 353 
TRP N   H2   sing N N 354 
TRP CA  C    sing N N 355 
TRP CA  CB   sing N N 356 
TRP CA  HA   sing N N 357 
TRP C   O    doub N N 358 
TRP C   OXT  sing N N 359 
TRP CB  CG   sing N N 360 
TRP CB  HB2  sing N N 361 
TRP CB  HB3  sing N N 362 
TRP CG  CD1  doub Y N 363 
TRP CG  CD2  sing Y N 364 
TRP CD1 NE1  sing Y N 365 
TRP CD1 HD1  sing N N 366 
TRP CD2 CE2  doub Y N 367 
TRP CD2 CE3  sing Y N 368 
TRP NE1 CE2  sing Y N 369 
TRP NE1 HE1  sing N N 370 
TRP CE2 CZ2  sing Y N 371 
TRP CE3 CZ3  doub Y N 372 
TRP CE3 HE3  sing N N 373 
TRP CZ2 CH2  doub Y N 374 
TRP CZ2 HZ2  sing N N 375 
TRP CZ3 CH2  sing Y N 376 
TRP CZ3 HZ3  sing N N 377 
TRP CH2 HH2  sing N N 378 
TRP OXT HXT  sing N N 379 
TYR N   CA   sing N N 380 
TYR N   H    sing N N 381 
TYR N   H2   sing N N 382 
TYR CA  C    sing N N 383 
TYR CA  CB   sing N N 384 
TYR CA  HA   sing N N 385 
TYR C   O    doub N N 386 
TYR C   OXT  sing N N 387 
TYR CB  CG   sing N N 388 
TYR CB  HB2  sing N N 389 
TYR CB  HB3  sing N N 390 
TYR CG  CD1  doub Y N 391 
TYR CG  CD2  sing Y N 392 
TYR CD1 CE1  sing Y N 393 
TYR CD1 HD1  sing N N 394 
TYR CD2 CE2  doub Y N 395 
TYR CD2 HD2  sing N N 396 
TYR CE1 CZ   doub Y N 397 
TYR CE1 HE1  sing N N 398 
TYR CE2 CZ   sing Y N 399 
TYR CE2 HE2  sing N N 400 
TYR CZ  OH   sing N N 401 
TYR OH  HH   sing N N 402 
TYR OXT HXT  sing N N 403 
VAL N   CA   sing N N 404 
VAL N   H    sing N N 405 
VAL N   H2   sing N N 406 
VAL CA  C    sing N N 407 
VAL CA  CB   sing N N 408 
VAL CA  HA   sing N N 409 
VAL C   O    doub N N 410 
VAL C   OXT  sing N N 411 
VAL CB  CG1  sing N N 412 
VAL CB  CG2  sing N N 413 
VAL CB  HB   sing N N 414 
VAL CG1 HG11 sing N N 415 
VAL CG1 HG12 sing N N 416 
VAL CG1 HG13 sing N N 417 
VAL CG2 HG21 sing N N 418 
VAL CG2 HG22 sing N N 419 
VAL CG2 HG23 sing N N 420 
VAL OXT HXT  sing N N 421 
# 
_atom_sites.entry_id                    4Z46 
_atom_sites.fract_transf_matrix[1][1]   0.01152801 
_atom_sites.fract_transf_matrix[1][2]   -0.00064491 
_atom_sites.fract_transf_matrix[1][3]   0.00582902 
_atom_sites.fract_transf_matrix[2][1]   0.00395737 
_atom_sites.fract_transf_matrix[2][2]   0.01034294 
_atom_sites.fract_transf_matrix[2][3]   -0.00668215 
_atom_sites.fract_transf_matrix[3][1]   -0.00896542 
_atom_sites.fract_transf_matrix[3][2]   0.01603139 
_atom_sites.fract_transf_matrix[3][3]   0.01950454 
_atom_sites.fract_transf_vector[1]      -0.254392 
_atom_sites.fract_transf_vector[2]      -0.014627 
_atom_sites.fract_transf_vector[3]      -0.234986 
# 
loop_
_atom_type.symbol 
C  
CL 
N  
NA 
O  
PT 
S  
# 
loop_
_atom_site.group_PDB 
_atom_site.id 
_atom_site.type_symbol 
_atom_site.label_atom_id 
_atom_site.label_alt_id 
_atom_site.label_comp_id 
_atom_site.label_asym_id 
_atom_site.label_entity_id 
_atom_site.label_seq_id 
_atom_site.pdbx_PDB_ins_code 
_atom_site.Cartn_x 
_atom_site.Cartn_y 
_atom_site.Cartn_z 
_atom_site.occupancy 
_atom_site.B_iso_or_equiv 
_atom_site.pdbx_formal_charge 
_atom_site.auth_seq_id 
_atom_site.auth_comp_id 
_atom_site.auth_asym_id 
_atom_site.auth_atom_id 
_atom_site.pdbx_PDB_model_num 
ATOM   1    N  N   . LYS A 1 1   ? 13.373  -3.076  -3.384  1.00 21.80 ? 1   LYS A N   1 
ATOM   2    C  CA  . LYS A 1 1   ? 13.105  -4.460  -3.945  1.00 23.35 ? 1   LYS A CA  1 
ATOM   3    C  C   . LYS A 1 1   ? 11.892  -4.492  -4.883  1.00 21.47 ? 1   LYS A C   1 
ATOM   4    O  O   . LYS A 1 1   ? 10.855  -3.906  -4.597  1.00 20.96 ? 1   LYS A O   1 
ATOM   5    C  CB  . LYS A 1 1   ? 12.853  -5.403  -2.777  1.00 23.83 ? 1   LYS A CB  1 
ATOM   6    C  CG  . LYS A 1 1   ? 12.324  -6.776  -3.166  1.00 27.51 ? 1   LYS A CG  1 
ATOM   7    C  CD  . LYS A 1 1   ? 12.341  -7.695  -1.974  1.00 28.63 ? 1   LYS A CD  1 
ATOM   8    C  CE  . LYS A 1 1   ? 11.777  -9.026  -2.399  1.00 32.60 ? 1   LYS A CE  1 
ATOM   9    N  NZ  . LYS A 1 1   ? 11.688  -9.976  -1.274  1.00 35.21 ? 1   LYS A NZ  1 
ATOM   10   N  N   . VAL A 1 2   ? 12.009  -5.160  -6.006  1.00 19.94 ? 2   VAL A N   1 
ATOM   11   C  CA  . VAL A 1 2   ? 10.848  -5.412  -6.865  1.00 19.98 ? 2   VAL A CA  1 
ATOM   12   C  C   . VAL A 1 2   ? 10.360  -6.861  -6.628  1.00 23.51 ? 2   VAL A C   1 
ATOM   13   O  O   . VAL A 1 2   ? 11.083  -7.876  -6.909  1.00 26.00 ? 2   VAL A O   1 
ATOM   14   C  CB  . VAL A 1 2   ? 11.197  -5.168  -8.355  1.00 20.08 ? 2   VAL A CB  1 
ATOM   15   C  CG1 . VAL A 1 2   ? 10.011  -5.460  -9.234  1.00 24.34 ? 2   VAL A CG1 1 
ATOM   16   C  CG2 . VAL A 1 2   ? 11.636  -3.704  -8.606  1.00 21.47 ? 2   VAL A CG2 1 
ATOM   17   N  N   . PHE A 1 3   ? 9.167   -6.959  -6.045  1.00 22.00 ? 3   PHE A N   1 
ATOM   18   C  CA  . PHE A 1 3   ? 8.552   -8.256  -5.718  1.00 23.01 ? 3   PHE A CA  1 
ATOM   19   C  C   . PHE A 1 3   ? 7.967   -8.871  -6.961  1.00 21.15 ? 3   PHE A C   1 
ATOM   20   O  O   . PHE A 1 3   ? 7.512   -8.175  -7.897  1.00 22.96 ? 3   PHE A O   1 
ATOM   21   C  CB  . PHE A 1 3   ? 7.399   -8.105  -4.767  1.00 23.57 ? 3   PHE A CB  1 
ATOM   22   C  CG  . PHE A 1 3   ? 7.785   -8.023  -3.335  1.00 23.16 ? 3   PHE A CG  1 
ATOM   23   C  CD1 . PHE A 1 3   ? 8.300   -6.843  -2.811  1.00 22.89 ? 3   PHE A CD1 1 
ATOM   24   C  CD2 . PHE A 1 3   ? 7.670   -9.120  -2.511  1.00 20.06 ? 3   PHE A CD2 1 
ATOM   25   C  CE1 . PHE A 1 3   ? 8.682   -6.764  -1.494  1.00 23.60 ? 3   PHE A CE1 1 
ATOM   26   C  CE2 . PHE A 1 3   ? 8.003   -9.025  -1.176  1.00 21.15 ? 3   PHE A CE2 1 
ATOM   27   C  CZ  . PHE A 1 3   ? 8.503   -7.831  -0.655  1.00 23.86 ? 3   PHE A CZ  1 
ATOM   28   N  N   . GLY A 1 4   ? 7.968   -10.204 -6.985  1.00 24.10 ? 4   GLY A N   1 
ATOM   29   C  CA  . GLY A 1 4   ? 7.183   -10.902 -7.970  1.00 22.49 ? 4   GLY A CA  1 
ATOM   30   C  C   . GLY A 1 4   ? 5.726   -10.826 -7.533  1.00 22.34 ? 4   GLY A C   1 
ATOM   31   O  O   . GLY A 1 4   ? 5.428   -10.645 -6.367  1.00 21.76 ? 4   GLY A O   1 
ATOM   32   N  N   . ARG A 1 5   ? 4.815   -10.990 -8.460  1.00 23.69 ? 5   ARG A N   1 
ATOM   33   C  CA  . ARG A 1 5   ? 3.376   -10.896 -8.137  1.00 23.29 ? 5   ARG A CA  1 
ATOM   34   C  C   . ARG A 1 5   ? 2.959   -11.877 -7.004  1.00 25.32 ? 5   ARG A C   1 
ATOM   35   O  O   . ARG A 1 5   ? 2.393   -11.481 -5.965  1.00 22.06 ? 5   ARG A O   1 
ATOM   36   C  CB  . ARG A 1 5   ? 2.582   -11.159 -9.418  1.00 24.01 ? 5   ARG A CB  1 
ATOM   37   C  CG  . ARG A 1 5   ? 1.069   -11.285 -9.210  1.00 25.42 ? 5   ARG A CG  1 
ATOM   38   C  CD  . ARG A 1 5   ? 0.368   -11.366 -10.537 1.00 24.76 ? 5   ARG A CD  1 
ATOM   39   N  NE  . ARG A 1 5   ? 0.644   -12.626 -11.185 1.00 27.32 ? 5   ARG A NE  1 
ATOM   40   C  CZ  . ARG A 1 5   ? 0.023   -13.775 -10.894 1.00 29.47 ? 5   ARG A CZ  1 
ATOM   41   N  NH1 . ARG A 1 5   ? -0.944  -13.847 -9.978  1.00 26.45 ? 5   ARG A NH1 1 
ATOM   42   N  NH2 . ARG A 1 5   ? 0.350   -14.863 -11.552 1.00 32.30 ? 5   ARG A NH2 1 
ATOM   43   N  N   . CYS A 1 6   ? 3.271   -13.174 -7.191  1.00 25.79 ? 6   CYS A N   1 
ATOM   44   C  CA  . CYS A 1 6   ? 2.926   -14.186 -6.211  1.00 24.96 ? 6   CYS A CA  1 
ATOM   45   C  C   . CYS A 1 6   ? 3.776   -14.067 -4.942  1.00 23.42 ? 6   CYS A C   1 
ATOM   46   O  O   . CYS A 1 6   ? 3.325   -14.391 -3.855  1.00 22.09 ? 6   CYS A O   1 
ATOM   47   C  CB  . CYS A 1 6   ? 2.988   -15.626 -6.815  1.00 26.23 ? 6   CYS A CB  1 
ATOM   48   S  SG  . CYS A 1 6   ? 1.779   -15.895 -8.105  1.00 26.26 ? 6   CYS A SG  1 
ATOM   49   N  N   . GLU A 1 7   ? 5.002   -13.552 -5.079  1.00 23.76 ? 7   GLU A N   1 
ATOM   50   C  CA  . GLU A 1 7   ? 5.862   -13.301 -3.946  1.00 20.34 ? 7   GLU A CA  1 
ATOM   51   C  C   . GLU A 1 7   ? 5.241   -12.243 -2.983  1.00 19.73 ? 7   GLU A C   1 
ATOM   52   O  O   . GLU A 1 7   ? 5.140   -12.447 -1.736  1.00 18.71 ? 7   GLU A O   1 
ATOM   53   C  CB  . GLU A 1 7   ? 7.241   -12.834 -4.409  1.00 19.62 ? 7   GLU A CB  1 
ATOM   54   C  CG  . GLU A 1 7   ? 8.227   -12.705 -3.251  1.00 20.04 ? 7   GLU A CG  1 
ATOM   55   C  CD  . GLU A 1 7   ? 9.520   -12.037 -3.647  1.00 23.76 ? 7   GLU A CD  1 
ATOM   56   O  OE1 . GLU A 1 7   ? 9.621   -11.507 -4.794  1.00 24.58 ? 7   GLU A OE1 1 
ATOM   57   O  OE2 . GLU A 1 7   ? 10.427  -12.039 -2.781  1.00 28.45 ? 7   GLU A OE2 1 
ATOM   58   N  N   . LEU A 1 8   ? 4.769   -11.160 -3.592  1.00 18.27 ? 8   LEU A N   1 
ATOM   59   C  CA  . LEU A 1 8   ? 4.117   -10.150 -2.810  1.00 19.76 ? 8   LEU A CA  1 
ATOM   60   C  C   . LEU A 1 8   ? 2.808   -10.672 -2.222  1.00 17.49 ? 8   LEU A C   1 
ATOM   61   O  O   . LEU A 1 8   ? 2.487   -10.357 -1.102  1.00 18.19 ? 8   LEU A O   1 
ATOM   62   C  CB  . LEU A 1 8   ? 3.855   -8.904  -3.690  1.00 18.43 ? 8   LEU A CB  1 
ATOM   63   C  CG  . LEU A 1 8   ? 3.380   -7.669  -2.936  1.00 19.35 ? 8   LEU A CG  1 
ATOM   64   C  CD1 . LEU A 1 8   ? 4.314   -7.229  -1.839  1.00 19.59 ? 8   LEU A CD1 1 
ATOM   65   C  CD2 . LEU A 1 8   ? 3.020   -6.550  -3.937  1.00 23.61 ? 8   LEU A CD2 1 
ATOM   66   N  N   . ALA A 1 9   ? 2.026   -11.412 -3.001  1.00 19.57 ? 9   ALA A N   1 
ATOM   67   C  CA  . ALA A 1 9   ? 0.778   -11.995 -2.481  1.00 19.11 ? 9   ALA A CA  1 
ATOM   68   C  C   . ALA A 1 9   ? 1.066   -12.757 -1.213  1.00 18.90 ? 9   ALA A C   1 
ATOM   69   O  O   . ALA A 1 9   ? 0.402   -12.593 -0.219  1.00 18.64 ? 9   ALA A O   1 
ATOM   70   C  CB  . ALA A 1 9   ? 0.198   -12.901 -3.511  1.00 20.18 ? 9   ALA A CB  1 
ATOM   71   N  N   . ALA A 1 10  ? 2.062   -13.629 -1.280  1.00 21.67 ? 10  ALA A N   1 
ATOM   72   C  CA  . ALA A 1 10  ? 2.441   -14.427 -0.115  1.00 20.45 ? 10  ALA A CA  1 
ATOM   73   C  C   . ALA A 1 10  ? 2.878   -13.597 1.030   1.00 19.97 ? 10  ALA A C   1 
ATOM   74   O  O   . ALA A 1 10  ? 2.406   -13.800 2.203   1.00 21.29 ? 10  ALA A O   1 
ATOM   75   C  CB  . ALA A 1 10  ? 3.493   -15.452 -0.522  1.00 23.12 ? 10  ALA A CB  1 
ATOM   76   N  N   . ALA A 1 11  ? 3.724   -12.572 0.790   1.00 20.61 ? 11  ALA A N   1 
ATOM   77   C  CA  . ALA A 1 11  ? 4.163   -11.702 1.937   1.00 19.28 ? 11  ALA A CA  1 
ATOM   78   C  C   . ALA A 1 11  ? 3.000   -10.970 2.545   1.00 19.66 ? 11  ALA A C   1 
ATOM   79   O  O   . ALA A 1 11  ? 2.854   -10.870 3.741   1.00 21.11 ? 11  ALA A O   1 
ATOM   80   C  CB  . ALA A 1 11  ? 5.242   -10.723 1.508   1.00 20.12 ? 11  ALA A CB  1 
ATOM   81   N  N   . MET A 1 12  ? 2.120   -10.443 1.700   1.00 21.09 ? 12  MET A N   1 
ATOM   82   C  CA  . MET A 1 12  ? 0.926   -9.759  2.173   1.00 21.47 ? 12  MET A CA  1 
ATOM   83   C  C   . MET A 1 12  ? 0.006   -10.672 2.987   1.00 21.64 ? 12  MET A C   1 
ATOM   84   O  O   . MET A 1 12  ? -0.504  -10.241 4.021   1.00 22.65 ? 12  MET A O   1 
ATOM   85   C  CB  . MET A 1 12  ? 0.182   -9.156  0.963   1.00 20.25 ? 12  MET A CB  1 
ATOM   86   C  CG  . MET A 1 12  ? 0.898   -7.956  0.398   1.00 20.91 ? 12  MET A CG  1 
ATOM   87   S  SD  . MET A 1 12  ? -0.109  -7.282  -0.950  1.00 22.30 ? 12  MET A SD  1 
ATOM   88   C  CE  . MET A 1 12  ? 0.343   -5.575  -0.866  1.00 22.82 ? 12  MET A CE  1 
ATOM   89   N  N   A LYS A 1 13  ? -0.160  -11.916 2.540   0.50 23.86 ? 13  LYS A N   1 
ATOM   90   N  N   B LYS A 1 13  ? -0.181  -11.912 2.541   0.50 23.71 ? 13  LYS A N   1 
ATOM   91   C  CA  A LYS A 1 13  ? -1.016  -12.899 3.235   0.50 24.33 ? 13  LYS A CA  1 
ATOM   92   C  CA  B LYS A 1 13  ? -1.025  -12.868 3.283   0.50 23.91 ? 13  LYS A CA  1 
ATOM   93   C  C   A LYS A 1 13  ? -0.409  -13.295 4.596   0.50 25.93 ? 13  LYS A C   1 
ATOM   94   C  C   B LYS A 1 13  ? -0.387  -13.191 4.635   0.50 25.70 ? 13  LYS A C   1 
ATOM   95   O  O   A LYS A 1 13  ? -1.127  -13.387 5.622   0.50 25.12 ? 13  LYS A O   1 
ATOM   96   O  O   B LYS A 1 13  ? -1.053  -13.109 5.696   0.50 24.28 ? 13  LYS A O   1 
ATOM   97   C  CB  A LYS A 1 13  ? -1.211  -14.133 2.342   0.50 25.98 ? 13  LYS A CB  1 
ATOM   98   C  CB  B LYS A 1 13  ? -1.222  -14.152 2.483   0.50 25.29 ? 13  LYS A CB  1 
ATOM   99   C  CG  A LYS A 1 13  ? -2.324  -15.080 2.795   0.50 27.16 ? 13  LYS A CG  1 
ATOM   100  C  CG  B LYS A 1 13  ? -2.047  -15.216 3.215   0.50 25.73 ? 13  LYS A CG  1 
ATOM   101  C  CD  A LYS A 1 13  ? -2.676  -16.113 1.727   0.50 27.92 ? 13  LYS A CD  1 
ATOM   102  C  CD  B LYS A 1 13  ? -2.415  -16.357 2.272   0.50 26.01 ? 13  LYS A CD  1 
ATOM   103  C  CE  A LYS A 1 13  ? -3.747  -17.066 2.264   0.50 28.04 ? 13  LYS A CE  1 
ATOM   104  C  CE  B LYS A 1 13  ? -3.464  -17.278 2.894   0.50 25.63 ? 13  LYS A CE  1 
ATOM   105  N  NZ  A LYS A 1 13  ? -3.809  -18.382 1.574   0.50 28.88 ? 13  LYS A NZ  1 
ATOM   106  N  NZ  B LYS A 1 13  ? -4.512  -16.528 3.642   0.50 26.46 ? 13  LYS A NZ  1 
ATOM   107  N  N   . ARG A 1 14  ? 0.916   -13.502 4.619   1.00 23.20 ? 14  ARG A N   1 
ATOM   108  C  CA  . ARG A 1 14  ? 1.620   -13.791 5.867   1.00 24.12 ? 14  ARG A CA  1 
ATOM   109  C  C   . ARG A 1 14  ? 1.500   -12.663 6.906   1.00 24.72 ? 14  ARG A C   1 
ATOM   110  O  O   . ARG A 1 14  ? 1.436   -12.932 8.098   1.00 25.07 ? 14  ARG A O   1 
ATOM   111  C  CB  . ARG A 1 14  ? 3.097   -14.135 5.618   1.00 24.77 ? 14  ARG A CB  1 
ATOM   112  C  CG  . ARG A 1 14  ? 4.023   -13.752 6.762   1.00 26.54 ? 14  ARG A CG  1 
ATOM   113  C  CD  . ARG A 1 14  ? 5.353   -14.431 6.603   1.00 28.49 ? 14  ARG A CD  1 
ATOM   114  N  NE  . ARG A 1 14  ? 5.965   -14.015 5.357   1.00 26.71 ? 14  ARG A NE  1 
ATOM   115  C  CZ  . ARG A 1 14  ? 6.708   -12.923 5.190   1.00 28.71 ? 14  ARG A CZ  1 
ATOM   116  N  NH1 . ARG A 1 14  ? 6.985   -12.117 6.212   1.00 30.57 ? 14  ARG A NH1 1 
ATOM   117  N  NH2 . ARG A 1 14  ? 7.201   -12.658 3.979   1.00 28.27 ? 14  ARG A NH2 1 
ATOM   118  N  N   . HIS A 1 15  ? 1.456   -11.405 6.431   1.00 24.21 ? 15  HIS A N   1 
ATOM   119  C  CA  . HIS A 1 15  ? 1.307   -10.204 7.249   1.00 23.42 ? 15  HIS A CA  1 
ATOM   120  C  C   . HIS A 1 15  ? -0.154  -9.838  7.556   1.00 25.48 ? 15  HIS A C   1 
ATOM   121  O  O   . HIS A 1 15  ? -0.419  -8.797  8.197   1.00 28.44 ? 15  HIS A O   1 
ATOM   122  C  CB  . HIS A 1 15  ? 1.961   -9.009  6.559   1.00 24.83 ? 15  HIS A CB  1 
ATOM   123  C  CG  . HIS A 1 15  ? 3.444   -8.940  6.744   1.00 25.66 ? 15  HIS A CG  1 
ATOM   124  N  ND1 . HIS A 1 15  ? 4.022   -8.411  7.877   1.00 34.31 ? 15  HIS A ND1 1 
ATOM   125  C  CD2 . HIS A 1 15  ? 4.461   -9.365  5.960   1.00 28.13 ? 15  HIS A CD2 1 
ATOM   126  C  CE1 . HIS A 1 15  ? 5.336   -8.485  7.759   1.00 29.46 ? 15  HIS A CE1 1 
ATOM   127  N  NE2 . HIS A 1 15  ? 5.622   -9.071  6.619   1.00 28.75 ? 15  HIS A NE2 1 
ATOM   128  N  N   . GLY A 1 16  ? -1.098  -10.696 7.139   1.00 24.19 ? 16  GLY A N   1 
ATOM   129  C  CA  . GLY A 1 16  ? -2.484  -10.591 7.607   1.00 28.54 ? 16  GLY A CA  1 
ATOM   130  C  C   . GLY A 1 16  ? -3.413  -9.692  6.791   1.00 27.35 ? 16  GLY A C   1 
ATOM   131  O  O   . GLY A 1 16  ? -4.505  -9.328  7.276   1.00 24.23 ? 16  GLY A O   1 
ATOM   132  N  N   . LEU A 1 17  ? -3.022  -9.383  5.547   1.00 24.10 ? 17  LEU A N   1 
ATOM   133  C  CA  . LEU A 1 17  ? -3.893  -8.557  4.699   1.00 24.46 ? 17  LEU A CA  1 
ATOM   134  C  C   . LEU A 1 17  ? -5.022  -9.302  3.955   1.00 25.58 ? 17  LEU A C   1 
ATOM   135  O  O   . LEU A 1 17  ? -5.975  -8.639  3.546   1.00 26.06 ? 17  LEU A O   1 
ATOM   136  C  CB  . LEU A 1 17  ? -3.061  -7.735  3.701   1.00 25.18 ? 17  LEU A CB  1 
ATOM   137  C  CG  . LEU A 1 17  ? -2.224  -6.609  4.271   1.00 24.28 ? 17  LEU A CG  1 
ATOM   138  C  CD1 . LEU A 1 17  ? -1.543  -5.974  3.051   1.00 24.53 ? 17  LEU A CD1 1 
ATOM   139  C  CD2 . LEU A 1 17  ? -3.027  -5.535  5.019   1.00 25.46 ? 17  LEU A CD2 1 
ATOM   140  N  N   . ASP A 1 18  ? -4.942  -10.628 3.778   1.00 22.07 ? 18  ASP A N   1 
ATOM   141  C  CA  . ASP A 1 18  ? -5.995  -11.379 3.149   1.00 27.28 ? 18  ASP A CA  1 
ATOM   142  C  C   . ASP A 1 18  ? -7.295  -11.243 3.969   1.00 27.07 ? 18  ASP A C   1 
ATOM   143  O  O   . ASP A 1 18  ? -7.368  -11.679 5.098   1.00 24.87 ? 18  ASP A O   1 
ATOM   144  C  CB  . ASP A 1 18  ? -5.643  -12.856 2.959   1.00 28.33 ? 18  ASP A CB  1 
ATOM   145  C  CG  . ASP A 1 18  ? -6.632  -13.616 1.982   1.00 33.22 ? 18  ASP A CG  1 
ATOM   146  O  OD1 . ASP A 1 18  ? -7.421  -13.025 1.137   1.00 26.87 ? 18  ASP A OD1 1 
ATOM   147  O  OD2 . ASP A 1 18  ? -6.568  -14.881 2.032   1.00 38.72 ? 18  ASP A OD2 1 
ATOM   148  N  N   . ASN A 1 19  ? -8.283  -10.579 3.371   1.00 23.43 ? 19  ASN A N   1 
ATOM   149  C  CA  . ASN A 1 19  ? -9.527  -10.209 4.032   1.00 26.67 ? 19  ASN A CA  1 
ATOM   150  C  C   . ASN A 1 19  ? -9.513  -9.316  5.229   1.00 23.67 ? 19  ASN A C   1 
ATOM   151  O  O   . ASN A 1 19  ? -10.498 -9.245  6.008   1.00 24.10 ? 19  ASN A O   1 
ATOM   152  C  CB  . ASN A 1 19  ? -10.338 -11.469 4.291   1.00 31.47 ? 19  ASN A CB  1 
ATOM   153  C  CG  . ASN A 1 19  ? -11.073 -11.858 3.064   1.00 39.04 ? 19  ASN A CG  1 
ATOM   154  O  OD1 . ASN A 1 19  ? -11.820 -11.018 2.522   1.00 38.89 ? 19  ASN A OD1 1 
ATOM   155  N  ND2 . ASN A 1 19  ? -10.784 -13.070 2.519   1.00 44.13 ? 19  ASN A ND2 1 
ATOM   156  N  N   . TYR A 1 20  ? -8.444  -8.537  5.348   1.00 21.33 ? 20  TYR A N   1 
ATOM   157  C  CA  . TYR A 1 20  ? -8.351  -7.560  6.348   1.00 19.57 ? 20  TYR A CA  1 
ATOM   158  C  C   . TYR A 1 20  ? -9.421  -6.489  6.037   1.00 22.67 ? 20  TYR A C   1 
ATOM   159  O  O   . TYR A 1 20  ? -9.399  -5.875  4.965   1.00 19.75 ? 20  TYR A O   1 
ATOM   160  C  CB  . TYR A 1 20  ? -6.938  -6.966  6.405   1.00 20.99 ? 20  TYR A CB  1 
ATOM   161  C  CG  . TYR A 1 20  ? -6.741  -6.067  7.625   1.00 21.35 ? 20  TYR A CG  1 
ATOM   162  C  CD1 . TYR A 1 20  ? -6.331  -6.623  8.843   1.00 24.91 ? 20  TYR A CD1 1 
ATOM   163  C  CD2 . TYR A 1 20  ? -7.012  -4.713  7.590   1.00 20.76 ? 20  TYR A CD2 1 
ATOM   164  C  CE1 . TYR A 1 20  ? -6.214  -5.856  9.985   1.00 23.58 ? 20  TYR A CE1 1 
ATOM   165  C  CE2 . TYR A 1 20  ? -6.913  -3.940  8.721   1.00 22.64 ? 20  TYR A CE2 1 
ATOM   166  C  CZ  . TYR A 1 20  ? -6.478  -4.514  9.893   1.00 25.09 ? 20  TYR A CZ  1 
ATOM   167  O  OH  . TYR A 1 20  ? -6.360  -3.754  10.987  1.00 26.49 ? 20  TYR A OH  1 
ATOM   168  N  N   . ARG A 1 21  ? -10.331 -6.246  6.989   1.00 27.01 ? 21  ARG A N   1 
ATOM   169  C  CA  . ARG A 1 21  ? -11.533 -5.347  6.795   1.00 28.49 ? 21  ARG A CA  1 
ATOM   170  C  C   . ARG A 1 21  ? -12.332 -5.715  5.575   1.00 26.04 ? 21  ARG A C   1 
ATOM   171  O  O   . ARG A 1 21  ? -13.019 -4.859  4.990   1.00 24.52 ? 21  ARG A O   1 
ATOM   172  C  CB  . ARG A 1 21  ? -11.181 -3.857  6.751   1.00 31.55 ? 21  ARG A CB  1 
ATOM   173  C  CG  . ARG A 1 21  ? -10.486 -3.324  7.995   1.00 39.43 ? 21  ARG A CG  1 
ATOM   174  C  CD  . ARG A 1 21  ? -11.189 -3.601  9.311   1.00 44.39 ? 21  ARG A CD  1 
ATOM   175  N  NE  . ARG A 1 21  ? -10.402 -3.061  10.444  1.00 55.17 ? 21  ARG A NE  1 
ATOM   176  C  CZ  . ARG A 1 21  ? -9.858  -3.764  11.456  1.00 57.63 ? 21  ARG A CZ  1 
ATOM   177  N  NH1 . ARG A 1 21  ? -9.977  -5.093  11.542  1.00 66.93 ? 21  ARG A NH1 1 
ATOM   178  N  NH2 . ARG A 1 21  ? -9.158  -3.123  12.400  1.00 55.70 ? 21  ARG A NH2 1 
ATOM   179  N  N   . GLY A 1 22  ? -12.276 -7.008  5.251   1.00 22.96 ? 22  GLY A N   1 
ATOM   180  C  CA  . GLY A 1 22  ? -12.967 -7.643  4.128   1.00 22.62 ? 22  GLY A CA  1 
ATOM   181  C  C   . GLY A 1 22  ? -12.426 -7.512  2.739   1.00 21.03 ? 22  GLY A C   1 
ATOM   182  O  O   . GLY A 1 22  ? -13.108 -7.821  1.786   1.00 19.48 ? 22  GLY A O   1 
ATOM   183  N  N   . TYR A 1 23  ? -11.203 -7.023  2.627   1.00 18.74 ? 23  TYR A N   1 
ATOM   184  C  CA  . TYR A 1 23  ? -10.593 -6.850  1.324   1.00 19.65 ? 23  TYR A CA  1 
ATOM   185  C  C   . TYR A 1 23  ? -9.745  -8.057  1.099   1.00 21.02 ? 23  TYR A C   1 
ATOM   186  O  O   . TYR A 1 23  ? -8.735  -8.220  1.757   1.00 18.66 ? 23  TYR A O   1 
ATOM   187  C  CB  . TYR A 1 23  ? -9.748  -5.556  1.374   1.00 18.33 ? 23  TYR A CB  1 
ATOM   188  C  CG  . TYR A 1 23  ? -10.609 -4.312  1.430   1.00 16.85 ? 23  TYR A CG  1 
ATOM   189  C  CD1 . TYR A 1 23  ? -11.166 -3.782  0.275   1.00 17.84 ? 23  TYR A CD1 1 
ATOM   190  C  CD2 . TYR A 1 23  ? -10.903 -3.695  2.631   1.00 19.27 ? 23  TYR A CD2 1 
ATOM   191  C  CE1 . TYR A 1 23  ? -11.965 -2.658  0.298   1.00 15.87 ? 23  TYR A CE1 1 
ATOM   192  C  CE2 . TYR A 1 23  ? -11.717 -2.556  2.681   1.00 17.87 ? 23  TYR A CE2 1 
ATOM   193  C  CZ  . TYR A 1 23  ? -12.266 -2.051  1.506   1.00 17.08 ? 23  TYR A CZ  1 
ATOM   194  O  OH  . TYR A 1 23  ? -13.040 -0.914  1.496   1.00 17.38 ? 23  TYR A OH  1 
ATOM   195  N  N   . SER A 1 24  ? -10.202 -8.917  0.211   1.00 19.84 ? 24  SER A N   1 
ATOM   196  C  CA  . SER A 1 24  ? -9.479  -10.109 -0.230  1.00 21.85 ? 24  SER A CA  1 
ATOM   197  C  C   . SER A 1 24  ? -8.114  -9.747  -0.763  1.00 20.87 ? 24  SER A C   1 
ATOM   198  O  O   . SER A 1 24  ? -7.863  -8.595  -1.200  1.00 19.11 ? 24  SER A O   1 
ATOM   199  C  CB  . SER A 1 24  ? -10.245 -10.856 -1.328  1.00 23.81 ? 24  SER A CB  1 
ATOM   200  O  OG  . SER A 1 24  ? -10.331 -10.078 -2.543  1.00 24.59 ? 24  SER A OG  1 
ATOM   201  N  N   . LEU A 1 25  ? -7.205  -10.714 -0.663  1.00 18.86 ? 25  LEU A N   1 
ATOM   202  C  CA  . LEU A 1 25  ? -5.793  -10.499 -1.031  1.00 19.94 ? 25  LEU A CA  1 
ATOM   203  C  C   . LEU A 1 25  ? -5.569  -9.884  -2.413  1.00 20.43 ? 25  LEU A C   1 
ATOM   204  O  O   . LEU A 1 25  ? -4.703  -9.014  -2.602  1.00 18.14 ? 25  LEU A O   1 
ATOM   205  C  CB  . LEU A 1 25  ? -5.069  -11.859 -0.899  1.00 20.63 ? 25  LEU A CB  1 
ATOM   206  C  CG  . LEU A 1 25  ? -3.534  -11.866 -1.078  1.00 20.73 ? 25  LEU A CG  1 
ATOM   207  C  CD1 . LEU A 1 25  ? -2.894  -10.945 -0.060  1.00 22.60 ? 25  LEU A CD1 1 
ATOM   208  C  CD2 . LEU A 1 25  ? -2.966  -13.269 -0.867  1.00 22.52 ? 25  LEU A CD2 1 
ATOM   209  N  N   . GLY A 1 26  ? -6.351  -10.337 -3.400  1.00 18.42 ? 26  GLY A N   1 
ATOM   210  C  CA  . GLY A 1 26  ? -6.262  -9.797  -4.729  1.00 19.42 ? 26  GLY A CA  1 
ATOM   211  C  C   . GLY A 1 26  ? -6.492  -8.289  -4.786  1.00 18.03 ? 26  GLY A C   1 
ATOM   212  O  O   . GLY A 1 26  ? -5.884  -7.639  -5.623  1.00 17.60 ? 26  GLY A O   1 
ATOM   213  N  N   . ASN A 1 27  ? -7.338  -7.709  -3.925  1.00 18.59 ? 27  ASN A N   1 
ATOM   214  C  CA  . ASN A 1 27  ? -7.426  -6.247  -3.788  1.00 17.81 ? 27  ASN A CA  1 
ATOM   215  C  C   . ASN A 1 27  ? -6.090  -5.568  -3.468  1.00 19.12 ? 27  ASN A C   1 
ATOM   216  O  O   . ASN A 1 27  ? -5.734  -4.543  -4.038  1.00 16.56 ? 27  ASN A O   1 
ATOM   217  C  CB  . ASN A 1 27  ? -8.439  -5.835  -2.732  1.00 19.99 ? 27  ASN A CB  1 
ATOM   218  C  CG  . ASN A 1 27  ? -9.847  -6.020  -3.240  1.00 21.53 ? 27  ASN A CG  1 
ATOM   219  O  OD1 . ASN A 1 27  ? -10.286 -5.268  -4.107  1.00 18.26 ? 27  ASN A OD1 1 
ATOM   220  N  ND2 . ASN A 1 27  ? -10.505 -7.074  -2.787  1.00 21.57 ? 27  ASN A ND2 1 
ATOM   221  N  N   . TRP A 1 28  ? -5.348  -6.175  -2.565  1.00 17.25 ? 28  TRP A N   1 
ATOM   222  C  CA  . TRP A 1 28  ? -4.098  -5.608  -2.103  1.00 18.02 ? 28  TRP A CA  1 
ATOM   223  C  C   . TRP A 1 28  ? -3.027  -5.722  -3.159  1.00 18.20 ? 28  TRP A C   1 
ATOM   224  O  O   . TRP A 1 28  ? -2.227  -4.781  -3.369  1.00 17.75 ? 28  TRP A O   1 
ATOM   225  C  CB  . TRP A 1 28  ? -3.664  -6.238  -0.755  1.00 17.82 ? 28  TRP A CB  1 
ATOM   226  C  CG  . TRP A 1 28  ? -4.591  -6.013  0.354   1.00 18.26 ? 28  TRP A CG  1 
ATOM   227  C  CD1 . TRP A 1 28  ? -5.533  -6.877  0.846   1.00 18.41 ? 28  TRP A CD1 1 
ATOM   228  C  CD2 . TRP A 1 28  ? -4.767  -4.795  1.071   1.00 17.68 ? 28  TRP A CD2 1 
ATOM   229  N  NE1 . TRP A 1 28  ? -6.264  -6.266  1.824   1.00 16.55 ? 28  TRP A NE1 1 
ATOM   230  C  CE2 . TRP A 1 28  ? -5.791  -5.008  2.018   1.00 17.06 ? 28  TRP A CE2 1 
ATOM   231  C  CE3 . TRP A 1 28  ? -4.142  -3.541  1.021   1.00 16.88 ? 28  TRP A CE3 1 
ATOM   232  C  CZ2 . TRP A 1 28  ? -6.193  -4.022  2.921   1.00 17.06 ? 28  TRP A CZ2 1 
ATOM   233  C  CZ3 . TRP A 1 28  ? -4.547  -2.583  1.919   1.00 17.61 ? 28  TRP A CZ3 1 
ATOM   234  C  CH2 . TRP A 1 28  ? -5.582  -2.832  2.846   1.00 17.90 ? 28  TRP A CH2 1 
ATOM   235  N  N   . VAL A 1 29  ? -2.977  -6.854  -3.834  1.00 18.85 ? 29  VAL A N   1 
ATOM   236  C  CA  . VAL A 1 29  ? -2.028  -7.079  -4.889  1.00 18.81 ? 29  VAL A CA  1 
ATOM   237  C  C   . VAL A 1 29  ? -2.288  -6.145  -6.101  1.00 18.18 ? 29  VAL A C   1 
ATOM   238  O  O   . VAL A 1 29  ? -1.380  -5.480  -6.610  1.00 17.46 ? 29  VAL A O   1 
ATOM   239  C  CB  . VAL A 1 29  ? -2.016  -8.591  -5.309  1.00 17.53 ? 29  VAL A CB  1 
ATOM   240  C  CG1 . VAL A 1 29  ? -1.166  -8.782  -6.542  1.00 18.19 ? 29  VAL A CG1 1 
ATOM   241  C  CG2 . VAL A 1 29  ? -1.515  -9.411  -4.132  1.00 17.58 ? 29  VAL A CG2 1 
ATOM   242  N  N   . CYS A 1 30  ? -3.550  -6.041  -6.464  1.00 17.56 ? 30  CYS A N   1 
ATOM   243  C  CA  . CYS A 1 30  ? -4.012  -5.106  -7.487  1.00 17.31 ? 30  CYS A CA  1 
ATOM   244  C  C   . CYS A 1 30  ? -3.580  -3.673  -7.134  1.00 18.79 ? 30  CYS A C   1 
ATOM   245  O  O   . CYS A 1 30  ? -3.001  -2.993  -7.994  1.00 18.40 ? 30  CYS A O   1 
ATOM   246  C  CB  . CYS A 1 30  ? -5.502  -5.212  -7.655  1.00 18.14 ? 30  CYS A CB  1 
ATOM   247  S  SG  . CYS A 1 30  ? -6.114  -4.195  -9.016  1.00 18.93 ? 30  CYS A SG  1 
ATOM   248  N  N   . ALA A 1 31  ? -3.842  -3.246  -5.898  1.00 17.62 ? 31  ALA A N   1 
ATOM   249  C  CA  . ALA A 1 31  ? -3.449  -1.913  -5.471  1.00 18.67 ? 31  ALA A CA  1 
ATOM   250  C  C   . ALA A 1 31  ? -1.939  -1.706  -5.612  1.00 16.92 ? 31  ALA A C   1 
ATOM   251  O  O   . ALA A 1 31  ? -1.493  -0.692  -6.133  1.00 16.56 ? 31  ALA A O   1 
ATOM   252  C  CB  . ALA A 1 31  ? -3.898  -1.655  -4.064  1.00 17.33 ? 31  ALA A CB  1 
ATOM   253  N  N   . ALA A 1 32  ? -1.164  -2.672  -5.155  1.00 16.26 ? 32  ALA A N   1 
ATOM   254  C  CA  . ALA A 1 32  ? 0.305   -2.571  -5.194  1.00 17.24 ? 32  ALA A CA  1 
ATOM   255  C  C   . ALA A 1 32  ? 0.850   -2.533  -6.614  1.00 17.77 ? 32  ALA A C   1 
ATOM   256  O  O   . ALA A 1 32  ? 1.743   -1.734  -6.912  1.00 17.97 ? 32  ALA A O   1 
ATOM   257  C  CB  . ALA A 1 32  ? 0.981   -3.652  -4.340  1.00 16.64 ? 32  ALA A CB  1 
ATOM   258  N  N   . LYS A 1 33  ? 0.217   -3.287  -7.512  1.00 15.97 ? 33  LYS A N   1 
ATOM   259  C  CA  . LYS A 1 33  ? 0.552   -3.275  -8.911  1.00 19.60 ? 33  LYS A CA  1 
ATOM   260  C  C   . LYS A 1 33  ? 0.459   -1.896  -9.492  1.00 18.86 ? 33  LYS A C   1 
ATOM   261  O  O   . LYS A 1 33  ? 1.437   -1.385  -10.068 1.00 17.41 ? 33  LYS A O   1 
ATOM   262  C  CB  . LYS A 1 33  ? -0.373  -4.194  -9.709  1.00 21.77 ? 33  LYS A CB  1 
ATOM   263  C  CG  . LYS A 1 33  ? -0.100  -4.024  -11.208 1.00 23.52 ? 33  LYS A CG  1 
ATOM   264  C  CD  . LYS A 1 33  ? 1.213   -4.617  -11.655 1.00 24.88 ? 33  LYS A CD  1 
ATOM   265  C  CE  . LYS A 1 33  ? 1.474   -4.427  -13.152 1.00 27.31 ? 33  LYS A CE  1 
ATOM   266  N  NZ  . LYS A 1 33  ? 2.858   -4.870  -13.497 1.00 29.74 ? 33  LYS A NZ  1 
ATOM   267  N  N   . PHE A 1 34  ? -0.702  -1.237  -9.268  1.00 17.71 ? 34  PHE A N   1 
ATOM   268  C  CA  . PHE A 1 34  ? -0.929  0.038   -9.927  1.00 19.37 ? 34  PHE A CA  1 
ATOM   269  C  C   . PHE A 1 34  ? -0.377  1.232   -9.160  1.00 19.85 ? 34  PHE A C   1 
ATOM   270  O  O   . PHE A 1 34  ? -0.228  2.299   -9.720  1.00 22.03 ? 34  PHE A O   1 
ATOM   271  C  CB  . PHE A 1 34  ? -2.396  0.187   -10.284 1.00 19.36 ? 34  PHE A CB  1 
ATOM   272  C  CG  . PHE A 1 34  ? -2.837  -0.832  -11.274 1.00 19.87 ? 34  PHE A CG  1 
ATOM   273  C  CD1 . PHE A 1 34  ? -2.196  -0.960  -12.497 1.00 20.67 ? 34  PHE A CD1 1 
ATOM   274  C  CD2 . PHE A 1 34  ? -3.823  -1.704  -10.973 1.00 21.98 ? 34  PHE A CD2 1 
ATOM   275  C  CE1 . PHE A 1 34  ? -2.542  -1.938  -13.399 1.00 22.19 ? 34  PHE A CE1 1 
ATOM   276  C  CE2 . PHE A 1 34  ? -4.215  -2.671  -11.900 1.00 23.12 ? 34  PHE A CE2 1 
ATOM   277  C  CZ  . PHE A 1 34  ? -3.575  -2.804  -13.090 1.00 22.71 ? 34  PHE A CZ  1 
ATOM   278  N  N   . GLU A 1 35  ? -0.068  1.070   -7.880  1.00 16.15 ? 35  GLU A N   1 
ATOM   279  C  CA  . GLU A 1 35  ? 0.549   2.124   -7.114  1.00 17.79 ? 35  GLU A CA  1 
ATOM   280  C  C   . GLU A 1 35  ? 2.048   2.180   -7.360  1.00 19.52 ? 35  GLU A C   1 
ATOM   281  O  O   . GLU A 1 35  ? 2.615   3.269   -7.525  1.00 19.65 ? 35  GLU A O   1 
ATOM   282  C  CB  . GLU A 1 35  ? 0.267   1.889   -5.635  1.00 17.57 ? 35  GLU A CB  1 
ATOM   283  C  CG  . GLU A 1 35  ? -1.188  2.095   -5.224  1.00 19.15 ? 35  GLU A CG  1 
ATOM   284  C  CD  . GLU A 1 35  ? -1.666  3.537   -5.253  1.00 18.84 ? 35  GLU A CD  1 
ATOM   285  O  OE1 . GLU A 1 35  ? -0.947  4.429   -5.745  1.00 21.09 ? 35  GLU A OE1 1 
ATOM   286  O  OE2 . GLU A 1 35  ? -2.811  3.774   -4.882  1.00 19.75 ? 35  GLU A OE2 1 
ATOM   287  N  N   . SER A 1 36  ? 2.697   1.018   -7.370  1.00 20.52 ? 36  SER A N   1 
ATOM   288  C  CA  . SER A 1 36  ? 4.211   0.920   -7.367  1.00 18.79 ? 36  SER A CA  1 
ATOM   289  C  C   . SER A 1 36  ? 4.850   -0.023  -8.357  1.00 19.33 ? 36  SER A C   1 
ATOM   290  O  O   . SER A 1 36  ? 6.082   -0.154  -8.353  1.00 19.32 ? 36  SER A O   1 
ATOM   291  C  CB  . SER A 1 36  ? 4.654   0.414   -6.017  1.00 19.50 ? 36  SER A CB  1 
ATOM   292  O  OG  . SER A 1 36  ? 4.247   -0.938  -5.800  1.00 17.38 ? 36  SER A OG  1 
ATOM   293  N  N   . ASN A 1 37  ? 4.033   -0.795  -9.091  1.00 19.46 ? 37  ASN A N   1 
ATOM   294  C  CA  . ASN A 1 37  ? 4.490   -1.915  -9.905  1.00 19.00 ? 37  ASN A CA  1 
ATOM   295  C  C   . ASN A 1 37  ? 5.279   -2.902  -9.070  1.00 19.76 ? 37  ASN A C   1 
ATOM   296  O  O   . ASN A 1 37  ? 6.280   -3.455  -9.536  1.00 20.12 ? 37  ASN A O   1 
ATOM   297  C  CB  . ASN A 1 37  ? 5.227   -1.396  -11.138 1.00 24.44 ? 37  ASN A CB  1 
ATOM   298  C  CG  . ASN A 1 37  ? 5.102   -2.300  -12.339 1.00 29.94 ? 37  ASN A CG  1 
ATOM   299  O  OD1 . ASN A 1 37  ? 4.309   -3.219  -12.372 1.00 31.39 ? 37  ASN A OD1 1 
ATOM   300  N  ND2 . ASN A 1 37  ? 5.935   -2.032  -13.362 1.00 32.04 ? 37  ASN A ND2 1 
ATOM   301  N  N   . PHE A 1 38  ? 4.880   -3.050  -7.792  1.00 17.52 ? 38  PHE A N   1 
ATOM   302  C  CA  . PHE A 1 38  ? 5.495   -3.984  -6.855  1.00 18.21 ? 38  PHE A CA  1 
ATOM   303  C  C   . PHE A 1 38  ? 6.924   -3.568  -6.439  1.00 17.91 ? 38  PHE A C   1 
ATOM   304  O  O   . PHE A 1 38  ? 7.669   -4.372  -5.862  1.00 19.05 ? 38  PHE A O   1 
ATOM   305  C  CB  . PHE A 1 38  ? 5.531   -5.421  -7.426  1.00 20.18 ? 38  PHE A CB  1 
ATOM   306  C  CG  . PHE A 1 38  ? 4.215   -5.955  -7.888  1.00 20.21 ? 38  PHE A CG  1 
ATOM   307  C  CD1 . PHE A 1 38  ? 3.029   -5.740  -7.158  1.00 19.76 ? 38  PHE A CD1 1 
ATOM   308  C  CD2 . PHE A 1 38  ? 4.158   -6.786  -9.021  1.00 23.41 ? 38  PHE A CD2 1 
ATOM   309  C  CE1 . PHE A 1 38  ? 1.804   -6.285  -7.589  1.00 20.19 ? 38  PHE A CE1 1 
ATOM   310  C  CE2 . PHE A 1 38  ? 2.936   -7.375  -9.410  1.00 22.32 ? 38  PHE A CE2 1 
ATOM   311  C  CZ  . PHE A 1 38  ? 1.765   -7.103  -8.687  1.00 22.55 ? 38  PHE A CZ  1 
ATOM   312  N  N   . ASN A 1 39  ? 7.239   -2.294  -6.605  1.00 17.54 ? 39  ASN A N   1 
ATOM   313  C  CA  . ASN A 1 39  ? 8.553   -1.783  -6.271  1.00 18.90 ? 39  ASN A CA  1 
ATOM   314  C  C   . ASN A 1 39  ? 8.525   -1.071  -4.941  1.00 18.59 ? 39  ASN A C   1 
ATOM   315  O  O   . ASN A 1 39  ? 7.906   0.016   -4.815  1.00 19.75 ? 39  ASN A O   1 
ATOM   316  C  CB  . ASN A 1 39  ? 9.005   -0.854  -7.383  1.00 18.13 ? 39  ASN A CB  1 
ATOM   317  C  CG  . ASN A 1 39  ? 10.440  -0.316  -7.186  1.00 17.83 ? 39  ASN A CG  1 
ATOM   318  O  OD1 . ASN A 1 39  ? 11.169  -0.730  -6.328  1.00 18.33 ? 39  ASN A OD1 1 
ATOM   319  N  ND2 . ASN A 1 39  ? 10.790  0.623   -7.985  1.00 19.24 ? 39  ASN A ND2 1 
ATOM   320  N  N   . THR A 1 40  ? 9.208   -1.642  -3.934  1.00 17.28 ? 40  THR A N   1 
ATOM   321  C  CA  . THR A 1 40  ? 9.310   -1.001  -2.632  1.00 16.67 ? 40  THR A CA  1 
ATOM   322  C  C   . THR A 1 40  ? 9.939   0.382   -2.635  1.00 16.11 ? 40  THR A C   1 
ATOM   323  O  O   . THR A 1 40  ? 9.618   1.154   -1.775  1.00 17.03 ? 40  THR A O   1 
ATOM   324  C  CB  . THR A 1 40  ? 10.081  -1.819  -1.549  1.00 18.25 ? 40  THR A CB  1 
ATOM   325  O  OG1 . THR A 1 40  ? 11.453  -1.910  -1.884  1.00 18.40 ? 40  THR A OG1 1 
ATOM   326  C  CG2 . THR A 1 40  ? 9.517   -3.200  -1.415  1.00 18.62 ? 40  THR A CG2 1 
ATOM   327  N  N   . GLN A 1 41  ? 10.789  0.700   -3.604  1.00 17.56 ? 41  GLN A N   1 
ATOM   328  C  CA  . GLN A 1 41  ? 11.464  2.032   -3.657  1.00 18.26 ? 41  GLN A CA  1 
ATOM   329  C  C   . GLN A 1 41  ? 10.681  3.143   -4.368  1.00 17.93 ? 41  GLN A C   1 
ATOM   330  O  O   . GLN A 1 41  ? 11.169  4.250   -4.448  1.00 21.64 ? 41  GLN A O   1 
ATOM   331  C  CB  . GLN A 1 41  ? 12.793  1.921   -4.342  1.00 18.87 ? 41  GLN A CB  1 
ATOM   332  C  CG  . GLN A 1 41  ? 13.748  0.982   -3.597  1.00 20.84 ? 41  GLN A CG  1 
ATOM   333  C  CD  . GLN A 1 41  ? 15.182  1.161   -4.091  1.00 22.86 ? 41  GLN A CD  1 
ATOM   334  O  OE1 . GLN A 1 41  ? 15.785  2.219   -3.890  1.00 23.17 ? 41  GLN A OE1 1 
ATOM   335  N  NE2 . GLN A 1 41  ? 15.695  0.158   -4.801  1.00 23.04 ? 41  GLN A NE2 1 
ATOM   336  N  N   . ALA A 1 42  ? 9.489   2.844   -4.858  1.00 16.31 ? 42  ALA A N   1 
ATOM   337  C  CA  . ALA A 1 42  ? 8.696   3.836   -5.581  1.00 18.43 ? 42  ALA A CA  1 
ATOM   338  C  C   . ALA A 1 42  ? 8.328   5.078   -4.731  1.00 18.12 ? 42  ALA A C   1 
ATOM   339  O  O   . ALA A 1 42  ? 7.835   4.943   -3.610  1.00 19.29 ? 42  ALA A O   1 
ATOM   340  C  CB  . ALA A 1 42  ? 7.427   3.169   -6.100  1.00 20.42 ? 42  ALA A CB  1 
ATOM   341  N  N   . THR A 1 43  ? 8.527   6.284   -5.294  1.00 16.88 ? 43  THR A N   1 
ATOM   342  C  CA  . THR A 1 43  ? 8.215   7.511   -4.688  1.00 17.31 ? 43  THR A CA  1 
ATOM   343  C  C   . THR A 1 43  ? 7.560   8.377   -5.747  1.00 19.80 ? 43  THR A C   1 
ATOM   344  O  O   . THR A 1 43  ? 7.997   8.452   -6.915  1.00 22.26 ? 43  THR A O   1 
ATOM   345  C  CB  . THR A 1 43  ? 9.429   8.257   -4.069  1.00 18.45 ? 43  THR A CB  1 
ATOM   346  O  OG1 . THR A 1 43  ? 10.369  8.574   -5.121  1.00 18.76 ? 43  THR A OG1 1 
ATOM   347  C  CG2 . THR A 1 43  ? 10.073  7.466   -3.012  1.00 17.19 ? 43  THR A CG2 1 
ATOM   348  N  N   . ASN A 1 44  ? 6.517   9.104   -5.364  1.00 18.76 ? 44  ASN A N   1 
ATOM   349  C  CA  . ASN A 1 44  ? 5.882   10.019  -6.309  1.00 19.72 ? 44  ASN A CA  1 
ATOM   350  C  C   . ASN A 1 44  ? 5.331   11.236  -5.565  1.00 20.33 ? 44  ASN A C   1 
ATOM   351  O  O   . ASN A 1 44  ? 4.706   11.119  -4.523  1.00 18.06 ? 44  ASN A O   1 
ATOM   352  C  CB  . ASN A 1 44  ? 4.725   9.340   -7.092  1.00 19.31 ? 44  ASN A CB  1 
ATOM   353  C  CG  . ASN A 1 44  ? 5.206   8.281   -8.042  1.00 20.52 ? 44  ASN A CG  1 
ATOM   354  O  OD1 . ASN A 1 44  ? 5.744   8.584   -9.131  1.00 22.41 ? 44  ASN A OD1 1 
ATOM   355  N  ND2 . ASN A 1 44  ? 5.025   7.018   -7.640  1.00 20.75 ? 44  ASN A ND2 1 
ATOM   356  N  N   . ARG A 1 45  ? 5.535   12.402  -6.154  1.00 22.06 ? 45  ARG A N   1 
ATOM   357  C  CA  . ARG A 1 45  ? 5.098   13.653  -5.555  1.00 24.09 ? 45  ARG A CA  1 
ATOM   358  C  C   . ARG A 1 45  ? 3.641   13.914  -5.841  1.00 23.79 ? 45  ARG A C   1 
ATOM   359  O  O   . ARG A 1 45  ? 3.206   13.776  -6.975  1.00 26.78 ? 45  ARG A O   1 
ATOM   360  C  CB  . ARG A 1 45  ? 5.901   14.835  -6.125  1.00 24.14 ? 45  ARG A CB  1 
ATOM   361  C  CG  . ARG A 1 45  ? 5.758   16.101  -5.278  1.00 27.50 ? 45  ARG A CG  1 
ATOM   362  C  CD  . ARG A 1 45  ? 6.696   15.891  -4.147  1.00 30.48 ? 45  ARG A CD  1 
ATOM   363  N  NE  . ARG A 1 45  ? 6.812   16.928  -3.146  1.00 37.38 ? 45  ARG A NE  1 
ATOM   364  C  CZ  . ARG A 1 45  ? 7.839   17.777  -3.022  1.00 35.10 ? 45  ARG A CZ  1 
ATOM   365  N  NH1 . ARG A 1 45  ? 8.865   17.772  -3.911  1.00 35.22 ? 45  ARG A NH1 1 
ATOM   366  N  NH2 . ARG A 1 45  ? 7.848   18.621  -1.982  1.00 31.23 ? 45  ARG A NH2 1 
ATOM   367  N  N   . ASN A 1 46  ? 2.928   14.406  -4.835  1.00 24.25 ? 46  ASN A N   1 
ATOM   368  C  CA  . ASN A 1 46  ? 1.512   14.789  -5.023  1.00 25.55 ? 46  ASN A CA  1 
ATOM   369  C  C   . ASN A 1 46  ? 1.432   16.276  -5.347  1.00 24.25 ? 46  ASN A C   1 
ATOM   370  O  O   . ASN A 1 46  ? 2.360   17.042  -5.029  1.00 23.72 ? 46  ASN A O   1 
ATOM   371  C  CB  . ASN A 1 46  ? 0.735   14.461  -3.736  1.00 24.08 ? 46  ASN A CB  1 
ATOM   372  C  CG  . ASN A 1 46  ? 0.754   12.977  -3.451  1.00 23.89 ? 46  ASN A CG  1 
ATOM   373  O  OD1 . ASN A 1 46  ? 0.589   12.214  -4.403  1.00 24.24 ? 46  ASN A OD1 1 
ATOM   374  N  ND2 . ASN A 1 46  ? 0.945   12.552  -2.170  1.00 21.05 ? 46  ASN A ND2 1 
ATOM   375  N  N   . THR A 1 47  ? 0.330   16.691  -5.934  1.00 28.67 ? 47  THR A N   1 
ATOM   376  C  CA  . THR A 1 47  ? 0.140   18.144  -6.232  1.00 30.05 ? 47  THR A CA  1 
ATOM   377  C  C   . THR A 1 47  ? 0.230   19.030  -4.986  1.00 32.13 ? 47  THR A C   1 
ATOM   378  O  O   . THR A 1 47  ? 0.774   20.164  -5.019  1.00 30.63 ? 47  THR A O   1 
ATOM   379  C  CB  . THR A 1 47  ? -1.129  18.408  -7.059  1.00 34.48 ? 47  THR A CB  1 
ATOM   380  O  OG1 . THR A 1 47  ? -2.255  17.815  -6.461  1.00 36.39 ? 47  THR A OG1 1 
ATOM   381  C  CG2 . THR A 1 47  ? -1.037  17.714  -8.401  1.00 34.40 ? 47  THR A CG2 1 
ATOM   382  N  N   . ASP A 1 48  ? -0.218  18.500  -3.849  1.00 27.99 ? 48  ASP A N   1 
ATOM   383  C  CA  . ASP A 1 48  ? -0.228  19.324  -2.618  1.00 26.18 ? 48  ASP A CA  1 
ATOM   384  C  C   . ASP A 1 48  ? 1.149   19.472  -1.937  1.00 28.48 ? 48  ASP A C   1 
ATOM   385  O  O   . ASP A 1 48  ? 1.246   20.046  -0.809  1.00 27.81 ? 48  ASP A O   1 
ATOM   386  C  CB  . ASP A 1 48  ? -1.347  18.799  -1.681  1.00 26.56 ? 48  ASP A CB  1 
ATOM   387  C  CG  . ASP A 1 48  ? -0.997  17.452  -1.032  1.00 27.05 ? 48  ASP A CG  1 
ATOM   388  O  OD1 . ASP A 1 48  ? -0.001  16.833  -1.396  1.00 27.94 ? 48  ASP A OD1 1 
ATOM   389  O  OD2 . ASP A 1 48  ? -1.639  17.081  -0.074  1.00 30.06 ? 48  ASP A OD2 1 
ATOM   390  N  N   . GLY A 1 49  ? 2.196   18.896  -2.571  1.00 26.61 ? 49  GLY A N   1 
ATOM   391  C  CA  . GLY A 1 49  ? 3.548   18.827  -2.057  1.00 27.92 ? 49  GLY A CA  1 
ATOM   392  C  C   . GLY A 1 49  ? 3.889   17.664  -1.146  1.00 25.52 ? 49  GLY A C   1 
ATOM   393  O  O   . GLY A 1 49  ? 5.032   17.535  -0.644  1.00 29.10 ? 49  GLY A O   1 
ATOM   394  N  N   . SER A 1 50  ? 2.910   16.834  -0.833  1.00 24.93 ? 50  SER A N   1 
ATOM   395  C  CA  . SER A 1 50  ? 3.215   15.639  -0.055  1.00 21.32 ? 50  SER A CA  1 
ATOM   396  C  C   . SER A 1 50  ? 3.825   14.629  -1.073  1.00 18.34 ? 50  SER A C   1 
ATOM   397  O  O   . SER A 1 50  ? 3.874   14.901  -2.262  1.00 20.63 ? 50  SER A O   1 
ATOM   398  C  CB  . SER A 1 50  ? 1.958   15.059  0.621   1.00 18.48 ? 50  SER A CB  1 
ATOM   399  O  OG  . SER A 1 50  ? 0.969   14.752  -0.315  1.00 19.37 ? 50  SER A OG  1 
ATOM   400  N  N   . THR A 1 51  ? 4.257   13.475  -0.590  1.00 18.54 ? 51  THR A N   1 
ATOM   401  C  CA  . THR A 1 51  ? 4.846   12.459  -1.420  1.00 17.00 ? 51  THR A CA  1 
ATOM   402  C  C   . THR A 1 51  ? 4.289   11.126  -0.935  1.00 17.02 ? 51  THR A C   1 
ATOM   403  O  O   . THR A 1 51  ? 3.951   10.914  0.263   1.00 16.19 ? 51  THR A O   1 
ATOM   404  C  CB  . THR A 1 51  ? 6.375   12.502  -1.269  1.00 17.63 ? 51  THR A CB  1 
ATOM   405  O  OG1 . THR A 1 51  ? 6.811   13.792  -1.655  1.00 18.93 ? 51  THR A OG1 1 
ATOM   406  C  CG2 . THR A 1 51  ? 7.094   11.462  -2.151  1.00 15.81 ? 51  THR A CG2 1 
ATOM   407  N  N   . ASP A 1 52  ? 4.090   10.260  -1.911  1.00 18.38 ? 52  ASP A N   1 
ATOM   408  C  CA  . ASP A 1 52  ? 3.718   8.856   -1.708  1.00 17.87 ? 52  ASP A CA  1 
ATOM   409  C  C   . ASP A 1 52  ? 4.946   7.923   -1.745  1.00 18.36 ? 52  ASP A C   1 
ATOM   410  O  O   . ASP A 1 52  ? 5.800   8.031   -2.636  1.00 16.10 ? 52  ASP A O   1 
ATOM   411  C  CB  . ASP A 1 52  ? 2.790   8.463   -2.868  1.00 19.06 ? 52  ASP A CB  1 
ATOM   412  C  CG  . ASP A 1 52  ? 1.408   9.117   -2.814  1.00 22.01 ? 52  ASP A CG  1 
ATOM   413  O  OD1 . ASP A 1 52  ? 0.954   9.713   -1.792  1.00 20.48 ? 52  ASP A OD1 1 
ATOM   414  O  OD2 . ASP A 1 52  ? 0.746   8.966   -3.846  1.00 26.67 ? 52  ASP A OD2 1 
ATOM   415  N  N   . TYR A 1 53  ? 5.006   7.014   -0.801  1.00 17.08 ? 53  TYR A N   1 
ATOM   416  C  CA  . TYR A 1 53  ? 6.128   6.103   -0.597  1.00 17.06 ? 53  TYR A CA  1 
ATOM   417  C  C   . TYR A 1 53  ? 5.758   4.642   -0.556  1.00 16.86 ? 53  TYR A C   1 
ATOM   418  O  O   . TYR A 1 53  ? 4.806   4.246   0.104   1.00 18.94 ? 53  TYR A O   1 
ATOM   419  C  CB  . TYR A 1 53  ? 6.790   6.424   0.738   1.00 18.43 ? 53  TYR A CB  1 
ATOM   420  C  CG  . TYR A 1 53  ? 7.344   7.827   0.808   1.00 16.82 ? 53  TYR A CG  1 
ATOM   421  C  CD1 . TYR A 1 53  ? 6.545   8.903   1.214   1.00 17.92 ? 53  TYR A CD1 1 
ATOM   422  C  CD2 . TYR A 1 53  ? 8.659   8.085   0.495   1.00 18.10 ? 53  TYR A CD2 1 
ATOM   423  C  CE1 . TYR A 1 53  ? 7.048   10.179  1.300   1.00 17.28 ? 53  TYR A CE1 1 
ATOM   424  C  CE2 . TYR A 1 53  ? 9.158   9.349   0.509   1.00 17.90 ? 53  TYR A CE2 1 
ATOM   425  C  CZ  . TYR A 1 53  ? 8.361   10.401  0.915   1.00 18.94 ? 53  TYR A CZ  1 
ATOM   426  O  OH  . TYR A 1 53  ? 8.901   11.663  0.960   1.00 17.52 ? 53  TYR A OH  1 
ATOM   427  N  N   . GLY A 1 54  ? 6.575   3.843   -1.234  1.00 17.38 ? 54  GLY A N   1 
ATOM   428  C  CA  . GLY A 1 54  ? 6.651   2.402   -1.170  1.00 19.37 ? 54  GLY A CA  1 
ATOM   429  C  C   . GLY A 1 54  ? 5.593   1.636   -1.923  1.00 19.14 ? 54  GLY A C   1 
ATOM   430  O  O   . GLY A 1 54  ? 4.946   2.156   -2.786  1.00 17.18 ? 54  GLY A O   1 
ATOM   431  N  N   . ILE A 1 55  ? 5.502   0.368   -1.613  1.00 18.51 ? 55  ILE A N   1 
ATOM   432  C  CA  . ILE A 1 55  ? 4.736   -0.570  -2.372  1.00 23.31 ? 55  ILE A CA  1 
ATOM   433  C  C   . ILE A 1 55  ? 3.208   -0.214  -2.469  1.00 20.76 ? 55  ILE A C   1 
ATOM   434  O  O   . ILE A 1 55  ? 2.556   -0.492  -3.494  1.00 21.90 ? 55  ILE A O   1 
ATOM   435  C  CB  . ILE A 1 55  ? 5.015   -1.993  -1.791  1.00 28.95 ? 55  ILE A CB  1 
ATOM   436  C  CG1 . ILE A 1 55  ? 4.644   -3.031  -2.801  1.00 33.03 ? 55  ILE A CG1 1 
ATOM   437  C  CG2 . ILE A 1 55  ? 4.320   -2.210  -0.449  1.00 26.09 ? 55  ILE A CG2 1 
ATOM   438  C  CD1 . ILE A 1 55  ? 5.852   -3.684  -3.348  1.00 35.86 ? 55  ILE A CD1 1 
ATOM   439  N  N   . LEU A 1 56  ? 2.703   0.500   -1.468  1.00 18.04 ? 56  LEU A N   1 
ATOM   440  C  CA  . LEU A 1 56  ? 1.318   0.976   -1.429  1.00 19.63 ? 56  LEU A CA  1 
ATOM   441  C  C   . LEU A 1 56  ? 1.195   2.497   -1.459  1.00 21.92 ? 56  LEU A C   1 
ATOM   442  O  O   . LEU A 1 56  ? 0.117   3.053   -1.232  1.00 20.63 ? 56  LEU A O   1 
ATOM   443  C  CB  . LEU A 1 56  ? 0.583   0.364   -0.229  1.00 20.96 ? 56  LEU A CB  1 
ATOM   444  C  CG  . LEU A 1 56  ? 0.254   -1.146  -0.391  1.00 20.51 ? 56  LEU A CG  1 
ATOM   445  C  CD1 . LEU A 1 56  ? -0.223  -1.728  0.931   1.00 21.62 ? 56  LEU A CD1 1 
ATOM   446  C  CD2 . LEU A 1 56  ? -0.807  -1.330  -1.427  1.00 21.01 ? 56  LEU A CD2 1 
ATOM   447  N  N   . GLN A 1 57  ? 2.298   3.192   -1.787  1.00 18.82 ? 57  GLN A N   1 
ATOM   448  C  CA  . GLN A 1 57  ? 2.210   4.635   -2.068  1.00 18.00 ? 57  GLN A CA  1 
ATOM   449  C  C   . GLN A 1 57  ? 1.490   5.420   -0.958  1.00 17.77 ? 57  GLN A C   1 
ATOM   450  O  O   . GLN A 1 57  ? 0.576   6.237   -1.187  1.00 16.53 ? 57  GLN A O   1 
ATOM   451  C  CB  . GLN A 1 57  ? 1.604   4.912   -3.455  1.00 17.94 ? 57  GLN A CB  1 
ATOM   452  C  CG  . GLN A 1 57  ? 2.521   4.571   -4.618  1.00 18.05 ? 57  GLN A CG  1 
ATOM   453  C  CD  . GLN A 1 57  ? 3.742   5.431   -4.684  1.00 17.58 ? 57  GLN A CD  1 
ATOM   454  O  OE1 . GLN A 1 57  ? 3.743   6.482   -5.281  1.00 18.59 ? 57  GLN A OE1 1 
ATOM   455  N  NE2 . GLN A 1 57  ? 4.791   4.975   -4.070  1.00 18.18 ? 57  GLN A NE2 1 
ATOM   456  N  N   . ILE A 1 58  ? 2.022   5.220   0.239   1.00 15.49 ? 58  ILE A N   1 
ATOM   457  C  CA  . ILE A 1 58  ? 1.462   5.804   1.451   1.00 18.70 ? 58  ILE A CA  1 
ATOM   458  C  C   . ILE A 1 58  ? 1.974   7.224   1.596   1.00 21.06 ? 58  ILE A C   1 
ATOM   459  O  O   . ILE A 1 58  ? 3.192   7.482   1.494   1.00 20.12 ? 58  ILE A O   1 
ATOM   460  C  CB  . ILE A 1 58  ? 1.788   4.949   2.677   1.00 20.04 ? 58  ILE A CB  1 
ATOM   461  C  CG1 . ILE A 1 58  ? 0.921   3.649   2.654   1.00 22.05 ? 58  ILE A CG1 1 
ATOM   462  C  CG2 . ILE A 1 58  ? 1.549   5.733   3.954   1.00 21.42 ? 58  ILE A CG2 1 
ATOM   463  C  CD1 . ILE A 1 58  ? 1.381   2.559   3.592   1.00 20.10 ? 58  ILE A CD1 1 
ATOM   464  N  N   A ASN A 1 59  ? 1.023   8.110   1.899   0.50 20.00 ? 59  ASN A N   1 
ATOM   465  N  N   B ASN A 1 59  ? 1.044   8.162   1.791   0.50 18.48 ? 59  ASN A N   1 
ATOM   466  C  CA  A ASN A 1 59  ? 1.128   9.556   1.741   0.50 21.63 ? 59  ASN A CA  1 
ATOM   467  C  CA  B ASN A 1 59  ? 1.371   9.574   1.623   0.50 18.79 ? 59  ASN A CA  1 
ATOM   468  C  C   A ASN A 1 59  ? 1.777   10.224  2.970   0.50 20.52 ? 59  ASN A C   1 
ATOM   469  C  C   B ASN A 1 59  ? 1.804   10.211  2.917   0.50 18.84 ? 59  ASN A C   1 
ATOM   470  O  O   A ASN A 1 59  ? 1.413   9.882   4.103   0.50 21.75 ? 59  ASN A O   1 
ATOM   471  O  O   B ASN A 1 59  ? 1.326   9.854   4.002   0.50 19.71 ? 59  ASN A O   1 
ATOM   472  C  CB  A ASN A 1 59  ? -0.328  10.063  1.532   0.50 22.87 ? 59  ASN A CB  1 
ATOM   473  C  CB  B ASN A 1 59  ? 0.197   10.347  0.994   0.50 18.29 ? 59  ASN A CB  1 
ATOM   474  C  CG  A ASN A 1 59  ? -0.384  11.426  0.903   0.50 24.00 ? 59  ASN A CG  1 
ATOM   475  C  CG  B ASN A 1 59  ? -0.941  10.631  1.977   0.50 17.88 ? 59  ASN A CG  1 
ATOM   476  O  OD1 A ASN A 1 59  ? 0.614   12.069  0.860   0.50 26.00 ? 59  ASN A OD1 1 
ATOM   477  O  OD1 B ASN A 1 59  ? -0.887  11.541  2.801   0.50 17.46 ? 59  ASN A OD1 1 
ATOM   478  N  ND2 A ASN A 1 59  ? -1.552  11.849  0.375   0.50 24.52 ? 59  ASN A ND2 1 
ATOM   479  N  ND2 B ASN A 1 59  ? -2.000  9.908   1.817   0.50 17.30 ? 59  ASN A ND2 1 
ATOM   480  N  N   . SER A 1 60  ? 2.713   11.171  2.763   1.00 18.99 ? 60  SER A N   1 
ATOM   481  C  CA  . SER A 1 60  ? 3.294   11.915  3.828   1.00 19.22 ? 60  SER A CA  1 
ATOM   482  C  C   . SER A 1 60  ? 2.318   13.015  4.363   1.00 21.78 ? 60  SER A C   1 
ATOM   483  O  O   . SER A 1 60  ? 2.572   13.570  5.456   1.00 24.59 ? 60  SER A O   1 
ATOM   484  C  CB  . SER A 1 60  ? 4.604   12.509  3.388   1.00 17.70 ? 60  SER A CB  1 
ATOM   485  O  OG  . SER A 1 60  ? 4.325   13.548  2.443   1.00 17.29 ? 60  SER A OG  1 
ATOM   486  N  N   . ARG A 1 61  ? 1.210   13.287  3.658   1.00 22.57 ? 61  ARG A N   1 
ATOM   487  C  CA  . ARG A 1 61  ? 0.201   14.308  4.134   1.00 26.16 ? 61  ARG A CA  1 
ATOM   488  C  C   . ARG A 1 61  ? -0.392  13.892  5.495   1.00 24.83 ? 61  ARG A C   1 
ATOM   489  O  O   . ARG A 1 61  ? -0.535  14.729  6.393   1.00 29.28 ? 61  ARG A O   1 
ATOM   490  C  CB  . ARG A 1 61  ? -0.889  14.604  3.061   1.00 27.17 ? 61  ARG A CB  1 
ATOM   491  C  CG  . ARG A 1 61  ? -1.974  15.626  3.487   1.00 31.00 ? 61  ARG A CG  1 
ATOM   492  C  CD  . ARG A 1 61  ? -1.437  16.997  3.872   1.00 32.62 ? 61  ARG A CD  1 
ATOM   493  N  NE  . ARG A 1 61  ? -0.698  17.571  2.748   1.00 38.16 ? 61  ARG A NE  1 
ATOM   494  C  CZ  . ARG A 1 61  ? 0.256   18.510  2.805   1.00 40.39 ? 61  ARG A CZ  1 
ATOM   495  N  NH1 . ARG A 1 61  ? 0.835   18.922  1.683   1.00 42.09 ? 61  ARG A NH1 1 
ATOM   496  N  NH2 . ARG A 1 61  ? 0.640   19.042  3.942   1.00 43.42 ? 61  ARG A NH2 1 
ATOM   497  N  N   . TRP A 1 62  ? -0.584  12.582  5.708   1.00 23.70 ? 62  TRP A N   1 
ATOM   498  C  CA  . TRP A 1 62  ? -1.212  12.016  6.894   1.00 25.32 ? 62  TRP A CA  1 
ATOM   499  C  C   . TRP A 1 62  ? -0.461  10.980  7.692   1.00 21.76 ? 62  TRP A C   1 
ATOM   500  O  O   . TRP A 1 62  ? -0.690  10.802  8.922   1.00 24.51 ? 62  TRP A O   1 
ATOM   501  C  CB  . TRP A 1 62  ? -2.516  11.305  6.449   1.00 28.59 ? 62  TRP A CB  1 
ATOM   502  C  CG  . TRP A 1 62  ? -3.425  12.203  5.988   1.00 32.45 ? 62  TRP A CG  1 
ATOM   503  C  CD1 . TRP A 1 62  ? -3.857  12.412  4.677   1.00 34.93 ? 62  TRP A CD1 1 
ATOM   504  C  CD2 . TRP A 1 62  ? -4.057  13.144  6.782   1.00 40.82 ? 62  TRP A CD2 1 
ATOM   505  N  NE1 . TRP A 1 62  ? -4.772  13.419  4.653   1.00 36.66 ? 62  TRP A NE1 1 
ATOM   506  C  CE2 . TRP A 1 62  ? -4.884  13.913  5.935   1.00 41.16 ? 62  TRP A CE2 1 
ATOM   507  C  CE3 . TRP A 1 62  ? -4.006  13.433  8.156   1.00 48.63 ? 62  TRP A CE3 1 
ATOM   508  C  CZ2 . TRP A 1 62  ? -5.664  14.932  6.422   1.00 50.14 ? 62  TRP A CZ2 1 
ATOM   509  C  CZ3 . TRP A 1 62  ? -4.785  14.464  8.641   1.00 53.63 ? 62  TRP A CZ3 1 
ATOM   510  C  CH2 . TRP A 1 62  ? -5.606  15.202  7.776   1.00 51.90 ? 62  TRP A CH2 1 
ATOM   511  N  N   . TRP A 1 63  ? 0.323   10.155  6.995   1.00 23.24 ? 63  TRP A N   1 
ATOM   512  C  CA  . TRP A 1 63  ? 0.694   8.852   7.538   1.00 21.96 ? 63  TRP A CA  1 
ATOM   513  C  C   . TRP A 1 63  ? 2.151   8.678   7.962   1.00 20.76 ? 63  TRP A C   1 
ATOM   514  O  O   . TRP A 1 63  ? 2.453   7.817   8.765   1.00 19.97 ? 63  TRP A O   1 
ATOM   515  C  CB  . TRP A 1 63  ? 0.320   7.706   6.541   1.00 23.30 ? 63  TRP A CB  1 
ATOM   516  C  CG  . TRP A 1 63  ? -1.068  7.815   6.140   1.00 23.02 ? 63  TRP A CG  1 
ATOM   517  C  CD1 . TRP A 1 63  ? -1.543  8.283   4.963   1.00 21.64 ? 63  TRP A CD1 1 
ATOM   518  C  CD2 . TRP A 1 63  ? -2.200  7.566   6.971   1.00 20.28 ? 63  TRP A CD2 1 
ATOM   519  N  NE1 . TRP A 1 63  ? -2.943  8.308   4.995   1.00 24.28 ? 63  TRP A NE1 1 
ATOM   520  C  CE2 . TRP A 1 63  ? -3.354  7.837   6.213   1.00 22.64 ? 63  TRP A CE2 1 
ATOM   521  C  CE3 . TRP A 1 63  ? -2.335  7.079   8.240   1.00 23.36 ? 63  TRP A CE3 1 
ATOM   522  C  CZ2 . TRP A 1 63  ? -4.656  7.688   6.733   1.00 26.30 ? 63  TRP A CZ2 1 
ATOM   523  C  CZ3 . TRP A 1 63  ? -3.621  6.910   8.756   1.00 24.36 ? 63  TRP A CZ3 1 
ATOM   524  C  CH2 . TRP A 1 63  ? -4.738  7.196   8.006   1.00 23.23 ? 63  TRP A CH2 1 
ATOM   525  N  N   . CYS A 1 64  ? 3.072   9.443   7.383   1.00 19.70 ? 64  CYS A N   1 
ATOM   526  C  CA  . CYS A 1 64  ? 4.486   9.289   7.722   1.00 19.99 ? 64  CYS A CA  1 
ATOM   527  C  C   . CYS A 1 64  ? 5.160   10.665  7.664   1.00 18.75 ? 64  CYS A C   1 
ATOM   528  O  O   . CYS A 1 64  ? 4.612   11.589  7.101   1.00 21.73 ? 64  CYS A O   1 
ATOM   529  C  CB  . CYS A 1 64  ? 5.214   8.289   6.791   1.00 18.13 ? 64  CYS A CB  1 
ATOM   530  S  SG  . CYS A 1 64  ? 5.163   8.763   5.048   1.00 19.82 ? 64  CYS A SG  1 
ATOM   531  N  N   . ASN A 1 65  ? 6.373   10.752  8.230   1.00 21.20 ? 65  ASN A N   1 
ATOM   532  C  CA  . ASN A 1 65  ? 7.109   12.015  8.223   1.00 22.07 ? 65  ASN A CA  1 
ATOM   533  C  C   . ASN A 1 65  ? 8.319   11.908  7.257   1.00 17.18 ? 65  ASN A C   1 
ATOM   534  O  O   . ASN A 1 65  ? 9.197   11.087  7.458   1.00 19.49 ? 65  ASN A O   1 
ATOM   535  C  CB  . ASN A 1 65  ? 7.591   12.285  9.642   1.00 24.01 ? 65  ASN A CB  1 
ATOM   536  C  CG  . ASN A 1 65  ? 8.246   13.674  9.815   1.00 29.99 ? 65  ASN A CG  1 
ATOM   537  O  OD1 . ASN A 1 65  ? 8.723   14.341  8.866   1.00 30.39 ? 65  ASN A OD1 1 
ATOM   538  N  ND2 . ASN A 1 65  ? 8.223   14.126  11.053  1.00 31.85 ? 65  ASN A ND2 1 
ATOM   539  N  N   . ASP A 1 66  ? 8.343   12.779  6.263   1.00 20.37 ? 66  ASP A N   1 
ATOM   540  C  CA  . ASP A 1 66  ? 9.455   12.758  5.288   1.00 18.07 ? 66  ASP A CA  1 
ATOM   541  C  C   . ASP A 1 66  ? 10.344  13.998  5.419   1.00 20.82 ? 66  ASP A C   1 
ATOM   542  O  O   . ASP A 1 66  ? 11.225  14.233  4.575   1.00 20.99 ? 66  ASP A O   1 
ATOM   543  C  CB  . ASP A 1 66  ? 9.018   12.589  3.860   1.00 19.94 ? 66  ASP A CB  1 
ATOM   544  C  CG  . ASP A 1 66  ? 8.171   13.713  3.346   1.00 19.31 ? 66  ASP A CG  1 
ATOM   545  O  OD1 . ASP A 1 66  ? 7.949   14.750  4.074   1.00 18.84 ? 66  ASP A OD1 1 
ATOM   546  O  OD2 . ASP A 1 66  ? 7.714   13.623  2.174   1.00 18.68 ? 66  ASP A OD2 1 
ATOM   547  N  N   . GLY A 1 67  ? 10.106  14.752  6.488   1.00 22.67 ? 67  GLY A N   1 
ATOM   548  C  CA  . GLY A 1 67  ? 10.811  15.994  6.769   1.00 24.17 ? 67  GLY A CA  1 
ATOM   549  C  C   . GLY A 1 67  ? 10.574  17.177  5.844   1.00 25.14 ? 67  GLY A C   1 
ATOM   550  O  O   . GLY A 1 67  ? 11.311  18.195  5.930   1.00 25.25 ? 67  GLY A O   1 
ATOM   551  N  N   . ARG A 1 68  ? 9.603   17.093  4.938   1.00 20.80 ? 68  ARG A N   1 
ATOM   552  C  CA  . ARG A 1 68  ? 9.397   18.193  4.036   1.00 23.40 ? 68  ARG A CA  1 
ATOM   553  C  C   . ARG A 1 68  ? 7.945   18.399  3.659   1.00 25.66 ? 68  ARG A C   1 
ATOM   554  O  O   . ARG A 1 68  ? 7.655   19.047  2.664   1.00 30.73 ? 68  ARG A O   1 
ATOM   555  C  CB  . ARG A 1 68  ? 10.236  17.990  2.779   1.00 23.65 ? 68  ARG A CB  1 
ATOM   556  C  CG  . ARG A 1 68  ? 9.715   16.857  1.907   1.00 25.55 ? 68  ARG A CG  1 
ATOM   557  C  CD  . ARG A 1 68  ? 10.378  16.793  0.558   1.00 25.88 ? 68  ARG A CD  1 
ATOM   558  N  NE  . ARG A 1 68  ? 9.711   15.919  -0.377  1.00 22.66 ? 68  ARG A NE  1 
ATOM   559  C  CZ  . ARG A 1 68  ? 10.265  15.508  -1.509  1.00 25.34 ? 68  ARG A CZ  1 
ATOM   560  N  NH1 . ARG A 1 68  ? 11.497  15.911  -1.817  1.00 24.66 ? 68  ARG A NH1 1 
ATOM   561  N  NH2 . ARG A 1 68  ? 9.602   14.691  -2.368  1.00 23.58 ? 68  ARG A NH2 1 
ATOM   562  N  N   . THR A 1 69  ? 7.021   17.830  4.418   1.00 27.15 ? 69  THR A N   1 
ATOM   563  C  CA  . THR A 1 69  ? 5.585   17.994  4.115   1.00 25.68 ? 69  THR A CA  1 
ATOM   564  C  C   . THR A 1 69  ? 4.931   18.852  5.245   1.00 28.03 ? 69  THR A C   1 
ATOM   565  O  O   . THR A 1 69  ? 4.582   18.341  6.289   1.00 26.07 ? 69  THR A O   1 
ATOM   566  C  CB  . THR A 1 69  ? 4.899   16.609  3.990   1.00 25.09 ? 69  THR A CB  1 
ATOM   567  O  OG1 . THR A 1 69  ? 5.652   15.848  3.031   1.00 24.14 ? 69  THR A OG1 1 
ATOM   568  C  CG2 . THR A 1 69  ? 3.443   16.781  3.542   1.00 23.79 ? 69  THR A CG2 1 
ATOM   569  N  N   . PRO A 1 70  ? 4.890   20.184  5.059   1.00 31.75 ? 70  PRO A N   1 
ATOM   570  C  CA  . PRO A 1 70  ? 4.402   21.062  6.140   1.00 33.58 ? 70  PRO A CA  1 
ATOM   571  C  C   . PRO A 1 70  ? 2.948   20.862  6.406   1.00 37.00 ? 70  PRO A C   1 
ATOM   572  O  O   . PRO A 1 70  ? 2.184   20.512  5.488   1.00 40.46 ? 70  PRO A O   1 
ATOM   573  C  CB  . PRO A 1 70  ? 4.632   22.481  5.583   1.00 37.95 ? 70  PRO A CB  1 
ATOM   574  C  CG  . PRO A 1 70  ? 5.005   22.324  4.167   1.00 35.64 ? 70  PRO A CG  1 
ATOM   575  C  CD  . PRO A 1 70  ? 5.629   20.952  4.056   1.00 34.86 ? 70  PRO A CD  1 
ATOM   576  N  N   . GLY A 1 71  ? 2.550   21.079  7.648   1.00 37.76 ? 71  GLY A N   1 
ATOM   577  C  CA  . GLY A 1 71  ? 1.147   20.900  8.022   1.00 41.75 ? 71  GLY A CA  1 
ATOM   578  C  C   . GLY A 1 71  ? 0.584   19.519  7.667   1.00 43.34 ? 71  GLY A C   1 
ATOM   579  O  O   . GLY A 1 71  ? -0.547  19.400  7.166   1.00 46.89 ? 71  GLY A O   1 
ATOM   580  N  N   . SER A 1 72  ? 1.381   18.482  7.916   1.00 38.01 ? 72  SER A N   1 
ATOM   581  C  CA  . SER A 1 72  ? 0.997   17.109  7.591   1.00 38.87 ? 72  SER A CA  1 
ATOM   582  C  C   . SER A 1 72  ? 0.881   16.392  8.946   1.00 37.30 ? 72  SER A C   1 
ATOM   583  O  O   . SER A 1 72  ? 1.160   17.024  9.947   1.00 34.58 ? 72  SER A O   1 
ATOM   584  C  CB  . SER A 1 72  ? 2.066   16.479  6.658   1.00 31.21 ? 72  SER A CB  1 
ATOM   585  O  OG  . SER A 1 72  ? 3.190   16.082  7.401   1.00 32.44 ? 72  SER A OG  1 
ATOM   586  N  N   . ARG A 1 73  ? 0.454   15.115  8.985   1.00 32.10 ? 73  ARG A N   1 
ATOM   587  C  CA  . ARG A 1 73  ? 0.561   14.292  10.190  1.00 30.89 ? 73  ARG A CA  1 
ATOM   588  C  C   . ARG A 1 73  ? 1.448   13.090  9.877   1.00 28.80 ? 73  ARG A C   1 
ATOM   589  O  O   . ARG A 1 73  ? 1.852   12.866  8.716   1.00 27.10 ? 73  ARG A O   1 
ATOM   590  C  CB  . ARG A 1 73  ? -0.822  13.795  10.632  1.00 35.82 ? 73  ARG A CB  1 
ATOM   591  C  CG  . ARG A 1 73  ? -1.921  14.847  10.673  1.00 37.63 ? 73  ARG A CG  1 
ATOM   592  C  CD  . ARG A 1 73  ? -1.783  15.760  11.874  1.00 45.72 ? 73  ARG A CD  1 
ATOM   593  N  NE  . ARG A 1 73  ? -1.887  15.042  13.159  1.00 51.94 ? 73  ARG A NE  1 
ATOM   594  C  CZ  . ARG A 1 73  ? -2.945  15.030  13.978  1.00 58.94 ? 73  ARG A CZ  1 
ATOM   595  N  NH1 . ARG A 1 73  ? -4.074  15.708  13.697  1.00 63.58 ? 73  ARG A NH1 1 
ATOM   596  N  NH2 . ARG A 1 73  ? -2.867  14.317  15.097  1.00 64.03 ? 73  ARG A NH2 1 
ATOM   597  N  N   . ASN A 1 74  ? 1.717   12.345  10.921  1.00 27.15 ? 74  ASN A N   1 
ATOM   598  C  CA  . ASN A 1 74  ? 2.501   11.142  10.901  1.00 27.12 ? 74  ASN A CA  1 
ATOM   599  C  C   . ASN A 1 74  ? 1.715   10.081  11.705  1.00 26.98 ? 74  ASN A C   1 
ATOM   600  O  O   . ASN A 1 74  ? 2.187   9.523   12.698  1.00 27.72 ? 74  ASN A O   1 
ATOM   601  C  CB  . ASN A 1 74  ? 3.863   11.441  11.477  1.00 24.80 ? 74  ASN A CB  1 
ATOM   602  C  CG  . ASN A 1 74  ? 4.741   10.259  11.514  1.00 23.57 ? 74  ASN A CG  1 
ATOM   603  O  OD1 . ASN A 1 74  ? 4.447   9.217   10.960  1.00 22.55 ? 74  ASN A OD1 1 
ATOM   604  N  ND2 . ASN A 1 74  ? 5.853   10.398  12.175  1.00 25.15 ? 74  ASN A ND2 1 
ATOM   605  N  N   . LEU A 1 75  ? 0.534   9.732   11.211  1.00 31.05 ? 75  LEU A N   1 
ATOM   606  C  CA  . LEU A 1 75  ? -0.342  8.807   11.955  1.00 27.30 ? 75  LEU A CA  1 
ATOM   607  C  C   . LEU A 1 75  ? 0.200   7.407   12.063  1.00 27.43 ? 75  LEU A C   1 
ATOM   608  O  O   . LEU A 1 75  ? -0.183  6.681   12.984  1.00 25.08 ? 75  LEU A O   1 
ATOM   609  C  CB  . LEU A 1 75  ? -1.786  8.881   11.396  1.00 27.64 ? 75  LEU A CB  1 
ATOM   610  C  CG  . LEU A 1 75  ? -2.398  10.270  11.515  1.00 29.41 ? 75  LEU A CG  1 
ATOM   611  C  CD1 . LEU A 1 75  ? -3.681  10.458  10.716  1.00 31.38 ? 75  LEU A CD1 1 
ATOM   612  C  CD2 . LEU A 1 75  ? -2.574  10.660  12.986  1.00 32.85 ? 75  LEU A CD2 1 
ATOM   613  N  N   . CYS A 1 76  ? 1.155   6.974   11.195  1.00 22.95 ? 76  CYS A N   1 
ATOM   614  C  CA  . CYS A 1 76  ? 1.761   5.685   11.430  1.00 20.73 ? 76  CYS A CA  1 
ATOM   615  C  C   . CYS A 1 76  ? 3.005   5.744   12.296  1.00 21.69 ? 76  CYS A C   1 
ATOM   616  O  O   . CYS A 1 76  ? 3.622   4.732   12.566  1.00 23.33 ? 76  CYS A O   1 
ATOM   617  C  CB  . CYS A 1 76  ? 2.032   4.953   10.111  1.00 20.61 ? 76  CYS A CB  1 
ATOM   618  S  SG  . CYS A 1 76  ? 0.441   4.545   9.305   1.00 23.57 ? 76  CYS A SG  1 
ATOM   619  N  N   . ASN A 1 77  ? 3.407   6.944   12.659  1.00 26.00 ? 77  ASN A N   1 
ATOM   620  C  CA  . ASN A 1 77  ? 4.577   7.159   13.533  1.00 29.28 ? 77  ASN A CA  1 
ATOM   621  C  C   . ASN A 1 77  ? 5.817   6.578   12.962  1.00 25.40 ? 77  ASN A C   1 
ATOM   622  O  O   . ASN A 1 77  ? 6.502   5.742   13.596  1.00 29.45 ? 77  ASN A O   1 
ATOM   623  C  CB  . ASN A 1 77  ? 4.355   6.577   14.939  1.00 37.09 ? 77  ASN A CB  1 
ATOM   624  C  CG  . ASN A 1 77  ? 5.372   7.127   15.953  1.00 45.26 ? 77  ASN A CG  1 
ATOM   625  O  OD1 . ASN A 1 77  ? 5.952   8.207   15.760  1.00 47.70 ? 77  ASN A OD1 1 
ATOM   626  N  ND2 . ASN A 1 77  ? 5.611   6.365   17.030  1.00 55.34 ? 77  ASN A ND2 1 
ATOM   627  N  N   . ILE A 1 78  ? 6.103   6.945   11.701  1.00 24.33 ? 78  ILE A N   1 
ATOM   628  C  CA  . ILE A 1 78  ? 7.277   6.359   11.040  1.00 24.10 ? 78  ILE A CA  1 
ATOM   629  C  C   . ILE A 1 78  ? 7.878   7.403   10.122  1.00 21.97 ? 78  ILE A C   1 
ATOM   630  O  O   . ILE A 1 78  ? 7.172   8.235   9.584   1.00 21.43 ? 78  ILE A O   1 
ATOM   631  C  CB  . ILE A 1 78  ? 6.980   5.131   10.117  1.00 26.47 ? 78  ILE A CB  1 
ATOM   632  C  CG1 . ILE A 1 78  ? 5.758   5.370   9.270   1.00 24.41 ? 78  ILE A CG1 1 
ATOM   633  C  CG2 . ILE A 1 78  ? 6.914   3.857   10.891  1.00 29.97 ? 78  ILE A CG2 1 
ATOM   634  C  CD1 . ILE A 1 78  ? 5.636   4.364   8.136   1.00 28.29 ? 78  ILE A CD1 1 
ATOM   635  N  N   . PRO A 1 79  ? 9.209   7.381   9.974   1.00 23.70 ? 79  PRO A N   1 
ATOM   636  C  CA  . PRO A 1 79  ? 9.738   8.080   8.776   1.00 22.36 ? 79  PRO A CA  1 
ATOM   637  C  C   . PRO A 1 79  ? 9.281   7.397   7.475   1.00 17.23 ? 79  PRO A C   1 
ATOM   638  O  O   . PRO A 1 79  ? 9.204   6.182   7.372   1.00 19.45 ? 79  PRO A O   1 
ATOM   639  C  CB  . PRO A 1 79  ? 11.274  7.934   8.905   1.00 21.63 ? 79  PRO A CB  1 
ATOM   640  C  CG  . PRO A 1 79  ? 11.474  6.737   9.764   1.00 26.06 ? 79  PRO A CG  1 
ATOM   641  C  CD  . PRO A 1 79  ? 10.207  6.478   10.579  1.00 24.80 ? 79  PRO A CD  1 
ATOM   642  N  N   . CYS A 1 80  ? 9.025   8.218   6.467   1.00 19.84 ? 80  CYS A N   1 
ATOM   643  C  CA  . CYS A 1 80  ? 8.513   7.728   5.210   1.00 19.08 ? 80  CYS A CA  1 
ATOM   644  C  C   . CYS A 1 80  ? 9.475   6.792   4.531   1.00 19.59 ? 80  CYS A C   1 
ATOM   645  O  O   . CYS A 1 80  ? 9.055   5.849   3.878   1.00 17.96 ? 80  CYS A O   1 
ATOM   646  C  CB  . CYS A 1 80  ? 8.096   8.858   4.283   1.00 19.03 ? 80  CYS A CB  1 
ATOM   647  S  SG  . CYS A 1 80  ? 6.819   9.983   4.881   1.00 19.85 ? 80  CYS A SG  1 
ATOM   648  N  N   . SER A 1 81  ? 10.776  7.016   4.700   1.00 19.86 ? 81  SER A N   1 
ATOM   649  C  CA  . SER A 1 81  ? 11.771  6.065   4.175   1.00 20.64 ? 81  SER A CA  1 
ATOM   650  C  C   . SER A 1 81  ? 11.650  4.614   4.644   1.00 21.71 ? 81  SER A C   1 
ATOM   651  O  O   . SER A 1 81  ? 12.022  3.703   3.903   1.00 23.12 ? 81  SER A O   1 
ATOM   652  C  CB  . SER A 1 81  ? 13.202  6.610   4.439   1.00 23.17 ? 81  SER A CB  1 
ATOM   653  O  OG  . SER A 1 81  ? 13.463  6.789   5.792   1.00 26.11 ? 81  SER A OG  1 
ATOM   654  N  N   . ALA A 1 82  ? 11.077  4.388   5.835   1.00 23.97 ? 82  ALA A N   1 
ATOM   655  C  CA  . ALA A 1 82  ? 10.746  3.029   6.300   1.00 27.02 ? 82  ALA A CA  1 
ATOM   656  C  C   . ALA A 1 82  ? 9.795   2.282   5.398   1.00 27.59 ? 82  ALA A C   1 
ATOM   657  O  O   . ALA A 1 82  ? 9.795   1.023   5.389   1.00 29.62 ? 82  ALA A O   1 
ATOM   658  C  CB  . ALA A 1 82  ? 10.185  3.041   7.704   1.00 29.15 ? 82  ALA A CB  1 
ATOM   659  N  N   . LEU A 1 83  ? 8.998   3.043   4.632   1.00 22.46 ? 83  LEU A N   1 
ATOM   660  C  CA  . LEU A 1 83  ? 8.051   2.479   3.658   1.00 22.38 ? 83  LEU A CA  1 
ATOM   661  C  C   . LEU A 1 83  ? 8.737   2.019   2.318   1.00 21.53 ? 83  LEU A C   1 
ATOM   662  O  O   . LEU A 1 83  ? 8.093   1.418   1.435   1.00 23.23 ? 83  LEU A O   1 
ATOM   663  C  CB  . LEU A 1 83  ? 6.895   3.461   3.412   1.00 22.00 ? 83  LEU A CB  1 
ATOM   664  C  CG  . LEU A 1 83  ? 6.038   4.018   4.573   1.00 24.35 ? 83  LEU A CG  1 
ATOM   665  C  CD1 . LEU A 1 83  ? 5.158   5.228   4.189   1.00 22.21 ? 83  LEU A CD1 1 
ATOM   666  C  CD2 . LEU A 1 83  ? 5.152   2.873   5.058   1.00 26.06 ? 83  LEU A CD2 1 
ATOM   667  N  N   . LEU A 1 84  ? 10.045  2.247   2.178   1.00 21.30 ? 84  LEU A N   1 
ATOM   668  C  CA  . LEU A 1 84  ? 10.807  1.887   1.014   1.00 22.32 ? 84  LEU A CA  1 
ATOM   669  C  C   . LEU A 1 84  ? 11.683  0.640   1.195   1.00 24.05 ? 84  LEU A C   1 
ATOM   670  O  O   . LEU A 1 84  ? 12.408  0.201   0.266   1.00 24.56 ? 84  LEU A O   1 
ATOM   671  C  CB  . LEU A 1 84  ? 11.678  3.065   0.605   1.00 21.08 ? 84  LEU A CB  1 
ATOM   672  C  CG  . LEU A 1 84  ? 10.963  4.407   0.411   1.00 22.09 ? 84  LEU A CG  1 
ATOM   673  C  CD1 . LEU A 1 84  ? 11.991  5.456   0.037   1.00 22.77 ? 84  LEU A CD1 1 
ATOM   674  C  CD2 . LEU A 1 84  ? 9.828   4.381   -0.591  1.00 21.12 ? 84  LEU A CD2 1 
ATOM   675  N  N   . SER A 1 85  ? 11.624  0.084   2.386   1.00 23.52 ? 85  SER A N   1 
ATOM   676  C  CA  . SER A 1 85  ? 12.394  -1.104  2.732   1.00 24.37 ? 85  SER A CA  1 
ATOM   677  C  C   . SER A 1 85  ? 12.012  -2.317  1.885   1.00 23.15 ? 85  SER A C   1 
ATOM   678  O  O   . SER A 1 85  ? 10.884  -2.456  1.414   1.00 22.46 ? 85  SER A O   1 
ATOM   679  C  CB  . SER A 1 85  ? 12.211  -1.382  4.222   1.00 23.54 ? 85  SER A CB  1 
ATOM   680  O  OG  . SER A 1 85  ? 12.784  -2.621  4.600   1.00 24.58 ? 85  SER A OG  1 
ATOM   681  N  N   . SER A 1 86  ? 12.964  -3.245  1.726   1.00 23.23 ? 86  SER A N   1 
ATOM   682  C  CA  . SER A 1 86  ? 12.691  -4.522  1.062   1.00 22.71 ? 86  SER A CA  1 
ATOM   683  C  C   . SER A 1 86  ? 11.730  -5.330  1.910   1.00 22.60 ? 86  SER A C   1 
ATOM   684  O  O   . SER A 1 86  ? 11.025  -6.201  1.436   1.00 23.35 ? 86  SER A O   1 
ATOM   685  C  CB  . SER A 1 86  ? 13.983  -5.305  0.927   1.00 26.66 ? 86  SER A CB  1 
ATOM   686  O  OG  . SER A 1 86  ? 14.556  -5.400  2.208   1.00 28.81 ? 86  SER A OG  1 
ATOM   687  N  N   . ASP A 1 87  ? 11.728  -5.040  3.180   1.00 22.68 ? 87  ASP A N   1 
ATOM   688  C  CA  . ASP A 1 87  ? 10.730  -5.637  4.054   1.00 26.40 ? 87  ASP A CA  1 
ATOM   689  C  C   . ASP A 1 87  ? 9.466   -4.776  4.212   1.00 21.89 ? 87  ASP A C   1 
ATOM   690  O  O   . ASP A 1 87  ? 9.505   -3.648  4.727   1.00 23.17 ? 87  ASP A O   1 
ATOM   691  C  CB  . ASP A 1 87  ? 11.283  -5.917  5.429   1.00 28.71 ? 87  ASP A CB  1 
ATOM   692  C  CG  . ASP A 1 87  ? 10.288  -6.733  6.255   1.00 37.58 ? 87  ASP A CG  1 
ATOM   693  O  OD1 . ASP A 1 87  ? 10.324  -8.001  6.236   1.00 43.02 ? 87  ASP A OD1 1 
ATOM   694  O  OD2 . ASP A 1 87  ? 9.419   -6.099  6.827   1.00 30.05 ? 87  ASP A OD2 1 
ATOM   695  N  N   . ILE A 1 88  ? 8.343   -5.395  3.922   1.00 23.45 ? 88  ILE A N   1 
ATOM   696  C  CA  . ILE A 1 88  ? 7.087   -4.655  3.814   1.00 22.97 ? 88  ILE A CA  1 
ATOM   697  C  C   . ILE A 1 88  ? 6.284   -4.443  5.072   1.00 22.83 ? 88  ILE A C   1 
ATOM   698  O  O   . ILE A 1 88  ? 5.194   -3.858  5.019   1.00 20.80 ? 88  ILE A O   1 
ATOM   699  C  CB  . ILE A 1 88  ? 6.196   -5.265  2.711   1.00 24.73 ? 88  ILE A CB  1 
ATOM   700  C  CG1 . ILE A 1 88  ? 5.632   -6.656  3.103   1.00 24.44 ? 88  ILE A CG1 1 
ATOM   701  C  CG2 . ILE A 1 88  ? 6.967   -5.290  1.400   1.00 24.69 ? 88  ILE A CG2 1 
ATOM   702  C  CD1 . ILE A 1 88  ? 4.427   -7.106  2.284   1.00 23.73 ? 88  ILE A CD1 1 
ATOM   703  N  N   . THR A 1 89  ? 6.815   -4.882  6.218   1.00 22.41 ? 89  THR A N   1 
ATOM   704  C  CA  . THR A 1 89  ? 6.117   -4.789  7.466   1.00 23.98 ? 89  THR A CA  1 
ATOM   705  C  C   . THR A 1 89  ? 5.572   -3.402  7.739   1.00 24.39 ? 89  THR A C   1 
ATOM   706  O  O   . THR A 1 89  ? 4.390   -3.229  8.052   1.00 23.88 ? 89  THR A O   1 
ATOM   707  C  CB  . THR A 1 89  ? 7.023   -5.286  8.662   1.00 26.08 ? 89  THR A CB  1 
ATOM   708  O  OG1 . THR A 1 89  ? 7.461   -6.621  8.370   1.00 27.19 ? 89  THR A OG1 1 
ATOM   709  C  CG2 . THR A 1 89  ? 6.229   -5.289  9.944   1.00 28.44 ? 89  THR A CG2 1 
ATOM   710  N  N   . ALA A 1 90  ? 6.405   -2.398  7.614   1.00 21.90 ? 90  ALA A N   1 
ATOM   711  C  CA  . ALA A 1 90  ? 5.973   -1.077  8.004   1.00 23.04 ? 90  ALA A CA  1 
ATOM   712  C  C   . ALA A 1 90  ? 4.870   -0.600  7.029   1.00 23.23 ? 90  ALA A C   1 
ATOM   713  O  O   . ALA A 1 90  ? 3.896   -0.011  7.481   1.00 21.47 ? 90  ALA A O   1 
ATOM   714  C  CB  . ALA A 1 90  ? 7.129   -0.099  8.008   1.00 25.08 ? 90  ALA A CB  1 
ATOM   715  N  N   . SER A 1 91  ? 5.007   -0.849  5.717   1.00 21.04 ? 91  SER A N   1 
ATOM   716  C  CA  . SER A 1 91  ? 3.893   -0.516  4.797   1.00 21.51 ? 91  SER A CA  1 
ATOM   717  C  C   . SER A 1 91  ? 2.570   -1.243  5.142   1.00 21.81 ? 91  SER A C   1 
ATOM   718  O  O   . SER A 1 91  ? 1.484   -0.666  5.052   1.00 20.21 ? 91  SER A O   1 
ATOM   719  C  CB  . SER A 1 91  ? 4.263   -0.852  3.367   1.00 20.34 ? 91  SER A CB  1 
ATOM   720  O  OG  . SER A 1 91  ? 5.217   0.084   2.910   1.00 21.68 ? 91  SER A OG  1 
ATOM   721  N  N   . VAL A 1 92  ? 2.661   -2.547  5.408   1.00 20.53 ? 92  VAL A N   1 
ATOM   722  C  CA  . VAL A 1 92  ? 1.505   -3.346  5.737   1.00 21.26 ? 92  VAL A CA  1 
ATOM   723  C  C   . VAL A 1 92  ? 0.845   -2.892  7.033   1.00 22.20 ? 92  VAL A C   1 
ATOM   724  O  O   . VAL A 1 92  ? -0.354  -2.715  7.059   1.00 22.31 ? 92  VAL A O   1 
ATOM   725  C  CB  . VAL A 1 92  ? 1.768   -4.863  5.792   1.00 21.03 ? 92  VAL A CB  1 
ATOM   726  C  CG1 . VAL A 1 92  ? 0.559   -5.548  6.422   1.00 25.41 ? 92  VAL A CG1 1 
ATOM   727  C  CG2 . VAL A 1 92  ? 2.042   -5.417  4.408   1.00 22.53 ? 92  VAL A CG2 1 
ATOM   728  N  N   . ASN A 1 93  ? 1.603   -2.697  8.114   1.00 25.18 ? 93  ASN A N   1 
ATOM   729  C  CA  . ASN A 1 93  ? 1.019   -2.204  9.359   1.00 26.26 ? 93  ASN A CA  1 
ATOM   730  C  C   . ASN A 1 93  ? 0.399   -0.833  9.173   1.00 24.60 ? 93  ASN A C   1 
ATOM   731  O  O   . ASN A 1 93  ? -0.705  -0.576  9.680   1.00 22.27 ? 93  ASN A O   1 
ATOM   732  C  CB  . ASN A 1 93  ? 2.044   -2.209  10.494  1.00 34.10 ? 93  ASN A CB  1 
ATOM   733  C  CG  . ASN A 1 93  ? 2.535   -3.616  10.794  1.00 42.31 ? 93  ASN A CG  1 
ATOM   734  O  OD1 . ASN A 1 93  ? 1.889   -4.605  10.413  1.00 49.43 ? 93  ASN A OD1 1 
ATOM   735  N  ND2 . ASN A 1 93  ? 3.682   -3.720  11.435  1.00 51.00 ? 93  ASN A ND2 1 
ATOM   736  N  N   . CYS A 1 94  ? 1.038   0.032   8.380   1.00 20.24 ? 94  CYS A N   1 
ATOM   737  C  CA  . CYS A 1 94  ? 0.463   1.316   8.124   1.00 20.30 ? 94  CYS A CA  1 
ATOM   738  C  C   . CYS A 1 94  ? -0.841  1.221   7.294   1.00 21.47 ? 94  CYS A C   1 
ATOM   739  O  O   . CYS A 1 94  ? -1.813  1.917   7.619   1.00 21.41 ? 94  CYS A O   1 
ATOM   740  C  CB  . CYS A 1 94  ? 1.508   2.319   7.525   1.00 20.18 ? 94  CYS A CB  1 
ATOM   741  S  SG  . CYS A 1 94  ? 0.976   4.013   7.413   1.00 21.99 ? 94  CYS A SG  1 
ATOM   742  N  N   . ALA A 1 95  ? -0.839  0.389   6.236   1.00 19.96 ? 95  ALA A N   1 
ATOM   743  C  CA  . ALA A 1 95  ? -2.023  0.136   5.394   1.00 18.99 ? 95  ALA A CA  1 
ATOM   744  C  C   . ALA A 1 95  ? -3.219  -0.317  6.227   1.00 19.05 ? 95  ALA A C   1 
ATOM   745  O  O   . ALA A 1 95  ? -4.342  0.042   5.945   1.00 20.40 ? 95  ALA A O   1 
ATOM   746  C  CB  . ALA A 1 95  ? -1.723  -0.929  4.367   1.00 19.15 ? 95  ALA A CB  1 
ATOM   747  N  N   . LYS A 1 96  ? -2.979  -1.180  7.213   1.00 18.87 ? 96  LYS A N   1 
ATOM   748  C  CA  . LYS A 1 96  ? -4.018  -1.597  8.136   1.00 20.23 ? 96  LYS A CA  1 
ATOM   749  C  C   . LYS A 1 96  ? -4.651  -0.457  8.868   1.00 21.93 ? 96  LYS A C   1 
ATOM   750  O  O   . LYS A 1 96  ? -5.893  -0.440  8.996   1.00 22.60 ? 96  LYS A O   1 
ATOM   751  C  CB  . LYS A 1 96  ? -3.482  -2.609  9.139   1.00 22.08 ? 96  LYS A CB  1 
ATOM   752  C  CG  . LYS A 1 96  ? -3.094  -3.900  8.452   1.00 21.72 ? 96  LYS A CG  1 
ATOM   753  C  CD  . LYS A 1 96  ? -2.534  -4.868  9.467   1.00 25.02 ? 96  LYS A CD  1 
ATOM   754  C  CE  . LYS A 1 96  ? -2.338  -6.260  8.885   1.00 24.58 ? 96  LYS A CE  1 
ATOM   755  N  NZ  . LYS A 1 96  ? -1.552  -7.101  9.841   1.00 27.62 ? 96  LYS A NZ  1 
ATOM   756  N  N   . LYS A 1 97  ? -3.859  0.546   9.297   1.00 21.23 ? 97  LYS A N   1 
ATOM   757  C  CA  . LYS A 1 97  ? -4.461  1.731   9.932   1.00 25.13 ? 97  LYS A CA  1 
ATOM   758  C  C   . LYS A 1 97  ? -5.255  2.557   8.936   1.00 23.01 ? 97  LYS A C   1 
ATOM   759  O  O   . LYS A 1 97  ? -6.305  3.148   9.252   1.00 23.11 ? 97  LYS A O   1 
ATOM   760  C  CB  . LYS A 1 97  ? -3.443  2.691   10.562  1.00 27.19 ? 97  LYS A CB  1 
ATOM   761  C  CG  . LYS A 1 97  ? -2.579  2.113   11.658  1.00 39.56 ? 97  LYS A CG  1 
ATOM   762  C  CD  . LYS A 1 97  ? -1.961  3.235   12.544  1.00 44.62 ? 97  LYS A CD  1 
ATOM   763  C  CE  . LYS A 1 97  ? -1.043  2.642   13.644  1.00 53.30 ? 97  LYS A CE  1 
ATOM   764  N  NZ  . LYS A 1 97  ? 0.244   2.033   13.165  1.00 52.12 ? 97  LYS A NZ  1 
ATOM   765  N  N   . ILE A 1 98  ? -4.687  2.712   7.757   1.00 21.49 ? 98  ILE A N   1 
ATOM   766  C  CA  . ILE A 1 98  ? -5.310  3.543   6.698   1.00 20.56 ? 98  ILE A CA  1 
ATOM   767  C  C   . ILE A 1 98  ? -6.667  2.979   6.342   1.00 20.21 ? 98  ILE A C   1 
ATOM   768  O  O   . ILE A 1 98  ? -7.669  3.716   6.269   1.00 20.98 ? 98  ILE A O   1 
ATOM   769  C  CB  . ILE A 1 98  ? -4.388  3.607   5.443   1.00 20.66 ? 98  ILE A CB  1 
ATOM   770  C  CG1 . ILE A 1 98  ? -3.139  4.376   5.797   1.00 20.65 ? 98  ILE A CG1 1 
ATOM   771  C  CG2 . ILE A 1 98  ? -5.109  4.274   4.295   1.00 20.28 ? 98  ILE A CG2 1 
ATOM   772  C  CD1 . ILE A 1 98  ? -2.066  4.280   4.744   1.00 21.43 ? 98  ILE A CD1 1 
ATOM   773  N  N   . VAL A 1 99  ? -6.686  1.696   6.081   1.00 18.92 ? 99  VAL A N   1 
ATOM   774  C  CA  . VAL A 1 99  ? -7.907  1.021   5.568   1.00 19.56 ? 99  VAL A CA  1 
ATOM   775  C  C   . VAL A 1 99  ? -9.026  0.985   6.595   1.00 22.94 ? 99  VAL A C   1 
ATOM   776  O  O   . VAL A 1 99  ? -10.214 0.812   6.229   1.00 24.10 ? 99  VAL A O   1 
ATOM   777  C  CB  . VAL A 1 99  ? -7.537  -0.363  4.993   1.00 19.58 ? 99  VAL A CB  1 
ATOM   778  C  CG1 . VAL A 1 99  ? -7.265  -1.434  6.058   1.00 19.81 ? 99  VAL A CG1 1 
ATOM   779  C  CG2 . VAL A 1 99  ? -8.615  -0.927  4.046   1.00 21.07 ? 99  VAL A CG2 1 
ATOM   780  N  N   . SER A 1 100 ? -8.637  1.114   7.873   1.00 24.42 ? 100 SER A N   1 
ATOM   781  C  CA  . SER A 1 100 ? -9.535  1.052   9.013   1.00 29.69 ? 100 SER A CA  1 
ATOM   782  C  C   . SER A 1 100 ? -10.092 2.415   9.310   1.00 32.36 ? 100 SER A C   1 
ATOM   783  O  O   . SER A 1 100 ? -10.869 2.564   10.222  1.00 39.35 ? 100 SER A O   1 
ATOM   784  C  CB  . SER A 1 100 ? -8.772  0.548   10.255  1.00 29.94 ? 100 SER A CB  1 
ATOM   785  O  OG  . SER A 1 100 ? -8.272  -0.757  10.035  1.00 27.64 ? 100 SER A OG  1 
ATOM   786  N  N   . ASP A 1 101 ? -9.687  3.434   8.584   1.00 34.08 ? 101 ASP A N   1 
ATOM   787  C  CA  . ASP A 1 101 ? -9.923  4.799   9.083   1.00 39.46 ? 101 ASP A CA  1 
ATOM   788  C  C   . ASP A 1 101 ? -11.251 5.426   8.638   1.00 40.66 ? 101 ASP A C   1 
ATOM   789  O  O   . ASP A 1 101 ? -11.460 6.647   8.838   1.00 33.51 ? 101 ASP A O   1 
ATOM   790  C  CB  . ASP A 1 101 ? -8.758  5.719   8.713   1.00 44.47 ? 101 ASP A CB  1 
ATOM   791  C  CG  . ASP A 1 101 ? -8.796  6.192   7.264   1.00 48.03 ? 101 ASP A CG  1 
ATOM   792  O  OD1 . ASP A 1 101 ? -9.761  5.858   6.517   1.00 51.67 ? 101 ASP A OD1 1 
ATOM   793  O  OD2 . ASP A 1 101 ? -7.842  6.882   6.858   1.00 51.73 ? 101 ASP A OD2 1 
ATOM   794  N  N   . GLY A 1 102 ? -12.129 4.627   8.019   1.00 38.05 ? 102 GLY A N   1 
ATOM   795  C  CA  . GLY A 1 102 ? -13.415 5.146   7.539   1.00 39.34 ? 102 GLY A CA  1 
ATOM   796  C  C   . GLY A 1 102 ? -13.722 4.928   6.070   1.00 36.74 ? 102 GLY A C   1 
ATOM   797  O  O   . GLY A 1 102 ? -14.888 4.592   5.725   1.00 30.17 ? 102 GLY A O   1 
ATOM   798  N  N   . ASN A 1 103 ? -12.727 5.163   5.200   1.00 30.36 ? 103 ASN A N   1 
ATOM   799  C  CA  . ASN A 1 103 ? -12.965 5.102   3.734   1.00 29.77 ? 103 ASN A CA  1 
ATOM   800  C  C   . ASN A 1 103 ? -12.482 3.836   3.073   1.00 23.25 ? 103 ASN A C   1 
ATOM   801  O  O   . ASN A 1 103 ? -12.582 3.709   1.857   1.00 19.39 ? 103 ASN A O   1 
ATOM   802  C  CB  . ASN A 1 103 ? -12.445 6.355   3.013   1.00 36.11 ? 103 ASN A CB  1 
ATOM   803  C  CG  . ASN A 1 103 ? -13.148 7.630   3.547   1.00 46.11 ? 103 ASN A CG  1 
ATOM   804  O  OD1 . ASN A 1 103 ? -12.513 8.515   4.118   1.00 49.67 ? 103 ASN A OD1 1 
ATOM   805  N  ND2 . ASN A 1 103 ? -14.479 7.652   3.450   1.00 45.92 ? 103 ASN A ND2 1 
ATOM   806  N  N   . GLY A 1 104 ? -12.078 2.875   3.896   1.00 17.73 ? 104 GLY A N   1 
ATOM   807  C  CA  . GLY A 1 104 ? -11.592 1.575   3.418   1.00 19.59 ? 104 GLY A CA  1 
ATOM   808  C  C   . GLY A 1 104 ? -10.474 1.724   2.356   1.00 18.87 ? 104 GLY A C   1 
ATOM   809  O  O   . GLY A 1 104 ? -9.636  2.611   2.489   1.00 17.42 ? 104 GLY A O   1 
ATOM   810  N  N   . MET A 1 105 ? -10.496 0.877   1.344   1.00 17.47 ? 105 MET A N   1 
ATOM   811  C  CA  . MET A 1 105 ? -9.487  0.972   0.285   1.00 17.74 ? 105 MET A CA  1 
ATOM   812  C  C   . MET A 1 105 ? -9.698  2.150   -0.666  1.00 16.78 ? 105 MET A C   1 
ATOM   813  O  O   . MET A 1 105 ? -8.826  2.436   -1.462  1.00 17.23 ? 105 MET A O   1 
ATOM   814  C  CB  . MET A 1 105 ? -9.315  -0.325  -0.460  1.00 18.19 ? 105 MET A CB  1 
ATOM   815  C  CG  . MET A 1 105 ? -8.567  -1.407  0.334   1.00 18.01 ? 105 MET A CG  1 
ATOM   816  S  SD  . MET A 1 105 ? -7.967  -2.825  -0.555  1.00 18.10 ? 105 MET A SD  1 
ATOM   817  C  CE  . MET A 1 105 ? -6.534  -1.991  -1.196  1.00 18.32 ? 105 MET A CE  1 
ATOM   818  N  N   . ASN A 1 106 ? -10.770 2.905   -0.516  1.00 16.86 ? 106 ASN A N   1 
ATOM   819  C  CA  . ASN A 1 106 ? -10.942 4.119   -1.382  1.00 17.66 ? 106 ASN A CA  1 
ATOM   820  C  C   . ASN A 1 106 ? -9.854  5.178   -1.110  1.00 19.18 ? 106 ASN A C   1 
ATOM   821  O  O   . ASN A 1 106 ? -9.655  6.115   -1.903  1.00 17.25 ? 106 ASN A O   1 
ATOM   822  C  CB  . ASN A 1 106 ? -12.339 4.736   -1.228  1.00 19.67 ? 106 ASN A CB  1 
ATOM   823  C  CG  . ASN A 1 106 ? -13.434 3.785   -1.648  1.00 19.88 ? 106 ASN A CG  1 
ATOM   824  O  OD1 . ASN A 1 106 ? -13.568 3.481   -2.825  1.00 20.17 ? 106 ASN A OD1 1 
ATOM   825  N  ND2 . ASN A 1 106 ? -14.190 3.258   -0.676  1.00 20.82 ? 106 ASN A ND2 1 
ATOM   826  N  N   . ALA A 1 107 ? -9.164  5.039   0.021   1.00 18.33 ? 107 ALA A N   1 
ATOM   827  C  CA  . ALA A 1 107 ? -8.056  5.915   0.343   1.00 20.25 ? 107 ALA A CA  1 
ATOM   828  C  C   . ALA A 1 107 ? -6.930  5.789   -0.710  1.00 20.35 ? 107 ALA A C   1 
ATOM   829  O  O   . ALA A 1 107 ? -6.154  6.727   -0.931  1.00 18.22 ? 107 ALA A O   1 
ATOM   830  C  CB  . ALA A 1 107 ? -7.562  5.604   1.707   1.00 20.78 ? 107 ALA A CB  1 
ATOM   831  N  N   . TRP A 1 108 ? -6.873  4.640   -1.408  1.00 19.01 ? 108 TRP A N   1 
ATOM   832  C  CA  . TRP A 1 108 ? -5.947  4.458   -2.511  1.00 19.35 ? 108 TRP A CA  1 
ATOM   833  C  C   . TRP A 1 108 ? -6.675  4.783   -3.808  1.00 22.88 ? 108 TRP A C   1 
ATOM   834  O  O   . TRP A 1 108 ? -7.532  4.004   -4.292  1.00 17.61 ? 108 TRP A O   1 
ATOM   835  C  CB  . TRP A 1 108 ? -5.364  3.043   -2.515  1.00 20.44 ? 108 TRP A CB  1 
ATOM   836  C  CG  . TRP A 1 108 ? -4.402  2.808   -1.431  1.00 17.99 ? 108 TRP A CG  1 
ATOM   837  C  CD1 . TRP A 1 108 ? -3.033  3.040   -1.488  1.00 17.99 ? 108 TRP A CD1 1 
ATOM   838  C  CD2 . TRP A 1 108 ? -4.660  2.250   -0.122  1.00 19.42 ? 108 TRP A CD2 1 
ATOM   839  N  NE1 . TRP A 1 108 ? -2.448  2.654   -0.319  1.00 19.01 ? 108 TRP A NE1 1 
ATOM   840  C  CE2 . TRP A 1 108 ? -3.412  2.190   0.551   1.00 20.30 ? 108 TRP A CE2 1 
ATOM   841  C  CE3 . TRP A 1 108 ? -5.821  1.838   0.572   1.00 18.59 ? 108 TRP A CE3 1 
ATOM   842  C  CZ2 . TRP A 1 108 ? -3.300  1.717   1.864   1.00 19.49 ? 108 TRP A CZ2 1 
ATOM   843  C  CZ3 . TRP A 1 108 ? -5.688  1.352   1.892   1.00 17.82 ? 108 TRP A CZ3 1 
ATOM   844  C  CH2 . TRP A 1 108 ? -4.447  1.283   2.501   1.00 18.75 ? 108 TRP A CH2 1 
ATOM   845  N  N   . VAL A 1 109 ? -6.360  5.960   -4.376  1.00 23.66 ? 109 VAL A N   1 
ATOM   846  C  CA  . VAL A 1 109 ? -7.009  6.379   -5.655  1.00 26.75 ? 109 VAL A CA  1 
ATOM   847  C  C   . VAL A 1 109 ? -6.824  5.337   -6.760  1.00 22.59 ? 109 VAL A C   1 
ATOM   848  O  O   . VAL A 1 109 ? -7.805  5.069   -7.429  1.00 28.76 ? 109 VAL A O   1 
ATOM   849  C  CB  . VAL A 1 109 ? -6.608  7.823   -6.141  1.00 31.22 ? 109 VAL A CB  1 
ATOM   850  C  CG1 . VAL A 1 109 ? -7.466  8.239   -7.314  1.00 32.95 ? 109 VAL A CG1 1 
ATOM   851  C  CG2 . VAL A 1 109 ? -6.888  8.868   -5.065  1.00 36.19 ? 109 VAL A CG2 1 
ATOM   852  N  N   . ALA A 1 110 ? -5.644  4.723   -6.918  1.00 22.76 ? 110 ALA A N   1 
ATOM   853  C  CA  . ALA A 1 110 ? -5.423  3.613   -7.865  1.00 23.54 ? 110 ALA A CA  1 
ATOM   854  C  C   . ALA A 1 110 ? -6.343  2.380   -7.614  1.00 22.81 ? 110 ALA A C   1 
ATOM   855  O  O   . ALA A 1 110 ? -6.828  1.763   -8.541  1.00 19.32 ? 110 ALA A O   1 
ATOM   856  C  CB  . ALA A 1 110 ? -3.971  3.165   -7.921  1.00 23.99 ? 110 ALA A CB  1 
ATOM   857  N  N   . TRP A 1 111 ? -6.563  2.046   -6.357  1.00 21.10 ? 111 TRP A N   1 
ATOM   858  C  CA  . TRP A 1 111 ? -7.474  0.978   -6.058  1.00 18.21 ? 111 TRP A CA  1 
ATOM   859  C  C   . TRP A 1 111 ? -8.895  1.301   -6.573  1.00 16.93 ? 111 TRP A C   1 
ATOM   860  O  O   . TRP A 1 111 ? -9.527  0.495   -7.296  1.00 18.05 ? 111 TRP A O   1 
ATOM   861  C  CB  . TRP A 1 111 ? -7.479  0.631   -4.564  1.00 17.37 ? 111 TRP A CB  1 
ATOM   862  C  CG  . TRP A 1 111 ? -8.481  -0.534  -4.324  1.00 16.41 ? 111 TRP A CG  1 
ATOM   863  C  CD1 . TRP A 1 111 ? -8.277  -1.876  -4.534  1.00 16.80 ? 111 TRP A CD1 1 
ATOM   864  C  CD2 . TRP A 1 111 ? -9.863  -0.405  -3.903  1.00 16.47 ? 111 TRP A CD2 1 
ATOM   865  N  NE1 . TRP A 1 111 ? -9.407  -2.586  -4.226  1.00 16.18 ? 111 TRP A NE1 1 
ATOM   866  C  CE2 . TRP A 1 111 ? -10.404 -1.717  -3.844  1.00 15.23 ? 111 TRP A CE2 1 
ATOM   867  C  CE3 . TRP A 1 111 ? -10.678 0.681   -3.577  1.00 16.31 ? 111 TRP A CE3 1 
ATOM   868  C  CZ2 . TRP A 1 111 ? -11.742 -1.952  -3.498  1.00 18.00 ? 111 TRP A CZ2 1 
ATOM   869  C  CZ3 . TRP A 1 111 ? -11.930 0.464   -3.138  1.00 15.28 ? 111 TRP A CZ3 1 
ATOM   870  C  CH2 . TRP A 1 111 ? -12.507 -0.830  -3.136  1.00 15.20 ? 111 TRP A CH2 1 
ATOM   871  N  N   . ARG A 1 112 ? -9.391  2.476   -6.225  1.00 17.21 ? 112 ARG A N   1 
ATOM   872  C  CA  . ARG A 1 112 ? -10.758 2.839   -6.586  1.00 20.22 ? 112 ARG A CA  1 
ATOM   873  C  C   . ARG A 1 112 ? -10.923 2.905   -8.119  1.00 18.85 ? 112 ARG A C   1 
ATOM   874  O  O   . ARG A 1 112 ? -11.925 2.412   -8.698  1.00 17.98 ? 112 ARG A O   1 
ATOM   875  C  CB  . ARG A 1 112 ? -11.159 4.173   -5.951  1.00 22.60 ? 112 ARG A CB  1 
ATOM   876  C  CG  . ARG A 1 112 ? -12.604 4.519   -6.267  1.00 30.82 ? 112 ARG A CG  1 
ATOM   877  C  CD  . ARG A 1 112 ? -13.054 5.745   -5.488  1.00 37.29 ? 112 ARG A CD  1 
ATOM   878  N  NE  . ARG A 1 112 ? -12.062 6.817   -5.574  1.00 38.28 ? 112 ARG A NE  1 
ATOM   879  C  CZ  . ARG A 1 112 ? -11.945 7.660   -6.615  1.00 48.44 ? 112 ARG A CZ  1 
ATOM   880  N  NH1 . ARG A 1 112 ? -11.004 8.624   -6.560  1.00 48.89 ? 112 ARG A NH1 1 
ATOM   881  N  NH2 . ARG A 1 112 ? -12.739 7.555   -7.727  1.00 42.06 ? 112 ARG A NH2 1 
ATOM   882  N  N   . ASN A 1 113 ? -9.917  3.417   -8.787  1.00 20.65 ? 113 ASN A N   1 
ATOM   883  C  CA  . ASN A 1 113 ? -10.030 3.593   -10.249 1.00 20.75 ? 113 ASN A CA  1 
ATOM   884  C  C   . ASN A 1 113 ? -9.634  2.405   -11.130 1.00 22.00 ? 113 ASN A C   1 
ATOM   885  O  O   . ASN A 1 113 ? -10.036 2.366   -12.274 1.00 22.10 ? 113 ASN A O   1 
ATOM   886  C  CB  . ASN A 1 113 ? -9.164  4.782   -10.614 1.00 20.98 ? 113 ASN A CB  1 
ATOM   887  C  CG  . ASN A 1 113 ? -9.803  6.060   -10.190 1.00 21.76 ? 113 ASN A CG  1 
ATOM   888  O  OD1 . ASN A 1 113 ? -10.994 6.101   -10.112 1.00 23.73 ? 113 ASN A OD1 1 
ATOM   889  N  ND2 . ASN A 1 113 ? -9.021  7.097   -9.909  1.00 22.44 ? 113 ASN A ND2 1 
ATOM   890  N  N   . ARG A 1 114 ? -8.847  1.466   -10.611 1.00 21.19 ? 114 ARG A N   1 
ATOM   891  C  CA  . ARG A 1 114 ? -8.370  0.379   -11.373 1.00 19.70 ? 114 ARG A CA  1 
ATOM   892  C  C   . ARG A 1 114 ? -8.654  -1.020  -10.840 1.00 19.88 ? 114 ARG A C   1 
ATOM   893  O  O   . ARG A 1 114 ? -8.494  -1.988  -11.563 1.00 19.50 ? 114 ARG A O   1 
ATOM   894  C  CB  . ARG A 1 114 ? -6.907  0.562   -11.517 1.00 21.64 ? 114 ARG A CB  1 
ATOM   895  C  CG  . ARG A 1 114 ? -6.693  1.931   -12.149 1.00 25.52 ? 114 ARG A CG  1 
ATOM   896  C  CD  . ARG A 1 114 ? -5.308  2.109   -12.565 1.00 25.91 ? 114 ARG A CD  1 
ATOM   897  N  NE  . ARG A 1 114 ? -4.925  1.377   -13.740 1.00 22.73 ? 114 ARG A NE  1 
ATOM   898  C  CZ  . ARG A 1 114 ? -3.712  1.522   -14.237 1.00 22.63 ? 114 ARG A CZ  1 
ATOM   899  N  NH1 . ARG A 1 114 ? -2.890  2.328   -13.605 1.00 23.49 ? 114 ARG A NH1 1 
ATOM   900  N  NH2 . ARG A 1 114 ? -3.324  0.842   -15.290 1.00 19.18 ? 114 ARG A NH2 1 
ATOM   901  N  N   . CYS A 1 115 ? -9.039  -1.120  -9.586  1.00 18.16 ? 115 CYS A N   1 
ATOM   902  C  CA  . CYS A 1 115 ? -9.257  -2.438  -8.970  1.00 17.93 ? 115 CYS A CA  1 
ATOM   903  C  C   . CYS A 1 115 ? -10.689 -2.655  -8.500  1.00 18.54 ? 115 CYS A C   1 
ATOM   904  O  O   . CYS A 1 115 ? -11.247 -3.749  -8.682  1.00 19.15 ? 115 CYS A O   1 
ATOM   905  C  CB  . CYS A 1 115 ? -8.332  -2.578  -7.780  1.00 17.72 ? 115 CYS A CB  1 
ATOM   906  S  SG  . CYS A 1 115 ? -6.544  -2.436  -8.167  1.00 19.25 ? 115 CYS A SG  1 
ATOM   907  N  N   . LYS A 1 116 ? -11.252 -1.650  -7.862  1.00 17.27 ? 116 LYS A N   1 
ATOM   908  C  CA  . LYS A 1 116 ? -12.590 -1.742  -7.335  1.00 18.64 ? 116 LYS A CA  1 
ATOM   909  C  C   . LYS A 1 116 ? -13.548 -2.167  -8.462  1.00 18.88 ? 116 LYS A C   1 
ATOM   910  O  O   . LYS A 1 116 ? -13.569 -1.567  -9.554  1.00 20.31 ? 116 LYS A O   1 
ATOM   911  C  CB  . LYS A 1 116 ? -12.959 -0.364  -6.720  1.00 18.59 ? 116 LYS A CB  1 
ATOM   912  C  CG  . LYS A 1 116 ? -14.330 -0.260  -6.041  1.00 19.32 ? 116 LYS A CG  1 
ATOM   913  C  CD  . LYS A 1 116 ? -14.598 1.146   -5.533  1.00 19.95 ? 116 LYS A CD  1 
ATOM   914  C  CE  . LYS A 1 116 ? -15.772 1.147   -4.562  1.00 19.94 ? 116 LYS A CE  1 
ATOM   915  N  NZ  . LYS A 1 116 ? -16.044 2.515   -4.079  1.00 18.84 ? 116 LYS A NZ  1 
ATOM   916  N  N   . GLY A 1 117 ? -14.351 -3.179  -8.219  1.00 20.11 ? 117 GLY A N   1 
ATOM   917  C  CA  . GLY A 1 117 ? -15.360 -3.524  -9.190  1.00 22.07 ? 117 GLY A CA  1 
ATOM   918  C  C   . GLY A 1 117 ? -14.838 -4.466  -10.261 1.00 23.45 ? 117 GLY A C   1 
ATOM   919  O  O   . GLY A 1 117 ? -15.557 -4.765  -11.215 1.00 26.05 ? 117 GLY A O   1 
ATOM   920  N  N   . THR A 1 118 ? -13.587 -4.904  -10.156 1.00 21.18 ? 118 THR A N   1 
ATOM   921  C  CA  . THR A 1 118 ? -12.977 -5.726  -11.163 1.00 23.19 ? 118 THR A CA  1 
ATOM   922  C  C   . THR A 1 118 ? -12.766 -7.093  -10.545 1.00 23.13 ? 118 THR A C   1 
ATOM   923  O  O   . THR A 1 118 ? -12.879 -7.262  -9.333  1.00 25.47 ? 118 THR A O   1 
ATOM   924  C  CB  . THR A 1 118 ? -11.639 -5.211  -11.705 1.00 24.54 ? 118 THR A CB  1 
ATOM   925  O  OG1 . THR A 1 118 ? -10.609 -5.368  -10.705 1.00 21.86 ? 118 THR A OG1 1 
ATOM   926  C  CG2 . THR A 1 118 ? -11.733 -3.739  -12.177 1.00 24.26 ? 118 THR A CG2 1 
ATOM   927  N  N   . ASP A 1 119 ? -12.377 -8.071  -11.358 1.00 27.91 ? 119 ASP A N   1 
ATOM   928  C  CA  . ASP A 1 119 ? -12.141 -9.446  -10.861 1.00 27.96 ? 119 ASP A CA  1 
ATOM   929  C  C   . ASP A 1 119 ? -10.728 -9.520  -10.295 1.00 25.65 ? 119 ASP A C   1 
ATOM   930  O  O   . ASP A 1 119 ? -9.780  -9.951  -10.968 1.00 25.89 ? 119 ASP A O   1 
ATOM   931  C  CB  . ASP A 1 119 ? -12.321 -10.427 -12.005 1.00 32.01 ? 119 ASP A CB  1 
ATOM   932  C  CG  . ASP A 1 119 ? -12.062 -11.876 -11.601 1.00 35.23 ? 119 ASP A CG  1 
ATOM   933  O  OD1 . ASP A 1 119 ? -12.345 -12.194 -10.433 1.00 38.22 ? 119 ASP A OD1 1 
ATOM   934  O  OD2 . ASP A 1 119 ? -11.554 -12.655 -12.447 1.00 44.03 ? 119 ASP A OD2 1 
ATOM   935  N  N   . VAL A 1 120 ? -10.594 -9.032  -9.078  1.00 25.17 ? 120 VAL A N   1 
ATOM   936  C  CA  . VAL A 1 120 ? -9.270  -8.827  -8.465  1.00 27.07 ? 120 VAL A CA  1 
ATOM   937  C  C   . VAL A 1 120 ? -8.643  -10.201 -8.108  1.00 27.62 ? 120 VAL A C   1 
ATOM   938  O  O   . VAL A 1 120 ? -7.468  -10.345 -7.945  1.00 23.24 ? 120 VAL A O   1 
ATOM   939  C  CB  . VAL A 1 120 ? -9.331  -7.959  -7.184  1.00 23.58 ? 120 VAL A CB  1 
ATOM   940  C  CG1 . VAL A 1 120 ? -9.572  -6.487  -7.470  1.00 25.21 ? 120 VAL A CG1 1 
ATOM   941  C  CG2 . VAL A 1 120 ? -10.381 -8.495  -6.227  1.00 27.14 ? 120 VAL A CG2 1 
ATOM   942  N  N   . GLN A 1 121 ? -9.456  -11.223 -8.004  1.00 26.21 ? 121 GLN A N   1 
ATOM   943  C  CA  . GLN A 1 121 ? -8.900  -12.524 -7.779  1.00 30.42 ? 121 GLN A CA  1 
ATOM   944  C  C   . GLN A 1 121 ? -7.901  -12.964 -8.863  1.00 28.57 ? 121 GLN A C   1 
ATOM   945  O  O   . GLN A 1 121 ? -7.030  -13.812 -8.569  1.00 27.52 ? 121 GLN A O   1 
ATOM   946  C  CB  . GLN A 1 121 ? -10.048 -13.532 -7.637  1.00 38.39 ? 121 GLN A CB  1 
ATOM   947  C  CG  . GLN A 1 121 ? -9.587  -14.959 -7.786  1.00 51.23 ? 121 GLN A CG  1 
ATOM   948  C  CD  . GLN A 1 121 ? -10.711 -15.898 -7.507  1.00 64.77 ? 121 GLN A CD  1 
ATOM   949  O  OE1 . GLN A 1 121 ? -11.769 -15.833 -8.167  1.00 74.61 ? 121 GLN A OE1 1 
ATOM   950  N  NE2 . GLN A 1 121 ? -10.519 -16.766 -6.499  1.00 69.68 ? 121 GLN A NE2 1 
ATOM   951  N  N   . ALA A 1 122 ? -8.042  -12.458 -10.089 1.00 24.23 ? 122 ALA A N   1 
ATOM   952  C  CA  . ALA A 1 122 ? -7.064  -12.691 -11.131 1.00 25.00 ? 122 ALA A CA  1 
ATOM   953  C  C   . ALA A 1 122 ? -5.612  -12.366 -10.667 1.00 25.09 ? 122 ALA A C   1 
ATOM   954  O  O   . ALA A 1 122 ? -4.680  -13.030 -11.111 1.00 22.77 ? 122 ALA A O   1 
ATOM   955  C  CB  . ALA A 1 122 ? -7.390  -11.929 -12.404 1.00 26.10 ? 122 ALA A CB  1 
ATOM   956  N  N   . TRP A 1 123 ? -5.429  -11.370 -9.778  1.00 21.13 ? 123 TRP A N   1 
ATOM   957  C  CA  . TRP A 1 123 ? -4.131  -10.976 -9.335  1.00 20.98 ? 123 TRP A CA  1 
ATOM   958  C  C   . TRP A 1 123 ? -3.425  -12.071 -8.545  1.00 21.78 ? 123 TRP A C   1 
ATOM   959  O  O   . TRP A 1 123 ? -2.187  -12.016 -8.402  1.00 22.24 ? 123 TRP A O   1 
ATOM   960  C  CB  . TRP A 1 123 ? -4.213  -9.639  -8.545  1.00 20.50 ? 123 TRP A CB  1 
ATOM   961  C  CG  . TRP A 1 123 ? -4.454  -8.541  -9.512  1.00 21.40 ? 123 TRP A CG  1 
ATOM   962  C  CD1 . TRP A 1 123 ? -5.645  -7.942  -9.796  1.00 23.97 ? 123 TRP A CD1 1 
ATOM   963  C  CD2 . TRP A 1 123 ? -3.518  -8.009  -10.437 1.00 24.27 ? 123 TRP A CD2 1 
ATOM   964  N  NE1 . TRP A 1 123 ? -5.513  -7.063  -10.832 1.00 20.96 ? 123 TRP A NE1 1 
ATOM   965  C  CE2 . TRP A 1 123 ? -4.212  -7.040  -11.217 1.00 21.67 ? 123 TRP A CE2 1 
ATOM   966  C  CE3 . TRP A 1 123 ? -2.135  -8.226  -10.664 1.00 24.47 ? 123 TRP A CE3 1 
ATOM   967  C  CZ2 . TRP A 1 123 ? -3.611  -6.321  -12.241 1.00 25.04 ? 123 TRP A CZ2 1 
ATOM   968  C  CZ3 . TRP A 1 123 ? -1.530  -7.518  -11.711 1.00 24.95 ? 123 TRP A CZ3 1 
ATOM   969  C  CH2 . TRP A 1 123 ? -2.289  -6.573  -12.487 1.00 24.25 ? 123 TRP A CH2 1 
ATOM   970  N  N   . ILE A 1 124 ? -4.186  -13.012 -7.980  1.00 22.01 ? 124 ILE A N   1 
ATOM   971  C  CA  . ILE A 1 124 ? -3.536  -14.143 -7.219  1.00 24.75 ? 124 ILE A CA  1 
ATOM   972  C  C   . ILE A 1 124 ? -3.593  -15.495 -7.902  1.00 26.83 ? 124 ILE A C   1 
ATOM   973  O  O   . ILE A 1 124 ? -3.152  -16.536 -7.319  1.00 25.43 ? 124 ILE A O   1 
ATOM   974  C  CB  . ILE A 1 124 ? -4.008  -14.238 -5.747  1.00 25.42 ? 124 ILE A CB  1 
ATOM   975  C  CG1 . ILE A 1 124 ? -5.517  -14.600 -5.664  1.00 27.29 ? 124 ILE A CG1 1 
ATOM   976  C  CG2 . ILE A 1 124 ? -3.685  -12.930 -5.046  1.00 24.58 ? 124 ILE A CG2 1 
ATOM   977  C  CD1 . ILE A 1 124 ? -5.963  -14.956 -4.263  1.00 31.87 ? 124 ILE A CD1 1 
ATOM   978  N  N   . ARG A 1 125 ? -4.074  -15.519 -9.145  1.00 31.14 ? 125 ARG A N   1 
ATOM   979  C  CA  . ARG A 1 125 ? -4.150  -16.793 -9.879  1.00 39.08 ? 125 ARG A CA  1 
ATOM   980  C  C   . ARG A 1 125 ? -2.765  -17.364 -10.079 1.00 33.80 ? 125 ARG A C   1 
ATOM   981  O  O   . ARG A 1 125 ? -1.812  -16.631 -10.397 1.00 29.98 ? 125 ARG A O   1 
ATOM   982  C  CB  . ARG A 1 125 ? -4.855  -16.656 -11.242 1.00 48.21 ? 125 ARG A CB  1 
ATOM   983  C  CG  . ARG A 1 125 ? -6.321  -16.223 -11.158 1.00 61.73 ? 125 ARG A CG  1 
ATOM   984  C  CD  . ARG A 1 125 ? -7.261  -17.143 -10.355 1.00 75.35 ? 125 ARG A CD  1 
ATOM   985  N  NE  . ARG A 1 125 ? -7.019  -17.124 -8.899  1.00 79.45 ? 125 ARG A NE  1 
ATOM   986  C  CZ  . ARG A 1 125 ? -7.586  -17.958 -8.029  1.00 82.80 ? 125 ARG A CZ  1 
ATOM   987  N  NH1 . ARG A 1 125 ? -7.283  -17.880 -6.733  1.00 81.63 ? 125 ARG A NH1 1 
ATOM   988  N  NH2 . ARG A 1 125 ? -8.453  -18.881 -8.448  1.00 85.86 ? 125 ARG A NH2 1 
ATOM   989  N  N   . GLY A 1 126 ? -2.645  -18.682 -9.897  1.00 30.29 ? 126 GLY A N   1 
ATOM   990  C  CA  . GLY A 1 126 ? -1.385  -19.342 -10.122 1.00 28.21 ? 126 GLY A CA  1 
ATOM   991  C  C   . GLY A 1 126 ? -0.511  -19.339 -8.899  1.00 29.24 ? 126 GLY A C   1 
ATOM   992  O  O   . GLY A 1 126 ? 0.463   -20.058 -8.874  1.00 35.58 ? 126 GLY A O   1 
ATOM   993  N  N   . CYS A 1 127 ? -0.795  -18.523 -7.896  1.00 26.74 ? 127 CYS A N   1 
ATOM   994  C  CA  . CYS A 1 127 ? 0.095   -18.375 -6.724  1.00 26.96 ? 127 CYS A CA  1 
ATOM   995  C  C   . CYS A 1 127 ? -0.147  -19.474 -5.681  1.00 29.13 ? 127 CYS A C   1 
ATOM   996  O  O   . CYS A 1 127 ? -1.306  -19.780 -5.337  1.00 27.71 ? 127 CYS A O   1 
ATOM   997  C  CB  . CYS A 1 127 ? -0.089  -17.017 -6.034  1.00 28.32 ? 127 CYS A CB  1 
ATOM   998  S  SG  . CYS A 1 127 ? 0.076   -15.583 -7.142  1.00 26.58 ? 127 CYS A SG  1 
ATOM   999  N  N   . ARG A 1 128 ? 0.931   -20.055 -5.175  1.00 28.92 ? 128 ARG A N   1 
ATOM   1000 C  CA  . ARG A 1 128 ? 0.829   -20.894 -3.976  1.00 31.40 ? 128 ARG A CA  1 
ATOM   1001 C  C   . ARG A 1 128 ? 0.754   -20.053 -2.775  1.00 35.00 ? 128 ARG A C   1 
ATOM   1002 O  O   . ARG A 1 128 ? 1.716   -19.286 -2.476  1.00 38.17 ? 128 ARG A O   1 
ATOM   1003 C  CB  . ARG A 1 128 ? 2.067   -21.752 -3.788  1.00 38.29 ? 128 ARG A CB  1 
ATOM   1004 C  CG  . ARG A 1 128 ? 2.300   -22.764 -4.852  1.00 39.16 ? 128 ARG A CG  1 
ATOM   1005 C  CD  . ARG A 1 128 ? 3.562   -23.590 -4.603  1.00 40.09 ? 128 ARG A CD  1 
ATOM   1006 N  NE  . ARG A 1 128 ? 3.961   -24.280 -5.830  1.00 45.84 ? 128 ARG A NE  1 
ATOM   1007 C  CZ  . ARG A 1 128 ? 5.035   -24.019 -6.576  1.00 50.67 ? 128 ARG A CZ  1 
ATOM   1008 N  NH1 . ARG A 1 128 ? 5.922   -23.091 -6.246  1.00 54.22 ? 128 ARG A NH1 1 
ATOM   1009 N  NH2 . ARG A 1 128 ? 5.242   -24.741 -7.662  1.00 57.64 ? 128 ARG A NH2 1 
ATOM   1010 N  N   . LEU A 1 129 ? -0.348  -20.190 -2.051  1.00 29.23 ? 129 LEU A N   1 
ATOM   1011 C  CA  . LEU A 1 129 ? -0.636  -19.314 -0.945  1.00 35.58 ? 129 LEU A CA  1 
ATOM   1012 C  C   . LEU A 1 129 ? -1.146  -20.101 0.233   1.00 37.66 ? 129 LEU A C   1 
ATOM   1013 O  O   . LEU A 1 129 ? -1.389  -21.297 0.106   1.00 43.82 ? 129 LEU A O   1 
ATOM   1014 C  CB  . LEU A 1 129 ? -1.671  -18.256 -1.359  1.00 35.99 ? 129 LEU A CB  1 
ATOM   1015 C  CG  . LEU A 1 129 ? -1.145  -17.238 -2.369  1.00 36.63 ? 129 LEU A CG  1 
ATOM   1016 C  CD1 . LEU A 1 129 ? -2.315  -16.522 -2.986  1.00 36.29 ? 129 LEU A CD1 1 
ATOM   1017 C  CD2 . LEU A 1 129 ? -0.208  -16.247 -1.708  1.00 34.96 ? 129 LEU A CD2 1 
ATOM   1018 O  OXT . LEU A 1 129 ? -1.313  -19.547 1.313   1.00 44.68 ? 129 LEU A OXT 1 
HETATM 1019 C  C1  . EDO B 2 .   ? -3.325  6.330   0.910   1.00 38.11 ? 201 EDO A C1  1 
HETATM 1020 O  O1  . EDO B 2 .   ? -2.248  6.477   1.849   1.00 45.25 ? 201 EDO A O1  1 
HETATM 1021 C  C2  . EDO B 2 .   ? -2.586  6.549   -0.400  1.00 41.60 ? 201 EDO A C2  1 
HETATM 1022 O  O2  . EDO B 2 .   ? -1.412  7.334   -0.048  1.00 35.71 ? 201 EDO A O2  1 
HETATM 1023 C  C1  . EDO C 2 .   ? -3.532  -10.379 -13.313 0.75 46.07 ? 202 EDO A C1  1 
HETATM 1024 O  O1  . EDO C 2 .   ? -4.384  -10.138 -14.434 0.75 48.22 ? 202 EDO A O1  1 
HETATM 1025 C  C2  . EDO C 2 .   ? -2.394  -11.303 -13.691 0.75 44.64 ? 202 EDO A C2  1 
HETATM 1026 O  O2  . EDO C 2 .   ? -1.304  -10.512 -14.166 0.75 50.10 ? 202 EDO A O2  1 
HETATM 1027 N  N   . NO3 D 3 .   ? -8.658  -12.782 -3.952  0.75 29.79 ? 203 NO3 A N   1 
HETATM 1028 O  O1  . NO3 D 3 .   ? -8.782  -11.823 -4.616  0.75 28.16 ? 203 NO3 A O1  1 
HETATM 1029 O  O2  . NO3 D 3 .   ? -7.757  -12.724 -2.922  0.75 32.20 ? 203 NO3 A O2  1 
HETATM 1030 O  O3  . NO3 D 3 .   ? -9.409  -13.950 -4.175  0.75 36.38 ? 203 NO3 A O3  1 
HETATM 1031 N  N   . NO3 E 3 .   ? 8.183   -9.111  3.496   0.80 25.81 ? 204 NO3 A N   1 
HETATM 1032 O  O1  . NO3 E 3 .   ? 8.770   -8.115  3.210   0.80 25.82 ? 204 NO3 A O1  1 
HETATM 1033 O  O2  . NO3 E 3 .   ? 7.284   -9.186  4.486   0.80 27.14 ? 204 NO3 A O2  1 
HETATM 1034 O  O3  . NO3 E 3 .   ? 8.446   -10.236 2.803   0.80 35.17 ? 204 NO3 A O3  1 
HETATM 1035 N  N   . NO3 F 3 .   ? 2.461   -8.264  -12.987 0.70 27.86 ? 205 NO3 A N   1 
HETATM 1036 O  O1  . NO3 F 3 .   ? 2.504   -9.375  -12.527 0.70 36.07 ? 205 NO3 A O1  1 
HETATM 1037 O  O2  . NO3 F 3 .   ? 3.548   -7.434  -12.837 0.70 35.37 ? 205 NO3 A O2  1 
HETATM 1038 O  O3  . NO3 F 3 .   ? 1.332   -7.857  -13.647 0.70 32.43 ? 205 NO3 A O3  1 
HETATM 1039 N  N   . NO3 G 3 .   ? 6.612   15.852  7.291   1.00 31.31 ? 206 NO3 A N   1 
HETATM 1040 O  O1  . NO3 G 3 .   ? 7.538   16.436  6.795   1.00 28.51 ? 206 NO3 A O1  1 
HETATM 1041 O  O2  . NO3 G 3 .   ? 6.089   16.325  8.483   1.00 34.51 ? 206 NO3 A O2  1 
HETATM 1042 O  O3  . NO3 G 3 .   ? 6.057   14.697  6.760   1.00 27.25 ? 206 NO3 A O3  1 
HETATM 1043 N  N   . NO3 H 3 .   ? -13.021 0.546   7.053   1.00 45.42 ? 207 NO3 A N   1 
HETATM 1044 O  O1  . NO3 H 3 .   ? -13.019 0.100   8.199   1.00 47.80 ? 207 NO3 A O1  1 
HETATM 1045 O  O2  . NO3 H 3 .   ? -12.784 1.931   6.800   1.00 44.90 ? 207 NO3 A O2  1 
HETATM 1046 O  O3  . NO3 H 3 .   ? -13.184 -0.357  5.992   1.00 50.64 ? 207 NO3 A O3  1 
HETATM 1047 N  N   . NO3 I 3 .   ? 9.396   9.548   12.297  1.00 51.68 ? 208 NO3 A N   1 
HETATM 1048 O  O1  . NO3 I 3 .   ? 9.186   10.646  11.788  1.00 50.80 ? 208 NO3 A O1  1 
HETATM 1049 O  O2  . NO3 I 3 .   ? 8.378   8.757   12.845  1.00 41.59 ? 208 NO3 A O2  1 
HETATM 1050 O  O3  . NO3 I 3 .   ? 10.691  9.039   12.338  1.00 63.21 ? 208 NO3 A O3  1 
HETATM 1051 N  N   . NO3 J 3 .   ? 6.333   -15.279 1.902   0.50 33.99 ? 209 NO3 A N   1 
HETATM 1052 O  O1  . NO3 J 3 .   ? 6.185   -16.282 1.228   0.50 33.73 ? 209 NO3 A O1  1 
HETATM 1053 O  O2  . NO3 J 3 .   ? 7.537   -14.543 1.834   0.50 37.42 ? 209 NO3 A O2  1 
HETATM 1054 O  O3  . NO3 J 3 .   ? 5.291   -14.865 2.742   0.50 34.96 ? 209 NO3 A O3  1 
HETATM 1055 N  N   . NO3 K 3 .   ? -3.274  6.771   -3.897  1.00 38.42 ? 210 NO3 A N   1 
HETATM 1056 O  O1  . NO3 K 3 .   ? -3.588  6.188   -4.957  1.00 37.50 ? 210 NO3 A O1  1 
HETATM 1057 O  O2  . NO3 K 3 .   ? -4.283  7.539   -3.328  1.00 31.08 ? 210 NO3 A O2  1 
HETATM 1058 O  O3  . NO3 K 3 .   ? -1.937  6.721   -3.283  1.00 39.85 ? 210 NO3 A O3  1 
HETATM 1059 N  N   . NO3 L 3 .   ? 4.162   -19.047 -6.739  1.00 53.39 ? 211 NO3 A N   1 
HETATM 1060 O  O1  . NO3 L 3 .   ? 5.250   -18.471 -6.570  1.00 60.63 ? 211 NO3 A O1  1 
HETATM 1061 O  O2  . NO3 L 3 .   ? 3.295   -19.127 -5.671  1.00 42.41 ? 211 NO3 A O2  1 
HETATM 1062 O  O3  . NO3 L 3 .   ? 3.741   -19.639 -7.960  1.00 53.90 ? 211 NO3 A O3  1 
HETATM 1063 NA NA  . NA  M 4 .   ? -1.172  7.096   -5.814  1.00 52.59 ? 212 NA  A NA  1 
HETATM 1064 NA NA  . NA  N 4 .   ? -14.475 -0.675  4.115   1.00 32.24 ? 213 NA  A NA  1 
HETATM 1065 PT PT  . 1PT O 5 .   ? -12.194 -14.813 -11.824 0.40 52.54 ? 214 1PT A PT  1 
HETATM 1066 N  N1  . 1PT O 5 .   ? -12.334 -16.849 -11.591 0.40 45.76 ? 214 1PT A N1  1 
HETATM 1067 N  N2  . 1PT O 5 .   ? -14.130 -14.807 -11.195 0.40 46.57 ? 214 1PT A N2  1 
HETATM 1068 C  C1  . 1PT O 5 .   ? -13.599 -17.162 -10.898 0.40 45.76 ? 214 1PT A C1  1 
HETATM 1069 C  C2  . 1PT O 5 .   ? -14.665 -16.183 -11.342 0.40 47.39 ? 214 1PT A C2  1 
HETATM 1070 C  C3  . 1PT O 5 .   ? -15.927 -16.415 -10.508 0.40 48.28 ? 214 1PT A C3  1 
HETATM 1071 C  C4  . 1PT O 5 .   ? -16.431 -17.854 -10.609 0.40 46.59 ? 214 1PT A C4  1 
HETATM 1072 C  C5  . 1PT O 5 .   ? -15.325 -18.866 -10.361 0.40 44.72 ? 214 1PT A C5  1 
HETATM 1073 C  C6  . 1PT O 5 .   ? -14.080 -18.570 -11.190 0.40 45.90 ? 214 1PT A C6  1 
HETATM 1074 PT PT1 . CPT P 6 .   ? 3.094   -8.901  10.000  0.35 67.01 ? 215 CPT A PT1 1 
HETATM 1075 N  N2  . CPT P 6 .   ? 3.719   -10.810 10.387  0.35 58.64 ? 215 CPT A N2  1 
HETATM 1076 CL CL1 . CPT P 6 .   ? 2.481   -6.699  9.655   0.35 42.78 ? 215 CPT A CL1 1 
HETATM 1077 O  O   . HOH Q 7 .   ? -8.330  -13.954 -0.641  1.00 45.47 ? 301 HOH A O   1 
HETATM 1078 O  O   . HOH Q 7 .   ? 3.633   13.708  7.384   1.00 20.60 ? 302 HOH A O   1 
HETATM 1079 O  O   . HOH Q 7 .   ? -8.424  7.466   4.715   1.00 44.07 ? 303 HOH A O   1 
HETATM 1080 O  O   . HOH Q 7 .   ? 2.325   1.907   11.875  1.00 34.98 ? 304 HOH A O   1 
HETATM 1081 O  O   . HOH Q 7 .   ? -9.417  4.713   4.354   1.00 31.98 ? 305 HOH A O   1 
HETATM 1082 O  O   . HOH Q 7 .   ? -1.064  4.623   -9.304  1.00 35.45 ? 306 HOH A O   1 
HETATM 1083 O  O   . HOH Q 7 .   ? 9.723   16.082  -5.631  1.00 41.23 ? 307 HOH A O   1 
HETATM 1084 O  O   . HOH Q 7 .   ? 6.899   -0.622  0.436   1.00 27.94 ? 308 HOH A O   1 
HETATM 1085 O  O   . HOH Q 7 .   ? 14.747  -0.714  -0.336  1.00 33.79 ? 309 HOH A O   1 
HETATM 1086 O  O   . HOH Q 7 .   ? 5.162   -1.584  11.720  1.00 54.81 ? 310 HOH A O   1 
HETATM 1087 O  O   . HOH Q 7 .   ? 7.505   -7.935  -10.507 1.00 30.73 ? 311 HOH A O   1 
HETATM 1088 O  O   . HOH Q 7 .   ? 9.411   -2.583  7.127   1.00 28.63 ? 312 HOH A O   1 
HETATM 1089 O  O   . HOH Q 7 .   ? -10.120 7.885   -4.140  1.00 43.32 ? 313 HOH A O   1 
HETATM 1090 O  O   . HOH Q 7 .   ? 2.990   -17.324 -3.768  1.00 37.09 ? 314 HOH A O   1 
HETATM 1091 O  O   A HOH Q 7 .   ? -3.372  18.622  1.223   0.50 26.48 ? 315 HOH A O   1 
HETATM 1092 O  O   B HOH Q 7 .   ? -5.112  -19.673 -8.075  0.50 23.69 ? 315 HOH A O   1 
HETATM 1093 O  O   . HOH Q 7 .   ? 13.602  -1.694  -5.864  1.00 17.05 ? 316 HOH A O   1 
HETATM 1094 O  O   . HOH Q 7 .   ? 6.930   15.559  0.330   1.00 20.64 ? 317 HOH A O   1 
HETATM 1095 O  O   . HOH Q 7 .   ? -3.732  -12.851 5.537   1.00 23.27 ? 318 HOH A O   1 
HETATM 1096 O  O   . HOH Q 7 .   ? -8.196  -3.073  -13.987 1.00 35.13 ? 319 HOH A O   1 
HETATM 1097 O  O   . HOH Q 7 .   ? -6.280  -10.546 8.866   1.00 46.16 ? 320 HOH A O   1 
HETATM 1098 O  O   . HOH Q 7 .   ? -13.476 -11.270 0.429   1.00 58.04 ? 321 HOH A O   1 
HETATM 1099 O  O   . HOH Q 7 .   ? 11.445  6.312   -6.157  1.00 18.36 ? 322 HOH A O   1 
HETATM 1100 O  O   . HOH Q 7 .   ? 11.789  -10.196 -5.741  1.00 34.33 ? 323 HOH A O   1 
HETATM 1101 O  O   . HOH Q 7 .   ? 8.350   -9.661  7.037   1.00 38.63 ? 324 HOH A O   1 
HETATM 1102 O  O   . HOH Q 7 .   ? -0.403  21.913  0.243   1.00 34.15 ? 325 HOH A O   1 
HETATM 1103 O  O   . HOH Q 7 .   ? -7.490  3.961   11.543  1.00 36.36 ? 326 HOH A O   1 
HETATM 1104 O  O   . HOH Q 7 .   ? -1.573  10.349  -3.512  1.00 45.75 ? 327 HOH A O   1 
HETATM 1105 O  O   . HOH Q 7 .   ? 8.242   -1.978  1.851   1.00 24.34 ? 328 HOH A O   1 
HETATM 1106 O  O   . HOH Q 7 .   ? 3.809   19.023  -6.206  1.00 53.68 ? 329 HOH A O   1 
HETATM 1107 O  O   . HOH Q 7 .   ? -12.218 0.407   -10.854 1.00 22.80 ? 330 HOH A O   1 
HETATM 1108 O  O   . HOH Q 7 .   ? 1.761   5.623   -8.595  1.00 41.67 ? 331 HOH A O   1 
HETATM 1109 O  O   . HOH Q 7 .   ? -10.144 -14.849 -11.649 0.40 32.94 ? 332 HOH A O   1 
HETATM 1110 O  O   . HOH Q 7 .   ? -4.000  -18.759 -5.977  1.00 35.81 ? 333 HOH A O   1 
HETATM 1111 O  O   . HOH Q 7 .   ? 8.234   -8.667  10.012  1.00 48.45 ? 334 HOH A O   1 
HETATM 1112 O  O   . HOH Q 7 .   ? 4.762   14.277  9.718   1.00 29.91 ? 335 HOH A O   1 
HETATM 1113 O  O   . HOH Q 7 .   ? 1.331   7.637   -6.167  1.00 28.17 ? 336 HOH A O   1 
HETATM 1114 O  O   . HOH Q 7 .   ? -3.297  -13.974 -13.279 1.00 51.96 ? 337 HOH A O   1 
HETATM 1115 O  O   A HOH Q 7 .   ? 15.257  -2.896  -1.404  0.50 15.82 ? 338 HOH A O   1 
HETATM 1116 O  O   B HOH Q 7 .   ? 14.622  8.922   9.970   0.50 28.29 ? 338 HOH A O   1 
HETATM 1117 O  O   . HOH Q 7 .   ? 11.316  -8.925  1.391   1.00 32.71 ? 339 HOH A O   1 
HETATM 1118 O  O   . HOH Q 7 .   ? -5.641  -5.141  13.275  1.00 51.88 ? 340 HOH A O   1 
HETATM 1119 O  O   . HOH Q 7 .   ? -16.834 3.865   -6.387  1.00 32.27 ? 341 HOH A O   1 
HETATM 1120 O  O   . HOH Q 7 .   ? -18.249 -4.111  -11.680 1.00 54.00 ? 342 HOH A O   1 
HETATM 1121 O  O   . HOH Q 7 .   ? -12.576 -11.303 -7.770  1.00 48.43 ? 343 HOH A O   1 
HETATM 1122 O  O   . HOH Q 7 .   ? -8.252  -6.604  -11.634 1.00 28.41 ? 344 HOH A O   1 
HETATM 1123 O  O   . HOH Q 7 .   ? -0.232  -6.016  12.093  1.00 61.68 ? 345 HOH A O   1 
HETATM 1124 O  O   . HOH Q 7 .   ? 3.825   1.720   0.916   1.00 15.86 ? 346 HOH A O   1 
HETATM 1125 O  O   . HOH Q 7 .   ? -12.942 -4.898  -5.010  1.00 33.12 ? 347 HOH A O   1 
HETATM 1126 O  O   A HOH Q 7 .   ? -15.288 -4.222  -5.756  0.50 10.65 ? 348 HOH A O   1 
HETATM 1127 O  O   B HOH Q 7 .   ? -6.626  -0.759  -15.038 0.50 10.64 ? 348 HOH A O   1 
HETATM 1128 O  O   . HOH Q 7 .   ? -3.368  9.800   -1.881  1.00 56.12 ? 349 HOH A O   1 
HETATM 1129 O  O   . HOH Q 7 .   ? -2.523  14.189  -0.905  1.00 44.31 ? 350 HOH A O   1 
HETATM 1130 O  O   . HOH Q 7 .   ? 6.577   13.157  13.155  1.00 40.99 ? 351 HOH A O   1 
HETATM 1131 O  O   . HOH Q 7 .   ? -2.847  4.022   -11.325 1.00 26.80 ? 352 HOH A O   1 
HETATM 1132 O  O   . HOH Q 7 .   ? -14.919 5.944   -8.598  1.00 48.59 ? 353 HOH A O   1 
HETATM 1133 O  O   . HOH Q 7 .   ? 6.728   -5.489  -11.481 1.00 33.12 ? 354 HOH A O   1 
HETATM 1134 O  O   . HOH Q 7 .   ? -0.547  0.515   -15.910 1.00 21.33 ? 355 HOH A O   1 
HETATM 1135 O  O   . HOH Q 7 .   ? 5.971   3.190   14.788  1.00 53.92 ? 356 HOH A O   1 
HETATM 1136 O  O   . HOH Q 7 .   ? 3.373   20.252  1.583   1.00 41.91 ? 357 HOH A O   1 
HETATM 1137 O  O   . HOH Q 7 .   ? 4.651   21.159  9.611   0.50 54.62 ? 358 HOH A O   1 
HETATM 1138 O  O   . HOH Q 7 .   ? -0.268  6.272   -7.852  1.00 53.35 ? 359 HOH A O   1 
HETATM 1139 O  O   . HOH Q 7 .   ? 10.055  20.239  -1.078  1.00 48.61 ? 360 HOH A O   1 
HETATM 1140 O  O   . HOH Q 7 .   ? 8.090   1.417   -9.707  1.00 25.32 ? 361 HOH A O   1 
HETATM 1141 O  O   . HOH Q 7 .   ? 13.174  19.727  4.338   1.00 49.49 ? 362 HOH A O   1 
HETATM 1142 O  O   . HOH Q 7 .   ? -4.661  9.022   2.781   1.00 33.06 ? 363 HOH A O   1 
HETATM 1143 O  O   . HOH Q 7 .   ? -1.480  -1.019  12.458  1.00 45.39 ? 364 HOH A O   1 
HETATM 1144 O  O   . HOH Q 7 .   ? 4.212   1.247   10.100  1.00 38.80 ? 365 HOH A O   1 
HETATM 1145 O  O   . HOH Q 7 .   ? -10.097 -7.635  9.556   1.00 34.86 ? 366 HOH A O   1 
HETATM 1146 O  O   . HOH Q 7 .   ? 2.501   11.236  15.065  1.00 61.64 ? 367 HOH A O   1 
HETATM 1147 O  O   . HOH Q 7 .   ? 13.284  18.120  -1.049  1.00 29.90 ? 368 HOH A O   1 
HETATM 1148 O  O   . HOH Q 7 .   ? 8.428   21.713  1.675   1.00 63.63 ? 369 HOH A O   1 
HETATM 1149 O  O   . HOH Q 7 .   ? 14.603  2.363   3.407   1.00 39.80 ? 370 HOH A O   1 
HETATM 1150 O  O   . HOH Q 7 .   ? 4.822   7.611   -11.761 1.00 48.13 ? 371 HOH A O   1 
HETATM 1151 O  O   . HOH Q 7 .   ? 10.891  -0.712  7.520   1.00 42.73 ? 372 HOH A O   1 
HETATM 1152 O  O   . HOH Q 7 .   ? 6.270   -12.342 9.096   1.00 37.71 ? 373 HOH A O   1 
HETATM 1153 O  O   . HOH Q 7 .   ? 10.250  11.116  -6.674  1.00 32.34 ? 374 HOH A O   1 
HETATM 1154 O  O   . HOH Q 7 .   ? 14.620  -6.444  -6.664  1.00 31.63 ? 375 HOH A O   1 
HETATM 1155 O  O   . HOH Q 7 .   ? 4.826   -14.362 -9.458  1.00 31.05 ? 376 HOH A O   1 
HETATM 1156 O  O   . HOH Q 7 .   ? 6.572   12.774  -8.964  1.00 37.39 ? 377 HOH A O   1 
HETATM 1157 O  O   . HOH Q 7 .   ? -2.405  16.861  7.453   1.00 48.27 ? 378 HOH A O   1 
HETATM 1158 O  O   . HOH Q 7 .   ? 7.756   -1.181  4.487   1.00 24.14 ? 379 HOH A O   1 
HETATM 1159 O  O   . HOH Q 7 .   ? 0.900   13.331  13.683  1.00 41.77 ? 380 HOH A O   1 
HETATM 1160 O  O   . HOH Q 7 .   ? -4.100  -17.397 6.535   1.00 44.93 ? 381 HOH A O   1 
HETATM 1161 O  O   . HOH Q 7 .   ? 15.798  -2.322  2.420   1.00 35.67 ? 382 HOH A O   1 
HETATM 1162 O  O   . HOH Q 7 .   ? 5.461   -10.146 -11.349 1.00 49.48 ? 383 HOH A O   1 
HETATM 1163 O  O   . HOH Q 7 .   ? -1.803  12.028  16.874  1.00 53.42 ? 384 HOH A O   1 
HETATM 1164 O  O   . HOH Q 7 .   ? -5.290  -16.811 -0.660  1.00 56.16 ? 385 HOH A O   1 
HETATM 1165 O  O   . HOH Q 7 .   ? 13.840  4.160   7.409   1.00 35.56 ? 386 HOH A O   1 
HETATM 1166 O  O   . HOH Q 7 .   ? -12.403 -7.574  -14.437 1.00 35.30 ? 387 HOH A O   1 
HETATM 1167 O  O   A HOH Q 7 .   ? -13.208 -8.151  -3.974  0.50 21.30 ? 388 HOH A O   1 
HETATM 1168 O  O   B HOH Q 7 .   ? -13.463 -9.799  -3.077  0.50 35.74 ? 388 HOH A O   1 
HETATM 1169 O  O   . HOH Q 7 .   ? 6.422   -14.206 -7.817  1.00 27.92 ? 389 HOH A O   1 
HETATM 1170 O  O   . HOH Q 7 .   ? 16.428  -3.789  -3.795  1.00 43.78 ? 390 HOH A O   1 
HETATM 1171 O  O   . HOH Q 7 .   ? 4.172   18.662  9.423   1.00 49.50 ? 391 HOH A O   1 
HETATM 1172 O  O   . HOH Q 7 .   ? -1.799  14.414  -6.495  1.00 35.76 ? 392 HOH A O   1 
HETATM 1173 O  O   . HOH Q 7 .   ? 1.453   -0.308  -13.075 1.00 47.12 ? 393 HOH A O   1 
HETATM 1174 O  O   . HOH Q 7 .   ? -2.352  15.918  -3.879  1.00 35.25 ? 394 HOH A O   1 
HETATM 1175 O  O   . HOH Q 7 .   ? -15.568 -2.914  4.831   1.00 47.44 ? 395 HOH A O   1 
HETATM 1176 O  O   . HOH Q 7 .   ? 13.629  -8.183  3.558   1.00 52.09 ? 396 HOH A O   1 
HETATM 1177 O  O   . HOH Q 7 .   ? 6.061   20.501  0.208   1.00 53.89 ? 397 HOH A O   1 
HETATM 1178 O  O   . HOH Q 7 .   ? 2.672   2.245   -11.207 1.00 44.49 ? 398 HOH A O   1 
HETATM 1179 O  O   . HOH Q 7 .   ? 9.221   17.200  10.450  1.00 51.31 ? 399 HOH A O   1 
HETATM 1180 O  O   . HOH Q 7 .   ? -2.391  7.350   -7.796  1.00 41.35 ? 400 HOH A O   1 
HETATM 1181 O  O   . HOH Q 7 .   ? 17.128  -2.630  -5.945  1.00 58.92 ? 401 HOH A O   1 
HETATM 1182 O  O   . HOH Q 7 .   ? -14.269 -6.332  -6.422  1.00 32.97 ? 402 HOH A O   1 
HETATM 1183 O  O   . HOH Q 7 .   ? 2.461   16.087  -9.306  1.00 54.36 ? 403 HOH A O   1 
HETATM 1184 O  O   . HOH Q 7 .   ? 15.459  -5.324  5.468   1.00 62.51 ? 404 HOH A O   1 
HETATM 1185 O  O   . HOH Q 7 .   ? 1.252   -18.055 -12.237 1.00 50.78 ? 405 HOH A O   1 
HETATM 1186 O  O   . HOH Q 7 .   ? 10.122  -12.407 0.735   0.50 26.62 ? 406 HOH A O   1 
HETATM 1187 O  O   . HOH Q 7 .   ? 2.167   8.224   15.901  1.00 67.91 ? 407 HOH A O   1 
HETATM 1188 O  O   A HOH Q 7 .   ? -4.070  -8.945  11.360  0.50 21.25 ? 408 HOH A O   1 
HETATM 1189 O  O   B HOH Q 7 .   ? -3.427  -7.552  12.193  0.50 24.53 ? 408 HOH A O   1 
HETATM 1190 O  O   . HOH Q 7 .   ? 2.633   -3.758  -16.825 1.00 61.89 ? 409 HOH A O   1 
HETATM 1191 O  O   . HOH Q 7 .   ? -10.036 8.565   1.592   1.00 59.82 ? 410 HOH A O   1 
HETATM 1192 O  O   . HOH Q 7 .   ? 1.657   -17.220 2.912   1.00 43.04 ? 411 HOH A O   1 
HETATM 1193 O  O   . HOH Q 7 .   ? -4.465  -19.662 -3.661  1.00 53.50 ? 412 HOH A O   1 
HETATM 1194 O  O   . HOH Q 7 .   ? -14.197 -7.190  8.281   1.00 44.34 ? 413 HOH A O   1 
HETATM 1195 O  O   . HOH Q 7 .   ? 10.445  -6.353  10.509  1.00 47.05 ? 414 HOH A O   1 
HETATM 1196 O  O   . HOH Q 7 .   ? -13.342 -6.368  10.645  1.00 58.67 ? 415 HOH A O   1 
HETATM 1197 O  O   . HOH Q 7 .   ? -17.423 -1.069  -8.520  1.00 47.80 ? 416 HOH A O   1 
HETATM 1198 O  O   . HOH Q 7 .   ? 10.224  -14.362 -7.192  1.00 52.46 ? 417 HOH A O   1 
HETATM 1199 O  O   . HOH Q 7 .   ? 12.481  14.305  9.459   1.00 26.63 ? 418 HOH A O   1 
HETATM 1200 O  O   . HOH Q 7 .   ? 7.945   20.352  7.542   1.00 47.84 ? 419 HOH A O   1 
HETATM 1201 O  O   . HOH Q 7 .   ? 4.191   15.259  12.427  1.00 47.94 ? 420 HOH A O   1 
HETATM 1202 O  O   . HOH Q 7 .   ? -4.990  -14.399 7.282   1.00 71.21 ? 421 HOH A O   1 
HETATM 1203 O  O   . HOH Q 7 .   ? -13.799 -9.363  -5.717  1.00 53.14 ? 422 HOH A O   1 
HETATM 1204 O  O   . HOH Q 7 .   ? -16.916 -6.792  -7.628  1.00 48.15 ? 423 HOH A O   1 
HETATM 1205 O  O   . HOH Q 7 .   ? -16.541 1.676   -8.634  1.00 46.39 ? 424 HOH A O   1 
HETATM 1206 O  O   . HOH Q 7 .   ? 11.908  17.502  10.389  1.00 48.67 ? 425 HOH A O   1 
HETATM 1207 O  O   . HOH Q 7 .   ? 16.325  -7.114  -1.722  1.00 47.68 ? 426 HOH A O   1 
HETATM 1208 O  O   . HOH Q 7 .   ? 7.369   15.111  -9.803  0.50 50.48 ? 427 HOH A O   1 
HETATM 1209 O  O   . HOH Q 7 .   ? 7.924   20.197  -8.125  1.00 52.71 ? 428 HOH A O   1 
HETATM 1210 O  O   . HOH Q 7 .   ? 10.072  2.135   11.318  1.00 54.32 ? 429 HOH A O   1 
# 
